data_3IS5
#
_entry.id   3IS5
#
_cell.length_a   113.973
_cell.length_b   113.973
_cell.length_c   153.471
_cell.angle_alpha   90.000
_cell.angle_beta   90.000
_cell.angle_gamma   120.000
#
_symmetry.space_group_name_H-M   'P 32'
#
loop_
_entity.id
_entity.type
_entity.pdbx_description
1 polymer 'Calcium-dependent protein kinase'
2 non-polymer 'PHOSPHOAMINOPHOSPHONIC ACID-ADENYLATE ESTER'
3 non-polymer 'CALCIUM ION'
4 non-polymer GLYCEROL
5 non-polymer 'MAGNESIUM ION'
6 water water
#
_entity_poly.entity_id   1
_entity_poly.type   'polypeptide(L)'
_entity_poly.pdbx_seq_one_letter_code
;MHHHHHHSSGRENLYFQGTIDDLFIFKRKLGSGAFGDVHLVEERSSGLERVIKTINKDRSQVPMEQIEAEIEVLKSLDHP
NIIKIFEVFEDYHNMYIVMETCEGGELLERIVSAQARGKALSEGYVAELMKQMMNALAYFHSQHVVHKDLKPENILFQDT
SPHSPIKIIDFGLAELFKSDEHSTNAAGTALYMAPEVFKRDVTFKCDIWSAGVVMYFLLTGCLPFTGTSLEEVQQKATYK
EPNYAVECRPLTPQAVDLLKQMLTKDPERRPSAAQVLHHEWFKQA
;
_entity_poly.pdbx_strand_id   A,B,C,D,E,F
#
# COMPACT_ATOMS: atom_id res chain seq x y z
N ASN A 13 16.73 -28.13 -15.89
CA ASN A 13 16.23 -27.09 -14.93
C ASN A 13 16.84 -25.71 -15.17
N LEU A 14 16.27 -24.71 -14.49
CA LEU A 14 16.72 -23.32 -14.61
C LEU A 14 18.01 -23.04 -13.87
N TYR A 15 18.82 -22.16 -14.46
CA TYR A 15 19.98 -21.59 -13.80
C TYR A 15 19.81 -20.08 -13.71
N PHE A 16 20.37 -19.48 -12.67
CA PHE A 16 20.36 -18.03 -12.54
C PHE A 16 21.74 -17.48 -12.88
N GLN A 17 21.77 -16.35 -13.57
CA GLN A 17 23.03 -15.73 -13.94
C GLN A 17 23.58 -14.87 -12.81
N GLY A 18 24.27 -15.54 -11.88
CA GLY A 18 24.89 -14.93 -10.72
C GLY A 18 24.96 -15.90 -9.57
N THR A 19 24.96 -15.38 -8.35
CA THR A 19 24.96 -16.21 -7.14
C THR A 19 23.79 -15.81 -6.24
N ILE A 20 23.65 -16.51 -5.10
CA ILE A 20 22.64 -16.12 -4.10
C ILE A 20 22.90 -14.75 -3.52
N ASP A 21 24.15 -14.29 -3.58
CA ASP A 21 24.50 -12.95 -3.15
C ASP A 21 24.05 -11.89 -4.15
N ASP A 22 24.10 -12.21 -5.44
CA ASP A 22 23.56 -11.34 -6.48
C ASP A 22 22.04 -11.30 -6.38
N LEU A 23 21.47 -12.34 -5.80
CA LEU A 23 20.02 -12.45 -5.66
C LEU A 23 19.50 -11.96 -4.32
N PHE A 24 20.30 -12.15 -3.26
CA PHE A 24 19.89 -11.77 -1.90
C PHE A 24 20.97 -11.02 -1.16
N ILE A 25 20.55 -10.07 -0.32
CA ILE A 25 21.46 -9.40 0.60
C ILE A 25 21.27 -10.01 1.99
N PHE A 26 22.30 -10.72 2.44
CA PHE A 26 22.25 -11.37 3.76
C PHE A 26 22.43 -10.35 4.86
N LYS A 27 21.36 -10.14 5.63
CA LYS A 27 21.32 -9.08 6.64
C LYS A 27 21.92 -9.52 7.97
N ARG A 28 21.50 -10.71 8.44
CA ARG A 28 21.80 -11.16 9.79
C ARG A 28 21.57 -12.66 9.94
N LYS A 29 22.53 -13.33 10.59
CA LYS A 29 22.38 -14.74 10.95
C LYS A 29 21.41 -14.88 12.12
N LEU A 30 20.39 -15.70 11.94
CA LEU A 30 19.36 -15.91 12.97
C LEU A 30 19.70 -17.07 13.91
N GLY A 31 20.42 -18.07 13.37
CA GLY A 31 20.86 -19.22 14.15
C GLY A 31 21.72 -20.13 13.29
N SER A 32 22.21 -21.21 13.89
CA SER A 32 23.06 -22.18 13.18
C SER A 32 22.85 -23.60 13.68
N GLY A 33 22.51 -24.50 12.75
CA GLY A 33 22.33 -25.92 13.06
C GLY A 33 23.47 -26.78 12.57
N ALA A 34 23.21 -28.09 12.46
CA ALA A 34 24.20 -29.03 11.95
C ALA A 34 24.20 -29.08 10.42
N PHE A 35 23.03 -28.89 9.81
CA PHE A 35 22.90 -28.91 8.35
C PHE A 35 23.36 -27.59 7.73
N GLY A 36 23.22 -26.50 8.49
CA GLY A 36 23.62 -25.18 8.02
C GLY A 36 23.09 -24.04 8.87
N ASP A 37 23.05 -22.85 8.27
CA ASP A 37 22.70 -21.63 9.00
C ASP A 37 21.37 -21.03 8.52
N VAL A 38 20.77 -20.21 9.38
CA VAL A 38 19.53 -19.51 9.08
C VAL A 38 19.80 -18.02 9.03
N HIS A 39 19.39 -17.37 7.94
CA HIS A 39 19.64 -15.95 7.76
C HIS A 39 18.39 -15.14 7.46
N LEU A 40 18.35 -13.91 7.97
CA LEU A 40 17.36 -12.95 7.55
C LEU A 40 17.94 -12.22 6.33
N VAL A 41 17.21 -12.29 5.22
CA VAL A 41 17.69 -11.74 3.96
C VAL A 41 16.74 -10.71 3.37
N GLU A 42 17.20 -10.04 2.33
CA GLU A 42 16.41 -9.10 1.55
C GLU A 42 16.62 -9.46 0.09
N GLU A 43 15.52 -9.62 -0.64
CA GLU A 43 15.60 -9.91 -2.07
C GLU A 43 15.98 -8.64 -2.83
N ARG A 44 17.01 -8.72 -3.66
CA ARG A 44 17.54 -7.56 -4.38
C ARG A 44 16.53 -6.92 -5.34
N SER A 45 15.68 -7.76 -5.94
CA SER A 45 14.71 -7.30 -6.94
C SER A 45 13.55 -6.50 -6.35
N SER A 46 13.04 -6.97 -5.21
CA SER A 46 11.83 -6.41 -4.61
C SER A 46 12.10 -5.57 -3.36
N GLY A 47 13.23 -5.81 -2.70
CA GLY A 47 13.50 -5.23 -1.40
C GLY A 47 12.72 -5.96 -0.32
N LEU A 48 12.07 -7.06 -0.71
CA LEU A 48 11.26 -7.87 0.19
C LEU A 48 12.11 -8.76 1.10
N GLU A 49 11.71 -8.86 2.36
CA GLU A 49 12.41 -9.68 3.34
C GLU A 49 12.03 -11.14 3.24
N ARG A 50 13.03 -12.00 3.35
CA ARG A 50 12.83 -13.44 3.46
C ARG A 50 13.78 -13.99 4.53
N VAL A 51 13.58 -15.24 4.90
CA VAL A 51 14.59 -15.95 5.67
C VAL A 51 15.05 -17.16 4.88
N ILE A 52 16.36 -17.33 4.80
CA ILE A 52 16.95 -18.44 4.08
C ILE A 52 17.56 -19.45 5.04
N LYS A 53 17.13 -20.70 4.89
CA LYS A 53 17.77 -21.85 5.49
C LYS A 53 18.84 -22.31 4.49
N THR A 54 20.10 -22.21 4.90
CA THR A 54 21.21 -22.74 4.11
C THR A 54 21.43 -24.19 4.52
N ILE A 55 21.50 -25.08 3.54
CA ILE A 55 21.82 -26.48 3.81
C ILE A 55 23.15 -26.85 3.16
N ASN A 56 24.15 -27.12 4.00
CA ASN A 56 25.46 -27.55 3.52
C ASN A 56 25.36 -28.99 3.04
N LYS A 57 25.45 -29.17 1.73
CA LYS A 57 25.32 -30.50 1.10
C LYS A 57 26.41 -31.49 1.55
N ASP A 58 27.48 -30.97 2.15
CA ASP A 58 28.56 -31.79 2.71
C ASP A 58 28.06 -32.80 3.74
N ARG A 59 27.10 -32.37 4.56
CA ARG A 59 26.60 -33.17 5.69
C ARG A 59 25.55 -34.21 5.32
N SER A 60 25.24 -34.32 4.03
CA SER A 60 24.38 -35.39 3.50
C SER A 60 25.00 -36.74 3.81
N GLN A 61 24.20 -37.65 4.39
CA GLN A 61 24.63 -39.03 4.61
C GLN A 61 23.81 -40.00 3.74
N VAL A 62 22.79 -39.46 3.08
CA VAL A 62 21.96 -40.17 2.12
C VAL A 62 22.24 -39.56 0.73
N PRO A 63 22.09 -40.35 -0.36
CA PRO A 63 22.08 -39.79 -1.71
C PRO A 63 21.26 -38.50 -1.83
N MET A 64 21.83 -37.50 -2.50
CA MET A 64 21.25 -36.15 -2.56
C MET A 64 19.94 -36.04 -3.36
N GLU A 65 19.52 -37.14 -3.99
CA GLU A 65 18.26 -37.20 -4.72
C GLU A 65 17.05 -37.23 -3.77
N GLN A 66 17.19 -37.97 -2.67
CA GLN A 66 16.13 -38.10 -1.66
C GLN A 66 15.92 -36.82 -0.85
N ILE A 67 17.00 -36.06 -0.65
CA ILE A 67 16.93 -34.77 0.05
C ILE A 67 16.19 -33.74 -0.81
N GLU A 68 16.45 -33.75 -2.10
CA GLU A 68 15.77 -32.86 -3.05
C GLU A 68 14.28 -33.20 -3.15
N ALA A 69 13.96 -34.48 -3.02
CA ALA A 69 12.58 -34.97 -3.09
C ALA A 69 11.74 -34.52 -1.89
N GLU A 70 12.28 -34.68 -0.67
CA GLU A 70 11.60 -34.26 0.56
C GLU A 70 11.38 -32.74 0.60
N ILE A 71 12.43 -31.98 0.29
CA ILE A 71 12.36 -30.53 0.28
C ILE A 71 11.33 -30.03 -0.75
N GLU A 72 11.26 -30.71 -1.89
CA GLU A 72 10.28 -30.39 -2.93
C GLU A 72 8.84 -30.58 -2.46
N VAL A 73 8.58 -31.64 -1.69
CA VAL A 73 7.26 -31.85 -1.11
C VAL A 73 6.94 -30.76 -0.06
N LEU A 74 7.94 -30.43 0.76
CA LEU A 74 7.79 -29.37 1.77
C LEU A 74 7.42 -28.01 1.16
N LYS A 75 7.97 -27.71 -0.02
CA LYS A 75 7.66 -26.48 -0.75
C LYS A 75 6.21 -26.43 -1.21
N SER A 76 5.66 -27.59 -1.56
CA SER A 76 4.29 -27.66 -2.06
C SER A 76 3.25 -27.53 -0.94
N LEU A 77 3.71 -27.55 0.32
CA LEU A 77 2.81 -27.39 1.46
C LEU A 77 2.27 -25.97 1.50
N ASP A 78 1.02 -25.82 1.04
CA ASP A 78 0.34 -24.54 1.03
C ASP A 78 -0.83 -24.56 2.02
N HIS A 79 -0.63 -23.89 3.16
CA HIS A 79 -1.58 -23.87 4.26
C HIS A 79 -1.28 -22.63 5.10
N PRO A 80 -2.32 -21.99 5.67
CA PRO A 80 -2.13 -20.77 6.49
C PRO A 80 -1.36 -20.95 7.79
N ASN A 81 -1.09 -22.21 8.18
CA ASN A 81 -0.38 -22.47 9.43
C ASN A 81 0.92 -23.23 9.25
N ILE A 82 1.36 -23.34 8.00
CA ILE A 82 2.66 -23.94 7.67
C ILE A 82 3.49 -22.87 6.97
N ILE A 83 4.75 -22.71 7.39
CA ILE A 83 5.63 -21.72 6.77
C ILE A 83 5.65 -21.86 5.24
N LYS A 84 5.56 -20.74 4.54
CA LYS A 84 5.54 -20.77 3.08
C LYS A 84 6.96 -20.76 2.55
N ILE A 85 7.26 -21.73 1.70
CA ILE A 85 8.55 -21.77 0.99
C ILE A 85 8.30 -21.27 -0.43
N PHE A 86 8.99 -20.20 -0.80
CA PHE A 86 8.84 -19.60 -2.12
C PHE A 86 9.66 -20.34 -3.16
N GLU A 87 10.96 -20.46 -2.91
CA GLU A 87 11.90 -21.07 -3.86
C GLU A 87 13.00 -21.86 -3.18
N VAL A 88 13.55 -22.81 -3.92
CA VAL A 88 14.77 -23.50 -3.51
C VAL A 88 15.86 -23.31 -4.58
N PHE A 89 16.98 -22.71 -4.17
CA PHE A 89 18.14 -22.57 -5.03
C PHE A 89 19.26 -23.47 -4.52
N GLU A 90 20.23 -23.79 -5.38
CA GLU A 90 21.41 -24.52 -4.92
C GLU A 90 22.72 -24.20 -5.63
N ASP A 91 23.78 -24.11 -4.82
CA ASP A 91 25.15 -23.95 -5.28
C ASP A 91 25.77 -25.32 -5.52
N TYR A 92 27.08 -25.34 -5.75
CA TYR A 92 27.86 -26.56 -5.69
C TYR A 92 27.94 -27.03 -4.22
N HIS A 93 27.94 -26.07 -3.30
CA HIS A 93 28.07 -26.36 -1.87
C HIS A 93 26.74 -26.50 -1.11
N ASN A 94 25.82 -25.57 -1.34
CA ASN A 94 24.63 -25.44 -0.50
C ASN A 94 23.29 -25.54 -1.22
N MET A 95 22.24 -25.87 -0.46
CA MET A 95 20.85 -25.66 -0.88
C MET A 95 20.31 -24.45 -0.13
N TYR A 96 19.48 -23.67 -0.81
CA TYR A 96 18.93 -22.45 -0.22
C TYR A 96 17.42 -22.46 -0.27
N ILE A 97 16.81 -22.68 0.89
CA ILE A 97 15.36 -22.65 1.04
C ILE A 97 14.92 -21.21 1.38
N VAL A 98 14.11 -20.63 0.50
CA VAL A 98 13.66 -19.24 0.62
C VAL A 98 12.24 -19.19 1.22
N MET A 99 12.16 -18.70 2.46
CA MET A 99 10.92 -18.72 3.26
C MET A 99 10.39 -17.33 3.55
N GLU A 100 9.08 -17.24 3.77
CA GLU A 100 8.47 -16.04 4.34
C GLU A 100 9.00 -15.84 5.75
N THR A 101 9.00 -14.60 6.20
CA THR A 101 9.49 -14.24 7.54
C THR A 101 8.35 -14.01 8.53
N CYS A 102 8.48 -14.62 9.70
CA CYS A 102 7.53 -14.41 10.80
C CYS A 102 8.08 -13.38 11.79
N GLU A 103 7.21 -12.48 12.25
CA GLU A 103 7.55 -11.44 13.21
C GLU A 103 7.24 -11.85 14.65
N GLY A 104 6.62 -13.03 14.77
CA GLY A 104 6.72 -13.96 15.90
C GLY A 104 6.79 -13.58 17.35
N GLY A 105 7.76 -14.14 18.06
CA GLY A 105 8.67 -15.17 17.53
C GLY A 105 8.16 -16.55 17.85
N GLU A 106 8.92 -17.33 18.61
CA GLU A 106 8.56 -18.72 18.94
C GLU A 106 7.40 -18.81 19.92
N LEU A 107 6.65 -19.90 19.83
CA LEU A 107 5.58 -20.22 20.77
C LEU A 107 6.12 -20.41 22.19
N LEU A 108 7.36 -20.89 22.28
CA LEU A 108 8.05 -21.09 23.57
C LEU A 108 8.06 -19.82 24.44
N GLU A 109 8.26 -18.67 23.80
CA GLU A 109 8.29 -17.39 24.49
C GLU A 109 6.94 -17.07 25.16
N ARG A 110 5.85 -17.40 24.48
CA ARG A 110 4.49 -17.24 25.05
C ARG A 110 4.30 -18.07 26.32
N ILE A 111 4.84 -19.30 26.32
CA ILE A 111 4.79 -20.17 27.48
C ILE A 111 5.70 -19.62 28.59
N VAL A 112 6.93 -19.28 28.22
CA VAL A 112 7.91 -18.75 29.16
C VAL A 112 7.40 -17.48 29.85
N SER A 113 6.83 -16.57 29.07
CA SER A 113 6.26 -15.33 29.61
C SER A 113 5.11 -15.56 30.57
N ALA A 114 4.36 -16.64 30.38
CA ALA A 114 3.24 -16.98 31.25
C ALA A 114 3.72 -17.48 32.61
N GLN A 115 4.84 -18.21 32.61
CA GLN A 115 5.47 -18.67 33.85
C GLN A 115 5.97 -17.50 34.70
N ALA A 116 6.55 -16.51 34.02
CA ALA A 116 7.07 -15.31 34.68
C ALA A 116 5.96 -14.47 35.29
N ARG A 117 4.85 -14.32 34.55
CA ARG A 117 3.71 -13.52 34.98
C ARG A 117 2.79 -14.30 35.93
N GLY A 118 3.02 -15.61 36.03
CA GLY A 118 2.23 -16.49 36.88
C GLY A 118 0.78 -16.64 36.46
N LYS A 119 0.50 -16.30 35.20
CA LYS A 119 -0.88 -16.35 34.69
C LYS A 119 -1.03 -17.44 33.65
N ALA A 120 -1.68 -18.53 34.05
CA ALA A 120 -1.89 -19.72 33.21
C ALA A 120 -2.63 -19.40 31.92
N LEU A 121 -2.18 -20.02 30.82
CA LEU A 121 -2.85 -19.89 29.52
C LEU A 121 -4.22 -20.53 29.52
N SER A 122 -5.24 -19.74 29.20
CA SER A 122 -6.63 -20.20 29.14
C SER A 122 -6.81 -21.31 28.10
N GLU A 123 -7.75 -22.23 28.37
CA GLU A 123 -8.08 -23.30 27.44
C GLU A 123 -8.63 -22.78 26.12
N GLY A 124 -9.45 -21.75 26.19
CA GLY A 124 -10.00 -21.09 25.00
C GLY A 124 -8.91 -20.63 24.03
N TYR A 125 -7.85 -20.04 24.58
CA TYR A 125 -6.70 -19.62 23.81
C TYR A 125 -5.90 -20.80 23.24
N VAL A 126 -5.66 -21.82 24.08
CA VAL A 126 -4.90 -23.01 23.65
C VAL A 126 -5.70 -23.82 22.63
N ALA A 127 -7.02 -23.89 22.81
CA ALA A 127 -7.89 -24.52 21.83
C ALA A 127 -7.64 -23.96 20.42
N GLU A 128 -7.61 -22.63 20.29
CA GLU A 128 -7.38 -21.99 19.00
C GLU A 128 -6.03 -22.35 18.39
N LEU A 129 -4.97 -22.28 19.19
CA LEU A 129 -3.65 -22.71 18.76
C LEU A 129 -3.66 -24.16 18.30
N MET A 130 -4.25 -25.04 19.11
CA MET A 130 -4.30 -26.47 18.79
C MET A 130 -5.13 -26.73 17.53
N LYS A 131 -6.18 -25.93 17.34
CA LYS A 131 -7.02 -25.99 16.13
C LYS A 131 -6.19 -25.71 14.87
N GLN A 132 -5.33 -24.69 14.92
CA GLN A 132 -4.45 -24.33 13.80
C GLN A 132 -3.36 -25.37 13.59
N MET A 133 -2.73 -25.77 14.69
CA MET A 133 -1.70 -26.80 14.68
C MET A 133 -2.21 -28.12 14.07
N MET A 134 -3.35 -28.60 14.55
CA MET A 134 -3.89 -29.88 14.09
C MET A 134 -4.39 -29.83 12.65
N ASN A 135 -4.96 -28.69 12.26
CA ASN A 135 -5.30 -28.44 10.86
C ASN A 135 -4.06 -28.55 9.96
N ALA A 136 -2.98 -27.90 10.35
CA ALA A 136 -1.71 -27.97 9.61
C ALA A 136 -1.24 -29.42 9.49
N LEU A 137 -1.27 -30.14 10.62
CA LEU A 137 -0.90 -31.55 10.65
C LEU A 137 -1.80 -32.41 9.76
N ALA A 138 -3.11 -32.19 9.84
CA ALA A 138 -4.06 -32.91 8.99
C ALA A 138 -3.70 -32.72 7.51
N TYR A 139 -3.32 -31.50 7.16
CA TYR A 139 -2.95 -31.16 5.80
C TYR A 139 -1.64 -31.81 5.36
N PHE A 140 -0.55 -31.61 6.11
CA PHE A 140 0.73 -32.14 5.65
C PHE A 140 0.90 -33.66 5.82
N HIS A 141 0.12 -34.25 6.74
CA HIS A 141 0.03 -35.71 6.81
C HIS A 141 -0.73 -36.24 5.60
N SER A 142 -1.71 -35.45 5.15
CA SER A 142 -2.49 -35.75 3.93
C SER A 142 -1.57 -35.86 2.72
N GLN A 143 -0.42 -35.18 2.82
CA GLN A 143 0.57 -35.13 1.75
C GLN A 143 1.75 -36.06 2.04
N HIS A 144 1.61 -36.93 3.03
CA HIS A 144 2.62 -37.93 3.39
C HIS A 144 3.91 -37.32 3.92
N VAL A 145 3.78 -36.23 4.67
CA VAL A 145 4.90 -35.63 5.37
C VAL A 145 4.76 -35.92 6.86
N VAL A 146 5.88 -36.33 7.48
CA VAL A 146 5.98 -36.43 8.93
C VAL A 146 6.98 -35.36 9.36
N HIS A 147 6.50 -34.39 10.15
CA HIS A 147 7.37 -33.31 10.61
C HIS A 147 8.54 -33.85 11.43
N LYS A 148 8.25 -34.71 12.42
CA LYS A 148 9.26 -35.45 13.21
C LYS A 148 9.90 -34.65 14.36
N ASP A 149 9.60 -33.36 14.44
CA ASP A 149 10.27 -32.47 15.39
C ASP A 149 9.39 -31.31 15.88
N LEU A 150 8.10 -31.58 16.10
CA LEU A 150 7.18 -30.58 16.62
C LEU A 150 7.52 -30.23 18.07
N LYS A 151 7.58 -28.93 18.34
CA LYS A 151 7.85 -28.38 19.68
C LYS A 151 7.71 -26.86 19.61
N PRO A 152 7.54 -26.18 20.77
CA PRO A 152 7.32 -24.74 20.82
C PRO A 152 8.38 -23.86 20.15
N GLU A 153 9.61 -24.34 20.05
CA GLU A 153 10.63 -23.57 19.35
C GLU A 153 10.46 -23.66 17.82
N ASN A 154 9.74 -24.68 17.37
CA ASN A 154 9.46 -24.87 15.95
C ASN A 154 8.06 -24.43 15.49
N ILE A 155 7.42 -23.57 16.29
CA ILE A 155 6.15 -22.94 15.93
C ILE A 155 6.30 -21.44 16.17
N LEU A 156 6.09 -20.67 15.12
CA LEU A 156 6.26 -19.21 15.19
C LEU A 156 4.93 -18.50 15.06
N PHE A 157 4.83 -17.31 15.65
CA PHE A 157 3.71 -16.44 15.39
C PHE A 157 4.03 -15.58 14.17
N GLN A 158 3.06 -15.45 13.27
CA GLN A 158 3.15 -14.59 12.10
CA GLN A 158 3.24 -14.60 12.10
C GLN A 158 3.51 -13.15 12.50
N ASP A 159 2.74 -12.63 13.46
CA ASP A 159 2.94 -11.25 13.93
C ASP A 159 2.92 -11.16 15.47
N THR A 160 2.96 -9.93 15.98
CA THR A 160 3.11 -9.69 17.42
C THR A 160 1.79 -9.54 18.18
N SER A 161 0.67 -9.61 17.46
CA SER A 161 -0.65 -9.46 18.07
C SER A 161 -1.01 -10.62 19.01
N PRO A 162 -1.80 -10.35 20.06
CA PRO A 162 -2.21 -11.43 20.99
C PRO A 162 -2.84 -12.60 20.24
N HIS A 163 -3.51 -12.29 19.13
CA HIS A 163 -4.29 -13.26 18.36
CA HIS A 163 -4.29 -13.26 18.36
C HIS A 163 -3.60 -13.65 17.06
N SER A 164 -2.28 -13.51 17.01
CA SER A 164 -1.51 -13.87 15.82
C SER A 164 -1.67 -15.36 15.48
N PRO A 165 -1.79 -15.68 14.18
CA PRO A 165 -1.83 -17.09 13.78
C PRO A 165 -0.45 -17.70 13.92
N ILE A 166 -0.39 -19.03 13.93
CA ILE A 166 0.90 -19.73 14.03
C ILE A 166 1.35 -20.28 12.70
N LYS A 167 2.65 -20.54 12.61
CA LYS A 167 3.30 -21.08 11.43
C LYS A 167 4.26 -22.16 11.89
N ILE A 168 4.03 -23.39 11.45
CA ILE A 168 4.94 -24.47 11.82
C ILE A 168 6.17 -24.38 10.93
N ILE A 169 7.34 -24.34 11.56
CA ILE A 169 8.59 -24.28 10.81
C ILE A 169 9.43 -25.52 11.04
N ASP A 170 10.57 -25.59 10.35
CA ASP A 170 11.63 -26.54 10.66
C ASP A 170 11.20 -28.01 10.61
N PHE A 171 10.47 -28.38 9.56
CA PHE A 171 10.18 -29.79 9.30
C PHE A 171 11.48 -30.58 9.33
N GLY A 172 11.43 -31.75 9.96
CA GLY A 172 12.63 -32.54 10.26
C GLY A 172 13.29 -33.12 9.04
N LEU A 173 14.62 -33.09 9.04
CA LEU A 173 15.43 -33.68 7.97
C LEU A 173 16.62 -34.43 8.57
N ALA A 174 16.34 -35.51 9.30
CA ALA A 174 17.36 -36.30 9.99
C ALA A 174 18.24 -37.12 9.04
N GLU A 175 18.12 -36.84 7.74
CA GLU A 175 18.91 -37.50 6.69
C GLU A 175 20.22 -36.76 6.42
N LEU A 176 20.68 -35.99 7.41
CA LEU A 176 21.96 -35.28 7.34
C LEU A 176 22.73 -35.40 8.64
N ALA A 187 17.90 -34.66 26.26
CA ALA A 187 16.64 -33.90 26.31
C ALA A 187 16.44 -33.00 25.07
N GLY A 188 15.91 -31.79 25.28
CA GLY A 188 15.68 -30.83 24.20
C GLY A 188 14.53 -31.25 23.29
N THR A 189 14.89 -31.87 22.17
CA THR A 189 13.91 -32.44 21.23
C THR A 189 13.32 -33.72 21.84
N ALA A 190 14.15 -34.43 22.61
CA ALA A 190 13.76 -35.69 23.27
C ALA A 190 12.54 -35.58 24.19
N LEU A 191 12.27 -34.40 24.71
CA LEU A 191 11.13 -34.15 25.59
C LEU A 191 9.77 -34.24 24.86
N TYR A 192 9.83 -34.24 23.53
CA TYR A 192 8.63 -34.23 22.69
C TYR A 192 8.51 -35.50 21.86
N MET A 193 9.43 -36.43 22.10
CA MET A 193 9.55 -37.63 21.28
C MET A 193 8.59 -38.73 21.70
N ALA A 194 7.87 -39.27 20.71
CA ALA A 194 7.02 -40.43 20.89
C ALA A 194 7.87 -41.65 21.25
N PRO A 195 7.34 -42.53 22.12
CA PRO A 195 8.08 -43.73 22.55
C PRO A 195 8.56 -44.60 21.39
N GLU A 196 7.71 -44.80 20.38
CA GLU A 196 8.04 -45.64 19.24
C GLU A 196 9.11 -45.05 18.33
N VAL A 197 9.39 -43.75 18.47
CA VAL A 197 10.48 -43.10 17.73
C VAL A 197 11.84 -43.59 18.23
N PHE A 198 11.95 -43.81 19.54
CA PHE A 198 13.17 -44.36 20.15
C PHE A 198 13.51 -45.73 19.57
N LYS A 199 12.50 -46.45 19.10
CA LYS A 199 12.69 -47.76 18.47
C LYS A 199 12.74 -47.66 16.94
N ARG A 200 12.95 -46.44 16.44
CA ARG A 200 13.09 -46.13 15.01
C ARG A 200 11.82 -46.41 14.19
N ASP A 201 10.66 -46.29 14.82
CA ASP A 201 9.37 -46.38 14.13
C ASP A 201 8.79 -44.98 13.96
N VAL A 202 9.09 -44.35 12.82
CA VAL A 202 8.59 -42.99 12.54
C VAL A 202 7.38 -43.01 11.61
N THR A 203 6.23 -42.62 12.15
CA THR A 203 4.97 -42.53 11.40
C THR A 203 4.32 -41.20 11.74
N PHE A 204 3.25 -40.84 11.02
CA PHE A 204 2.54 -39.59 11.28
C PHE A 204 2.05 -39.47 12.73
N LYS A 205 1.88 -40.62 13.39
CA LYS A 205 1.43 -40.67 14.79
C LYS A 205 2.37 -39.97 15.76
N CYS A 206 3.68 -40.04 15.49
CA CYS A 206 4.67 -39.40 16.34
C CYS A 206 4.45 -37.87 16.41
N ASP A 207 4.00 -37.30 15.29
CA ASP A 207 3.61 -35.89 15.25
C ASP A 207 2.43 -35.62 16.19
N ILE A 208 1.48 -36.56 16.26
CA ILE A 208 0.31 -36.42 17.15
C ILE A 208 0.76 -36.38 18.62
N TRP A 209 1.68 -37.28 18.96
CA TRP A 209 2.32 -37.32 20.29
C TRP A 209 2.96 -35.98 20.63
N SER A 210 3.87 -35.53 19.76
CA SER A 210 4.56 -34.25 19.94
C SER A 210 3.57 -33.11 20.18
N ALA A 211 2.50 -33.08 19.38
CA ALA A 211 1.45 -32.07 19.51
C ALA A 211 0.76 -32.15 20.87
N GLY A 212 0.52 -33.38 21.32
CA GLY A 212 -0.02 -33.63 22.66
C GLY A 212 0.88 -33.07 23.76
N VAL A 213 2.18 -33.29 23.63
CA VAL A 213 3.15 -32.78 24.59
C VAL A 213 3.12 -31.24 24.58
N VAL A 214 3.07 -30.65 23.38
CA VAL A 214 2.89 -29.21 23.24
C VAL A 214 1.63 -28.75 23.97
N MET A 215 0.50 -29.39 23.68
CA MET A 215 -0.75 -29.07 24.36
C MET A 215 -0.60 -29.13 25.88
N TYR A 216 -0.08 -30.25 26.40
CA TYR A 216 0.17 -30.40 27.83
C TYR A 216 1.02 -29.25 28.38
N PHE A 217 2.09 -28.93 27.66
CA PHE A 217 3.00 -27.86 28.05
C PHE A 217 2.26 -26.52 28.06
N LEU A 218 1.51 -26.23 27.00
CA LEU A 218 0.73 -25.00 26.91
C LEU A 218 -0.19 -24.80 28.12
N LEU A 219 -0.93 -25.84 28.49
CA LEU A 219 -1.95 -25.76 29.52
C LEU A 219 -1.44 -25.82 30.95
N THR A 220 -0.28 -26.43 31.17
CA THR A 220 0.22 -26.67 32.54
C THR A 220 1.47 -25.86 32.89
N GLY A 221 2.23 -25.46 31.87
CA GLY A 221 3.52 -24.81 32.08
C GLY A 221 4.59 -25.82 32.48
N CYS A 222 4.27 -27.10 32.33
CA CYS A 222 5.19 -28.20 32.64
C CYS A 222 5.27 -29.16 31.46
N LEU A 223 6.44 -29.76 31.26
CA LEU A 223 6.56 -30.89 30.36
C LEU A 223 6.06 -32.14 31.09
N PRO A 224 5.49 -33.12 30.35
CA PRO A 224 4.92 -34.27 31.03
C PRO A 224 5.96 -35.31 31.49
N PHE A 225 7.08 -35.38 30.79
CA PHE A 225 8.10 -36.39 31.03
C PHE A 225 9.46 -35.73 31.25
N THR A 226 9.87 -35.64 32.52
CA THR A 226 11.03 -34.87 32.92
C THR A 226 12.10 -35.74 33.58
N GLY A 227 13.35 -35.52 33.21
CA GLY A 227 14.47 -36.25 33.79
C GLY A 227 15.82 -35.59 33.70
N THR A 228 16.83 -36.25 34.26
CA THR A 228 18.21 -35.75 34.26
C THR A 228 19.07 -36.45 33.20
N SER A 229 18.47 -37.40 32.49
CA SER A 229 19.15 -38.15 31.43
C SER A 229 18.20 -38.45 30.27
N LEU A 230 18.78 -38.69 29.09
CA LEU A 230 18.02 -39.13 27.91
C LEU A 230 17.31 -40.46 28.14
N GLU A 231 17.94 -41.33 28.93
CA GLU A 231 17.36 -42.61 29.29
C GLU A 231 16.16 -42.42 30.22
N GLU A 232 16.32 -41.58 31.23
CA GLU A 232 15.25 -41.32 32.20
C GLU A 232 14.01 -40.78 31.52
N VAL A 233 14.21 -39.82 30.61
CA VAL A 233 13.14 -39.23 29.83
C VAL A 233 12.44 -40.27 28.94
N GLN A 234 13.25 -41.06 28.20
CA GLN A 234 12.70 -42.06 27.29
C GLN A 234 11.82 -43.09 28.00
N GLN A 235 12.29 -43.56 29.15
CA GLN A 235 11.57 -44.59 29.89
C GLN A 235 10.29 -44.04 30.53
N LYS A 236 10.34 -42.79 30.98
CA LYS A 236 9.13 -42.12 31.47
C LYS A 236 8.10 -41.92 30.36
N ALA A 237 8.57 -41.48 29.18
CA ALA A 237 7.70 -41.33 28.02
C ALA A 237 7.03 -42.65 27.65
N THR A 238 7.81 -43.73 27.76
CA THR A 238 7.34 -45.08 27.40
C THR A 238 6.38 -45.68 28.43
N TYR A 239 6.63 -45.43 29.72
CA TYR A 239 5.86 -46.12 30.78
C TYR A 239 5.07 -45.23 31.75
N LYS A 240 5.59 -44.03 32.02
CA LYS A 240 4.95 -43.14 33.00
C LYS A 240 3.69 -42.50 32.45
N GLU A 241 2.68 -42.40 33.30
CA GLU A 241 1.50 -41.59 33.01
C GLU A 241 1.74 -40.21 33.60
N PRO A 242 1.56 -39.15 32.78
CA PRO A 242 1.81 -37.78 33.24
C PRO A 242 0.88 -37.35 34.37
N ASN A 243 1.33 -36.38 35.16
CA ASN A 243 0.50 -35.76 36.18
C ASN A 243 -0.53 -34.83 35.54
N TYR A 244 -1.81 -35.13 35.74
CA TYR A 244 -2.87 -34.35 35.12
C TYR A 244 -3.52 -33.36 36.09
N ALA A 245 -3.09 -33.40 37.36
CA ALA A 245 -3.59 -32.48 38.38
C ALA A 245 -2.46 -31.65 39.00
N VAL A 246 -2.18 -30.51 38.39
CA VAL A 246 -1.13 -29.60 38.86
C VAL A 246 -1.76 -28.34 39.47
N ARG A 249 -2.95 -25.66 38.18
CA ARG A 249 -3.27 -25.78 36.76
C ARG A 249 -4.40 -26.78 36.50
N PRO A 250 -5.63 -26.44 36.92
CA PRO A 250 -6.75 -27.38 36.75
C PRO A 250 -7.22 -27.48 35.30
N LEU A 251 -7.26 -28.71 34.79
CA LEU A 251 -7.71 -28.97 33.41
C LEU A 251 -9.15 -29.50 33.40
N THR A 252 -9.90 -29.14 32.36
CA THR A 252 -11.24 -29.69 32.16
C THR A 252 -11.14 -31.17 31.79
N PRO A 253 -12.16 -31.98 32.14
CA PRO A 253 -12.13 -33.41 31.83
C PRO A 253 -12.01 -33.73 30.32
N GLN A 254 -12.46 -32.82 29.46
CA GLN A 254 -12.38 -33.04 28.02
C GLN A 254 -10.97 -32.79 27.48
N ALA A 255 -10.28 -31.82 28.09
CA ALA A 255 -8.88 -31.56 27.79
C ALA A 255 -8.02 -32.74 28.23
N VAL A 256 -8.26 -33.21 29.46
CA VAL A 256 -7.57 -34.38 30.01
C VAL A 256 -7.77 -35.58 29.08
N ASP A 257 -9.02 -35.82 28.67
CA ASP A 257 -9.35 -36.91 27.76
C ASP A 257 -8.51 -36.86 26.48
N LEU A 258 -8.52 -35.71 25.81
CA LEU A 258 -7.78 -35.52 24.57
C LEU A 258 -6.28 -35.72 24.76
N LEU A 259 -5.74 -35.18 25.85
CA LEU A 259 -4.33 -35.36 26.18
C LEU A 259 -3.96 -36.84 26.27
N LYS A 260 -4.74 -37.61 27.03
CA LYS A 260 -4.54 -39.06 27.16
C LYS A 260 -4.59 -39.75 25.80
N GLN A 261 -5.55 -39.36 24.96
CA GLN A 261 -5.68 -39.90 23.60
C GLN A 261 -4.44 -39.60 22.76
N MET A 262 -4.03 -38.34 22.74
CA MET A 262 -2.86 -37.90 21.99
C MET A 262 -1.55 -38.49 22.53
N LEU A 263 -1.52 -38.73 23.83
CA LEU A 263 -0.32 -39.27 24.48
C LEU A 263 -0.41 -40.77 24.77
N THR A 264 -1.24 -41.48 24.01
CA THR A 264 -1.35 -42.93 24.12
C THR A 264 -0.04 -43.58 23.67
N LYS A 265 0.50 -44.46 24.51
CA LYS A 265 1.80 -45.11 24.26
C LYS A 265 1.88 -45.84 22.92
N ASP A 266 0.77 -46.45 22.52
CA ASP A 266 0.69 -47.23 21.29
C ASP A 266 0.30 -46.33 20.13
N PRO A 267 1.21 -46.17 19.14
CA PRO A 267 0.91 -45.39 17.94
C PRO A 267 -0.32 -45.91 17.18
N GLU A 268 -0.48 -47.23 17.14
CA GLU A 268 -1.58 -47.86 16.40
C GLU A 268 -2.95 -47.44 16.96
N ARG A 269 -2.97 -47.03 18.24
CA ARG A 269 -4.21 -46.67 18.93
C ARG A 269 -4.33 -45.18 19.21
N ARG A 270 -3.24 -44.45 18.99
CA ARG A 270 -3.21 -43.00 19.04
C ARG A 270 -4.04 -42.48 17.85
N PRO A 271 -4.86 -41.42 18.06
CA PRO A 271 -5.72 -40.89 17.00
C PRO A 271 -4.96 -40.14 15.89
N SER A 272 -5.60 -40.01 14.73
CA SER A 272 -5.08 -39.17 13.65
C SER A 272 -5.39 -37.70 13.92
N ALA A 273 -4.70 -36.81 13.20
CA ALA A 273 -4.97 -35.37 13.29
C ALA A 273 -6.42 -35.06 12.98
N ALA A 274 -6.93 -35.62 11.88
CA ALA A 274 -8.35 -35.48 11.51
C ALA A 274 -9.29 -35.88 12.67
N GLN A 275 -8.95 -36.96 13.37
CA GLN A 275 -9.74 -37.45 14.48
C GLN A 275 -9.67 -36.51 15.70
N VAL A 276 -8.47 -36.03 16.00
CA VAL A 276 -8.26 -35.09 17.10
C VAL A 276 -9.12 -33.84 16.94
N LEU A 277 -9.15 -33.31 15.72
CA LEU A 277 -9.95 -32.14 15.36
C LEU A 277 -11.44 -32.30 15.68
N HIS A 278 -11.92 -33.55 15.70
CA HIS A 278 -13.34 -33.83 15.93
C HIS A 278 -13.65 -34.09 17.40
N HIS A 279 -12.65 -33.93 18.26
CA HIS A 279 -12.83 -34.06 19.70
C HIS A 279 -13.80 -33.01 20.23
N GLU A 280 -14.44 -33.33 21.35
CA GLU A 280 -15.43 -32.45 21.97
C GLU A 280 -14.79 -31.25 22.67
N TRP A 281 -13.47 -31.33 22.89
CA TRP A 281 -12.72 -30.23 23.53
C TRP A 281 -12.70 -28.97 22.66
N PHE A 282 -12.62 -29.15 21.34
CA PHE A 282 -12.63 -28.05 20.37
C PHE A 282 -14.02 -27.43 20.18
N LYS A 283 -14.98 -27.85 21.01
CA LYS A 283 -16.30 -27.22 21.06
C LYS A 283 -16.40 -26.25 22.25
N GLN A 284 -15.37 -26.26 23.11
CA GLN A 284 -15.22 -25.29 24.20
C GLN A 284 -13.75 -25.19 24.66
N LEU B 14 24.39 -20.91 -10.19
CA LEU B 14 23.24 -21.04 -9.23
C LEU B 14 22.06 -21.70 -9.94
N TYR B 15 21.53 -22.76 -9.33
CA TYR B 15 20.43 -23.52 -9.92
C TYR B 15 19.12 -23.34 -9.15
N PHE B 16 18.02 -23.25 -9.88
CA PHE B 16 16.68 -23.19 -9.30
C PHE B 16 16.06 -24.57 -9.39
N GLN B 17 15.25 -24.92 -8.38
CA GLN B 17 14.66 -26.25 -8.29
C GLN B 17 13.83 -26.64 -9.52
N GLY B 18 12.73 -25.93 -9.75
CA GLY B 18 11.86 -26.23 -10.88
C GLY B 18 12.28 -25.62 -12.20
N THR B 19 11.30 -25.14 -12.96
CA THR B 19 11.53 -24.52 -14.27
C THR B 19 11.07 -23.06 -14.27
N ILE B 20 11.14 -22.41 -15.43
CA ILE B 20 10.79 -21.00 -15.56
C ILE B 20 9.30 -20.74 -15.26
N ASP B 21 8.47 -21.74 -15.52
CA ASP B 21 7.04 -21.65 -15.26
C ASP B 21 6.70 -21.87 -13.78
N ASP B 22 7.67 -22.33 -12.99
CA ASP B 22 7.48 -22.47 -11.56
C ASP B 22 7.62 -21.15 -10.80
N LEU B 23 8.32 -20.18 -11.39
CA LEU B 23 8.45 -18.87 -10.73
C LEU B 23 7.69 -17.72 -11.42
N PHE B 24 7.34 -17.91 -12.68
CA PHE B 24 6.55 -16.90 -13.39
C PHE B 24 5.29 -17.47 -14.03
N ILE B 25 4.18 -16.75 -13.89
CA ILE B 25 2.99 -17.00 -14.69
C ILE B 25 3.07 -16.15 -15.94
N PHE B 26 3.07 -16.79 -17.11
CA PHE B 26 3.08 -16.09 -18.39
C PHE B 26 1.67 -15.65 -18.76
N LYS B 27 1.41 -14.35 -18.62
CA LYS B 27 0.04 -13.81 -18.73
C LYS B 27 -0.41 -13.52 -20.15
N ARG B 28 0.43 -12.83 -20.91
CA ARG B 28 0.06 -12.28 -22.22
C ARG B 28 1.31 -12.12 -23.10
N LYS B 29 1.19 -12.50 -24.37
CA LYS B 29 2.25 -12.30 -25.34
C LYS B 29 2.15 -10.88 -25.91
N LEU B 30 3.20 -10.09 -25.71
CA LEU B 30 3.20 -8.69 -26.12
C LEU B 30 3.76 -8.51 -27.53
N GLY B 31 4.66 -9.41 -27.91
CA GLY B 31 5.27 -9.36 -29.23
C GLY B 31 6.21 -10.52 -29.51
N SER B 32 6.90 -10.41 -30.64
CA SER B 32 7.73 -11.48 -31.17
C SER B 32 8.91 -10.89 -31.95
N GLY B 33 10.08 -11.47 -31.77
CA GLY B 33 11.30 -10.97 -32.42
C GLY B 33 12.01 -12.01 -33.27
N ALA B 34 13.19 -11.62 -33.76
CA ALA B 34 14.02 -12.49 -34.59
C ALA B 34 14.65 -13.64 -33.81
N PHE B 35 14.84 -13.44 -32.51
CA PHE B 35 15.47 -14.44 -31.66
C PHE B 35 14.74 -14.64 -30.33
N GLY B 36 13.42 -14.53 -30.36
CA GLY B 36 12.59 -14.81 -29.19
C GLY B 36 11.29 -14.05 -29.10
N ASP B 37 10.72 -13.99 -27.90
CA ASP B 37 9.43 -13.36 -27.63
C ASP B 37 9.49 -12.38 -26.45
N VAL B 38 8.41 -11.62 -26.28
CA VAL B 38 8.21 -10.75 -25.13
C VAL B 38 6.87 -11.08 -24.48
N HIS B 39 6.87 -11.30 -23.16
CA HIS B 39 5.62 -11.56 -22.44
C HIS B 39 5.42 -10.65 -21.23
N LEU B 40 4.16 -10.29 -20.97
CA LEU B 40 3.78 -9.71 -19.69
C LEU B 40 3.59 -10.87 -18.72
N VAL B 41 4.18 -10.74 -17.55
CA VAL B 41 4.35 -11.86 -16.64
C VAL B 41 4.03 -11.49 -15.19
N GLU B 42 3.47 -12.44 -14.45
CA GLU B 42 3.32 -12.30 -13.02
C GLU B 42 4.30 -13.22 -12.29
N GLU B 43 4.99 -12.66 -11.31
CA GLU B 43 5.92 -13.41 -10.48
C GLU B 43 5.11 -14.17 -9.43
N ARG B 44 5.37 -15.47 -9.32
CA ARG B 44 4.55 -16.36 -8.48
C ARG B 44 4.65 -16.09 -6.98
N SER B 45 5.86 -15.77 -6.51
CA SER B 45 6.10 -15.53 -5.09
C SER B 45 5.46 -14.22 -4.61
N SER B 46 5.67 -13.16 -5.37
CA SER B 46 5.28 -11.80 -4.97
C SER B 46 3.94 -11.34 -5.56
N GLY B 47 3.57 -11.89 -6.71
CA GLY B 47 2.39 -11.44 -7.44
C GLY B 47 2.65 -10.19 -8.26
N LEU B 48 3.92 -9.76 -8.31
CA LEU B 48 4.30 -8.55 -9.01
C LEU B 48 4.39 -8.76 -10.52
N GLU B 49 3.86 -7.79 -11.28
CA GLU B 49 3.97 -7.81 -12.74
C GLU B 49 5.42 -7.57 -13.19
N ARG B 50 5.85 -8.34 -14.17
CA ARG B 50 7.13 -8.15 -14.84
C ARG B 50 6.98 -8.38 -16.34
N VAL B 51 8.02 -8.04 -17.11
CA VAL B 51 8.04 -8.36 -18.53
C VAL B 51 9.23 -9.26 -18.80
N ILE B 52 8.99 -10.38 -19.47
CA ILE B 52 10.08 -11.30 -19.80
C ILE B 52 10.40 -11.33 -21.30
N LYS B 53 11.65 -10.98 -21.62
CA LYS B 53 12.18 -11.17 -22.95
C LYS B 53 12.85 -12.54 -23.05
N THR B 54 12.29 -13.41 -23.88
CA THR B 54 12.86 -14.73 -24.12
C THR B 54 13.83 -14.67 -25.31
N ILE B 55 15.07 -15.06 -25.06
CA ILE B 55 16.08 -15.20 -26.12
C ILE B 55 16.24 -16.68 -26.45
N ASN B 56 16.01 -17.04 -27.71
CA ASN B 56 16.27 -18.40 -28.18
C ASN B 56 17.77 -18.58 -28.42
N LYS B 57 18.37 -19.52 -27.72
CA LYS B 57 19.81 -19.78 -27.80
C LYS B 57 20.29 -20.34 -29.14
N ASP B 58 19.44 -21.14 -29.78
CA ASP B 58 19.79 -21.82 -31.03
C ASP B 58 19.92 -20.86 -32.21
N ARG B 59 19.38 -19.65 -32.05
CA ARG B 59 19.46 -18.62 -33.09
C ARG B 59 20.68 -17.72 -32.93
N SER B 60 21.63 -18.11 -32.09
CA SER B 60 22.87 -17.36 -31.89
C SER B 60 23.86 -17.56 -33.03
N GLN B 61 24.64 -16.53 -33.32
CA GLN B 61 25.68 -16.57 -34.36
C GLN B 61 27.09 -16.46 -33.76
N VAL B 62 27.19 -15.78 -32.62
CA VAL B 62 28.44 -15.63 -31.89
C VAL B 62 28.44 -16.59 -30.68
N PRO B 63 29.63 -16.93 -30.15
CA PRO B 63 29.74 -17.75 -28.94
C PRO B 63 28.83 -17.27 -27.80
N MET B 64 28.22 -18.23 -27.11
CA MET B 64 27.22 -17.95 -26.07
C MET B 64 27.74 -17.03 -24.97
N GLU B 65 29.06 -17.04 -24.76
CA GLU B 65 29.71 -16.29 -23.70
C GLU B 65 29.62 -14.78 -23.93
N GLN B 66 29.71 -14.38 -25.20
CA GLN B 66 29.63 -12.98 -25.63
C GLN B 66 28.23 -12.39 -25.39
N ILE B 67 27.19 -13.21 -25.58
CA ILE B 67 25.81 -12.81 -25.34
C ILE B 67 25.56 -12.70 -23.83
N GLU B 68 26.04 -13.70 -23.09
CA GLU B 68 25.95 -13.73 -21.63
C GLU B 68 26.55 -12.44 -21.06
N ALA B 69 27.70 -12.03 -21.59
CA ALA B 69 28.44 -10.86 -21.12
C ALA B 69 27.81 -9.51 -21.48
N GLU B 70 27.27 -9.38 -22.70
CA GLU B 70 26.62 -8.14 -23.13
C GLU B 70 25.34 -7.92 -22.32
N ILE B 71 24.64 -9.02 -22.02
CA ILE B 71 23.42 -8.97 -21.23
C ILE B 71 23.72 -8.62 -19.77
N GLU B 72 24.87 -9.09 -19.26
CA GLU B 72 25.30 -8.80 -17.89
C GLU B 72 25.48 -7.30 -17.67
N VAL B 73 26.21 -6.63 -18.56
CA VAL B 73 26.43 -5.18 -18.45
C VAL B 73 25.16 -4.36 -18.69
N LEU B 74 24.23 -4.89 -19.50
CA LEU B 74 22.93 -4.27 -19.67
C LEU B 74 22.16 -4.28 -18.37
N LYS B 75 22.23 -5.40 -17.64
CA LYS B 75 21.60 -5.51 -16.32
C LYS B 75 22.22 -4.53 -15.32
N SER B 76 23.50 -4.21 -15.50
CA SER B 76 24.16 -3.27 -14.59
C SER B 76 23.71 -1.83 -14.84
N LEU B 77 23.03 -1.61 -15.96
CA LEU B 77 22.50 -0.27 -16.29
C LEU B 77 21.40 0.15 -15.32
N ASP B 78 21.77 1.04 -14.40
CA ASP B 78 20.87 1.54 -13.37
C ASP B 78 20.70 3.05 -13.55
N HIS B 79 19.58 3.43 -14.18
CA HIS B 79 19.33 4.82 -14.55
C HIS B 79 17.82 5.04 -14.62
N PRO B 80 17.34 6.21 -14.17
CA PRO B 80 15.90 6.51 -14.18
C PRO B 80 15.24 6.45 -15.56
N ASN B 81 16.06 6.46 -16.61
CA ASN B 81 15.56 6.51 -17.98
C ASN B 81 16.02 5.33 -18.83
N ILE B 82 16.50 4.28 -18.16
CA ILE B 82 16.82 3.03 -18.80
C ILE B 82 16.00 1.94 -18.12
N ILE B 83 15.40 1.06 -18.92
CA ILE B 83 14.62 -0.06 -18.39
C ILE B 83 15.44 -0.84 -17.38
N LYS B 84 14.87 -1.06 -16.20
CA LYS B 84 15.54 -1.85 -15.17
C LYS B 84 15.36 -3.34 -15.44
N ILE B 85 16.50 -4.04 -15.55
CA ILE B 85 16.53 -5.50 -15.64
C ILE B 85 16.79 -6.05 -14.23
N PHE B 86 15.86 -6.86 -13.73
CA PHE B 86 15.97 -7.40 -12.38
C PHE B 86 16.93 -8.58 -12.30
N GLU B 87 16.81 -9.51 -13.25
CA GLU B 87 17.57 -10.75 -13.23
C GLU B 87 17.49 -11.43 -14.58
N VAL B 88 18.44 -12.31 -14.86
CA VAL B 88 18.43 -13.11 -16.08
C VAL B 88 18.50 -14.59 -15.73
N PHE B 89 17.58 -15.38 -16.27
CA PHE B 89 17.55 -16.82 -16.05
C PHE B 89 17.86 -17.56 -17.34
N GLU B 90 18.11 -18.86 -17.24
CA GLU B 90 18.57 -19.64 -18.38
C GLU B 90 18.26 -21.12 -18.21
N ASP B 91 17.59 -21.70 -19.19
CA ASP B 91 17.49 -23.16 -19.30
C ASP B 91 18.34 -23.64 -20.48
N TYR B 92 18.05 -24.84 -21.01
CA TYR B 92 18.80 -25.37 -22.15
C TYR B 92 18.48 -24.62 -23.45
N HIS B 93 17.20 -24.34 -23.68
CA HIS B 93 16.76 -23.69 -24.92
C HIS B 93 16.88 -22.16 -24.90
N ASN B 94 16.59 -21.53 -23.76
CA ASN B 94 16.38 -20.08 -23.71
C ASN B 94 17.12 -19.34 -22.59
N MET B 95 17.31 -18.04 -22.83
CA MET B 95 17.65 -17.08 -21.78
C MET B 95 16.42 -16.23 -21.49
N TYR B 96 16.25 -15.85 -20.23
CA TYR B 96 15.07 -15.09 -19.81
C TYR B 96 15.44 -13.80 -19.10
N ILE B 97 15.32 -12.69 -19.82
CA ILE B 97 15.59 -11.37 -19.26
C ILE B 97 14.33 -10.87 -18.56
N VAL B 98 14.43 -10.66 -17.25
CA VAL B 98 13.30 -10.21 -16.44
C VAL B 98 13.37 -8.71 -16.14
N MET B 99 12.39 -7.98 -16.66
CA MET B 99 12.36 -6.51 -16.66
C MET B 99 11.23 -5.94 -15.83
N GLU B 100 11.38 -4.68 -15.44
CA GLU B 100 10.26 -3.89 -14.92
C GLU B 100 9.27 -3.62 -16.04
N THR B 101 8.02 -3.37 -15.66
CA THR B 101 6.94 -3.11 -16.61
C THR B 101 6.79 -1.60 -16.80
N CYS B 102 6.59 -1.19 -18.04
CA CYS B 102 6.15 0.17 -18.33
C CYS B 102 4.68 0.16 -18.70
N GLU B 103 3.95 1.20 -18.32
CA GLU B 103 2.50 1.25 -18.52
C GLU B 103 2.03 2.26 -19.56
N GLY B 104 2.93 3.11 -20.03
CA GLY B 104 2.56 4.25 -20.84
C GLY B 104 2.53 4.09 -22.34
N GLY B 105 2.93 2.91 -22.82
CA GLY B 105 3.01 2.63 -24.25
C GLY B 105 4.29 3.19 -24.88
N GLU B 106 4.41 3.02 -26.19
CA GLU B 106 5.58 3.47 -26.93
C GLU B 106 5.54 4.97 -27.21
N LEU B 107 6.72 5.56 -27.38
CA LEU B 107 6.83 6.98 -27.72
C LEU B 107 6.24 7.29 -29.10
N LEU B 108 6.32 6.31 -30.01
CA LEU B 108 5.75 6.43 -31.35
C LEU B 108 4.29 6.82 -31.29
N GLU B 109 3.57 6.24 -30.35
CA GLU B 109 2.14 6.52 -30.13
C GLU B 109 1.88 8.01 -29.86
N ARG B 110 2.76 8.65 -29.09
CA ARG B 110 2.66 10.08 -28.82
C ARG B 110 2.82 10.90 -30.11
N ILE B 111 3.71 10.44 -31.00
CA ILE B 111 3.95 11.09 -32.29
C ILE B 111 2.81 10.82 -33.30
N VAL B 112 2.35 9.57 -33.37
CA VAL B 112 1.24 9.18 -34.24
C VAL B 112 -0.05 9.92 -33.85
N SER B 113 -0.26 10.04 -32.54
CA SER B 113 -1.42 10.74 -31.99
C SER B 113 -1.43 12.23 -32.35
N ALA B 114 -0.25 12.84 -32.36
CA ALA B 114 -0.12 14.27 -32.68
C ALA B 114 -0.42 14.57 -34.15
N GLN B 115 0.08 13.71 -35.04
CA GLN B 115 -0.19 13.81 -36.48
C GLN B 115 -1.67 13.65 -36.78
N ALA B 116 -2.35 12.84 -35.98
CA ALA B 116 -3.79 12.60 -36.10
C ALA B 116 -4.61 13.83 -35.71
N ARG B 117 -4.10 14.59 -34.74
CA ARG B 117 -4.76 15.83 -34.30
C ARG B 117 -4.30 17.04 -35.11
N GLY B 118 -3.42 16.81 -36.08
CA GLY B 118 -2.88 17.88 -36.93
C GLY B 118 -1.98 18.87 -36.20
N LYS B 119 -1.95 18.75 -34.88
CA LYS B 119 -1.17 19.64 -34.02
C LYS B 119 0.29 19.18 -33.99
N ALA B 120 1.15 19.96 -33.32
CA ALA B 120 2.57 19.65 -33.21
C ALA B 120 3.02 19.56 -31.75
N LEU B 121 3.93 18.62 -31.47
CA LEU B 121 4.56 18.51 -30.16
C LEU B 121 5.43 19.73 -29.94
N SER B 122 5.18 20.46 -28.84
CA SER B 122 5.93 21.68 -28.53
C SER B 122 7.42 21.40 -28.33
N GLU B 123 8.24 22.42 -28.55
CA GLU B 123 9.68 22.29 -28.32
C GLU B 123 10.00 22.05 -26.86
N GLY B 124 9.25 22.70 -25.97
CA GLY B 124 9.41 22.53 -24.53
C GLY B 124 9.18 21.11 -24.05
N TYR B 125 8.18 20.45 -24.63
CA TYR B 125 7.90 19.05 -24.32
C TYR B 125 8.98 18.12 -24.88
N VAL B 126 9.44 18.40 -26.10
CA VAL B 126 10.49 17.61 -26.75
C VAL B 126 11.86 17.81 -26.08
N ALA B 127 12.14 19.03 -25.64
CA ALA B 127 13.39 19.32 -24.92
C ALA B 127 13.56 18.44 -23.67
N GLU B 128 12.51 18.37 -22.85
CA GLU B 128 12.50 17.54 -21.64
C GLU B 128 12.70 16.06 -21.97
N LEU B 129 11.96 15.60 -22.96
CA LEU B 129 12.07 14.24 -23.47
C LEU B 129 13.52 13.96 -23.92
N MET B 130 14.08 14.87 -24.71
CA MET B 130 15.45 14.75 -25.20
C MET B 130 16.48 14.83 -24.07
N LYS B 131 16.18 15.62 -23.05
CA LYS B 131 17.05 15.72 -21.88
C LYS B 131 17.21 14.37 -21.20
N GLN B 132 16.08 13.70 -20.96
CA GLN B 132 16.06 12.39 -20.32
C GLN B 132 16.79 11.35 -21.16
N MET B 133 16.55 11.39 -22.46
CA MET B 133 17.14 10.45 -23.40
C MET B 133 18.65 10.58 -23.48
N MET B 134 19.14 11.80 -23.72
CA MET B 134 20.58 12.06 -23.81
C MET B 134 21.29 11.76 -22.49
N ASN B 135 20.60 12.00 -21.37
CA ASN B 135 21.15 11.65 -20.05
C ASN B 135 21.37 10.15 -19.93
N ALA B 136 20.42 9.38 -20.45
CA ALA B 136 20.51 7.92 -20.46
C ALA B 136 21.66 7.47 -21.38
N LEU B 137 21.81 8.18 -22.50
CA LEU B 137 22.87 7.90 -23.46
C LEU B 137 24.24 8.19 -22.87
N ALA B 138 24.37 9.33 -22.20
CA ALA B 138 25.61 9.68 -21.52
C ALA B 138 26.00 8.60 -20.53
N TYR B 139 25.01 8.15 -19.75
CA TYR B 139 25.24 7.13 -18.74
C TYR B 139 25.70 5.80 -19.34
N PHE B 140 24.91 5.22 -20.24
CA PHE B 140 25.28 3.90 -20.78
C PHE B 140 26.47 3.92 -21.74
N HIS B 141 26.78 5.07 -22.32
CA HIS B 141 27.98 5.22 -23.13
C HIS B 141 29.23 5.19 -22.25
N SER B 142 29.12 5.78 -21.07
CA SER B 142 30.22 5.74 -20.10
C SER B 142 30.42 4.31 -19.58
N GLN B 143 29.37 3.50 -19.66
CA GLN B 143 29.45 2.08 -19.30
C GLN B 143 29.78 1.20 -20.51
N HIS B 144 30.28 1.84 -21.58
CA HIS B 144 30.74 1.17 -22.81
C HIS B 144 29.66 0.34 -23.52
N VAL B 145 28.44 0.84 -23.49
CA VAL B 145 27.32 0.22 -24.20
C VAL B 145 26.89 1.09 -25.37
N VAL B 146 26.81 0.48 -26.55
CA VAL B 146 26.17 1.10 -27.71
C VAL B 146 24.82 0.43 -27.91
N HIS B 147 23.74 1.22 -27.90
CA HIS B 147 22.38 0.69 -28.05
C HIS B 147 22.14 0.11 -29.45
N LYS B 148 22.51 0.89 -30.47
CA LYS B 148 22.52 0.44 -31.88
C LYS B 148 21.13 0.41 -32.56
N ASP B 149 20.08 0.68 -31.81
CA ASP B 149 18.71 0.52 -32.32
C ASP B 149 17.70 1.47 -31.67
N LEU B 150 18.15 2.68 -31.34
CA LEU B 150 17.28 3.74 -30.84
C LEU B 150 16.21 4.11 -31.87
N LYS B 151 14.97 4.23 -31.40
CA LYS B 151 13.81 4.61 -32.19
C LYS B 151 12.60 4.68 -31.25
N PRO B 152 11.54 5.42 -31.64
CA PRO B 152 10.38 5.68 -30.77
C PRO B 152 9.63 4.44 -30.29
N GLU B 153 9.78 3.31 -30.98
CA GLU B 153 9.17 2.06 -30.50
C GLU B 153 10.04 1.35 -29.46
N ASN B 154 11.29 1.78 -29.36
CA ASN B 154 12.20 1.30 -28.32
C ASN B 154 12.35 2.31 -27.18
N ILE B 155 11.39 3.23 -27.06
CA ILE B 155 11.30 4.17 -25.94
C ILE B 155 9.88 4.12 -25.37
N LEU B 156 9.75 3.69 -24.12
CA LEU B 156 8.45 3.55 -23.47
C LEU B 156 8.22 4.62 -22.39
N PHE B 157 6.96 4.90 -22.10
CA PHE B 157 6.60 5.75 -20.97
C PHE B 157 6.35 4.88 -19.75
N GLN B 158 6.84 5.33 -18.59
CA GLN B 158 6.65 4.61 -17.34
C GLN B 158 5.15 4.48 -17.04
N ASP B 159 4.44 5.61 -17.08
CA ASP B 159 3.00 5.63 -16.84
C ASP B 159 2.25 6.39 -17.93
N THR B 160 0.93 6.48 -17.79
CA THR B 160 0.06 7.08 -18.82
C THR B 160 -0.21 8.57 -18.58
N SER B 161 0.43 9.16 -17.56
CA SER B 161 0.27 10.58 -17.28
C SER B 161 1.03 11.40 -18.33
N PRO B 162 0.57 12.65 -18.58
CA PRO B 162 1.19 13.47 -19.63
C PRO B 162 2.69 13.69 -19.39
N HIS B 163 3.08 13.79 -18.13
CA HIS B 163 4.45 14.13 -17.76
C HIS B 163 5.31 12.89 -17.40
N SER B 164 4.85 11.71 -17.81
CA SER B 164 5.56 10.45 -17.52
C SER B 164 7.01 10.45 -17.99
N PRO B 165 7.92 9.92 -17.15
CA PRO B 165 9.30 9.74 -17.59
C PRO B 165 9.38 8.70 -18.69
N ILE B 166 10.48 8.70 -19.44
CA ILE B 166 10.71 7.68 -20.46
C ILE B 166 11.69 6.62 -19.99
N LYS B 167 11.53 5.40 -20.52
CA LYS B 167 12.48 4.32 -20.31
C LYS B 167 12.88 3.76 -21.66
N ILE B 168 14.17 3.75 -21.96
CA ILE B 168 14.68 3.12 -23.17
C ILE B 168 14.75 1.61 -22.96
N ILE B 169 14.25 0.87 -23.95
CA ILE B 169 14.23 -0.58 -23.91
C ILE B 169 14.93 -1.13 -25.14
N ASP B 170 15.06 -2.46 -25.18
CA ASP B 170 15.45 -3.17 -26.41
C ASP B 170 16.82 -2.78 -26.95
N PHE B 171 17.80 -2.76 -26.05
CA PHE B 171 19.18 -2.55 -26.45
C PHE B 171 19.53 -3.60 -27.50
N GLY B 172 20.11 -3.15 -28.60
CA GLY B 172 20.35 -4.00 -29.76
C GLY B 172 21.36 -5.10 -29.51
N LEU B 173 21.03 -6.29 -29.98
CA LEU B 173 21.91 -7.45 -29.91
C LEU B 173 21.88 -8.21 -31.24
N ALA B 174 21.16 -7.64 -32.21
CA ALA B 174 20.84 -8.30 -33.49
C ALA B 174 22.03 -8.98 -34.19
N GLU B 175 23.20 -8.36 -34.12
CA GLU B 175 24.41 -8.90 -34.77
C GLU B 175 25.06 -10.05 -34.00
N LEU B 176 24.46 -10.44 -32.88
CA LEU B 176 24.91 -11.60 -32.11
C LEU B 176 24.07 -12.84 -32.46
N PHE B 177 23.13 -12.67 -33.39
CA PHE B 177 22.15 -13.71 -33.71
C PHE B 177 21.97 -13.93 -35.22
N LYS B 178 20.96 -14.72 -35.57
CA LYS B 178 20.69 -15.20 -36.93
C LYS B 178 21.61 -16.34 -37.33
N ALA B 187 13.41 -0.74 -45.63
CA ALA B 187 13.61 -1.16 -44.24
C ALA B 187 13.32 -0.03 -43.24
N GLY B 188 13.02 -0.42 -41.99
CA GLY B 188 12.50 0.51 -40.98
C GLY B 188 13.38 0.80 -39.78
N THR B 189 14.31 -0.11 -39.48
CA THR B 189 15.39 0.16 -38.52
C THR B 189 16.43 1.01 -39.26
N ALA B 190 16.53 0.79 -40.57
CA ALA B 190 17.36 1.59 -41.47
C ALA B 190 17.02 3.09 -41.46
N LEU B 191 15.80 3.43 -41.08
CA LEU B 191 15.34 4.82 -40.97
C LEU B 191 16.05 5.63 -39.89
N TYR B 192 16.68 4.92 -38.94
CA TYR B 192 17.37 5.56 -37.81
C TYR B 192 18.87 5.23 -37.83
N MET B 193 19.30 4.56 -38.89
CA MET B 193 20.67 4.05 -38.99
C MET B 193 21.66 5.10 -39.48
N ALA B 194 22.69 5.35 -38.66
CA ALA B 194 23.79 6.23 -39.02
C ALA B 194 24.52 5.75 -40.27
N PRO B 195 25.00 6.71 -41.11
CA PRO B 195 25.67 6.38 -42.37
C PRO B 195 26.82 5.38 -42.23
N GLU B 196 27.61 5.52 -41.17
CA GLU B 196 28.78 4.66 -40.96
C GLU B 196 28.43 3.23 -40.53
N VAL B 197 27.22 3.05 -39.97
CA VAL B 197 26.74 1.72 -39.56
C VAL B 197 26.54 0.84 -40.80
N PHE B 198 26.13 1.47 -41.89
CA PHE B 198 26.01 0.80 -43.18
C PHE B 198 27.35 0.24 -43.67
N LYS B 199 28.43 0.95 -43.33
CA LYS B 199 29.79 0.51 -43.67
C LYS B 199 30.41 -0.30 -42.53
N ARG B 200 29.55 -0.82 -41.64
CA ARG B 200 29.94 -1.71 -40.53
C ARG B 200 30.78 -1.06 -39.41
N ASP B 201 30.77 0.26 -39.35
CA ASP B 201 31.47 0.99 -38.29
C ASP B 201 30.50 1.37 -37.18
N VAL B 202 30.47 0.57 -36.12
CA VAL B 202 29.50 0.78 -35.04
C VAL B 202 30.15 1.31 -33.76
N THR B 203 29.89 2.57 -33.45
CA THR B 203 30.39 3.22 -32.23
C THR B 203 29.24 3.90 -31.51
N PHE B 204 29.51 4.47 -30.34
CA PHE B 204 28.52 5.23 -29.57
C PHE B 204 27.93 6.40 -30.35
N LYS B 205 28.66 6.89 -31.35
CA LYS B 205 28.21 7.99 -32.21
C LYS B 205 26.92 7.70 -32.96
N CYS B 206 26.69 6.44 -33.35
CA CYS B 206 25.50 6.08 -34.11
C CYS B 206 24.23 6.27 -33.30
N ASP B 207 24.35 6.12 -31.97
CA ASP B 207 23.26 6.42 -31.05
C ASP B 207 22.88 7.89 -31.09
N ILE B 208 23.87 8.76 -31.24
CA ILE B 208 23.65 10.21 -31.31
C ILE B 208 22.83 10.54 -32.55
N TRP B 209 23.23 9.94 -33.67
CA TRP B 209 22.50 10.04 -34.94
C TRP B 209 21.04 9.61 -34.78
N SER B 210 20.84 8.41 -34.23
CA SER B 210 19.50 7.87 -34.03
C SER B 210 18.70 8.77 -33.10
N ALA B 211 19.35 9.27 -32.06
CA ALA B 211 18.69 10.22 -31.15
C ALA B 211 18.28 11.48 -31.93
N GLY B 212 19.16 11.92 -32.83
CA GLY B 212 18.86 13.03 -33.73
C GLY B 212 17.66 12.77 -34.63
N VAL B 213 17.57 11.56 -35.18
CA VAL B 213 16.44 11.16 -36.03
C VAL B 213 15.12 11.16 -35.25
N VAL B 214 15.18 10.68 -34.00
CA VAL B 214 14.00 10.70 -33.12
C VAL B 214 13.58 12.14 -32.85
N MET B 215 14.55 13.01 -32.51
CA MET B 215 14.25 14.43 -32.29
C MET B 215 13.63 15.07 -33.52
N TYR B 216 14.15 14.74 -34.70
CA TYR B 216 13.59 15.21 -35.95
C TYR B 216 12.15 14.76 -36.08
N PHE B 217 11.92 13.47 -35.83
CA PHE B 217 10.58 12.88 -35.87
C PHE B 217 9.63 13.57 -34.90
N LEU B 218 10.08 13.75 -33.65
CA LEU B 218 9.29 14.40 -32.61
C LEU B 218 8.91 15.83 -32.95
N LEU B 219 9.83 16.57 -33.57
CA LEU B 219 9.64 17.99 -33.82
C LEU B 219 8.82 18.32 -35.07
N THR B 220 8.99 17.52 -36.12
CA THR B 220 8.38 17.81 -37.43
C THR B 220 7.20 16.90 -37.78
N GLY B 221 7.16 15.70 -37.21
CA GLY B 221 6.17 14.70 -37.58
C GLY B 221 6.57 13.94 -38.85
N CYS B 222 7.80 14.18 -39.29
CA CYS B 222 8.37 13.50 -40.46
C CYS B 222 9.67 12.82 -40.08
N LEU B 223 10.06 11.82 -40.85
CA LEU B 223 11.37 11.22 -40.72
C LEU B 223 12.30 11.94 -41.70
N PRO B 224 13.57 12.16 -41.31
CA PRO B 224 14.44 12.99 -42.16
C PRO B 224 14.75 12.34 -43.52
N PHE B 225 14.84 11.01 -43.56
CA PHE B 225 15.15 10.28 -44.80
C PHE B 225 14.15 9.16 -45.04
N THR B 226 13.30 9.35 -46.05
CA THR B 226 12.31 8.35 -46.42
C THR B 226 12.71 7.68 -47.73
N GLY B 227 12.38 6.39 -47.85
CA GLY B 227 12.70 5.66 -49.06
C GLY B 227 11.77 4.51 -49.33
N THR B 228 11.48 4.30 -50.62
CA THR B 228 10.66 3.17 -51.03
C THR B 228 11.42 1.84 -50.89
N SER B 229 12.74 1.92 -50.70
CA SER B 229 13.60 0.75 -50.50
C SER B 229 14.76 1.08 -49.55
N LEU B 230 15.46 0.04 -49.10
CA LEU B 230 16.64 0.18 -48.23
C LEU B 230 17.74 1.02 -48.87
N GLU B 231 18.00 0.76 -50.15
CA GLU B 231 19.03 1.49 -50.89
C GLU B 231 18.80 3.00 -50.90
N GLU B 232 17.56 3.43 -51.08
CA GLU B 232 17.21 4.86 -51.12
C GLU B 232 17.45 5.55 -49.77
N VAL B 233 17.03 4.90 -48.70
CA VAL B 233 17.21 5.39 -47.33
C VAL B 233 18.69 5.55 -47.00
N GLN B 234 19.49 4.54 -47.32
CA GLN B 234 20.94 4.57 -47.10
C GLN B 234 21.61 5.75 -47.84
N GLN B 235 21.34 5.88 -49.13
CA GLN B 235 21.95 6.94 -49.94
C GLN B 235 21.52 8.34 -49.49
N LYS B 236 20.24 8.50 -49.16
CA LYS B 236 19.75 9.77 -48.64
C LYS B 236 20.45 10.13 -47.32
N ALA B 237 20.50 9.18 -46.40
CA ALA B 237 21.14 9.38 -45.11
C ALA B 237 22.64 9.69 -45.26
N THR B 238 23.26 9.08 -46.27
CA THR B 238 24.71 9.24 -46.46
C THR B 238 25.07 10.59 -47.08
N TYR B 239 24.28 11.03 -48.06
CA TYR B 239 24.67 12.18 -48.88
C TYR B 239 23.73 13.39 -48.87
N LYS B 240 22.47 13.19 -48.49
CA LYS B 240 21.47 14.24 -48.60
C LYS B 240 21.13 14.89 -47.26
N GLU B 241 20.90 16.21 -47.30
CA GLU B 241 20.48 16.97 -46.14
C GLU B 241 18.97 16.85 -45.96
N PRO B 242 18.51 16.72 -44.69
CA PRO B 242 17.07 16.72 -44.41
C PRO B 242 16.44 18.06 -44.78
N ASN B 243 15.16 18.02 -45.13
CA ASN B 243 14.38 19.24 -45.30
C ASN B 243 14.15 19.90 -43.95
N TYR B 244 14.85 21.00 -43.69
CA TYR B 244 14.73 21.70 -42.42
C TYR B 244 13.59 22.73 -42.37
N ALA B 245 12.95 22.95 -43.51
CA ALA B 245 11.82 23.89 -43.62
C ALA B 245 10.54 23.20 -44.11
N PRO B 250 8.47 24.61 -38.77
CA PRO B 250 8.52 25.82 -37.95
C PRO B 250 9.36 25.62 -36.68
N LEU B 251 10.64 25.29 -36.88
CA LEU B 251 11.58 25.03 -35.79
C LEU B 251 12.42 26.27 -35.49
N THR B 252 12.81 26.45 -34.23
CA THR B 252 13.71 27.52 -33.83
C THR B 252 15.12 27.27 -34.39
N PRO B 253 15.85 28.35 -34.74
CA PRO B 253 17.24 28.22 -35.20
C PRO B 253 18.10 27.27 -34.35
N GLN B 254 17.90 27.28 -33.04
CA GLN B 254 18.72 26.47 -32.14
C GLN B 254 18.38 24.98 -32.20
N ALA B 255 17.11 24.67 -32.49
CA ALA B 255 16.70 23.29 -32.73
C ALA B 255 17.36 22.74 -33.98
N VAL B 256 17.27 23.51 -35.07
CA VAL B 256 17.93 23.16 -36.34
C VAL B 256 19.45 23.01 -36.17
N ASP B 257 20.05 23.89 -35.38
CA ASP B 257 21.48 23.80 -35.07
C ASP B 257 21.86 22.48 -34.40
N LEU B 258 21.06 22.06 -33.41
CA LEU B 258 21.30 20.80 -32.71
C LEU B 258 21.06 19.60 -33.64
N LEU B 259 19.99 19.66 -34.42
CA LEU B 259 19.70 18.60 -35.39
C LEU B 259 20.85 18.43 -36.37
N LYS B 260 21.29 19.54 -36.97
CA LYS B 260 22.42 19.53 -37.91
C LYS B 260 23.68 18.89 -37.32
N GLN B 261 23.96 19.20 -36.06
CA GLN B 261 25.08 18.63 -35.33
C GLN B 261 24.90 17.12 -35.11
N MET B 262 23.77 16.73 -34.53
CA MET B 262 23.47 15.32 -34.26
C MET B 262 23.39 14.49 -35.55
N LEU B 263 23.02 15.15 -36.64
CA LEU B 263 22.90 14.47 -37.93
C LEU B 263 24.08 14.75 -38.88
N THR B 264 25.21 15.18 -38.30
CA THR B 264 26.47 15.30 -39.03
C THR B 264 26.87 13.95 -39.61
N LYS B 265 27.12 13.91 -40.92
CA LYS B 265 27.45 12.67 -41.63
C LYS B 265 28.68 11.96 -41.05
N ASP B 266 29.73 12.73 -40.79
CA ASP B 266 30.96 12.19 -40.19
C ASP B 266 30.77 11.97 -38.69
N PRO B 267 30.80 10.71 -38.24
CA PRO B 267 30.70 10.39 -36.82
C PRO B 267 31.78 11.11 -36.00
N GLU B 268 32.98 11.25 -36.57
CA GLU B 268 34.09 11.94 -35.92
C GLU B 268 33.73 13.34 -35.46
N ARG B 269 32.93 14.02 -36.27
CA ARG B 269 32.56 15.42 -36.03
C ARG B 269 31.19 15.55 -35.35
N ARG B 270 30.49 14.42 -35.22
CA ARG B 270 29.22 14.34 -34.50
C ARG B 270 29.51 14.43 -32.99
N PRO B 271 28.75 15.28 -32.27
CA PRO B 271 29.00 15.47 -30.83
C PRO B 271 28.64 14.23 -29.99
N SER B 272 29.26 14.11 -28.81
CA SER B 272 28.90 13.05 -27.86
C SER B 272 27.58 13.42 -27.18
N ALA B 273 27.03 12.49 -26.40
CA ALA B 273 25.80 12.74 -25.65
C ALA B 273 25.99 13.83 -24.60
N ALA B 274 27.11 13.75 -23.88
CA ALA B 274 27.48 14.78 -22.91
C ALA B 274 27.60 16.16 -23.54
N GLN B 275 28.18 16.22 -24.75
CA GLN B 275 28.30 17.48 -25.48
C GLN B 275 26.91 18.04 -25.80
N VAL B 276 26.04 17.17 -26.31
CA VAL B 276 24.69 17.55 -26.71
C VAL B 276 23.89 18.18 -25.57
N LEU B 277 24.03 17.63 -24.35
CA LEU B 277 23.38 18.17 -23.15
C LEU B 277 23.70 19.65 -22.90
N HIS B 278 24.89 20.09 -23.35
CA HIS B 278 25.33 21.46 -23.11
C HIS B 278 24.76 22.47 -24.11
N HIS B 279 24.11 21.98 -25.16
CA HIS B 279 23.55 22.82 -26.22
C HIS B 279 22.58 23.89 -25.70
N GLU B 280 22.56 25.02 -26.39
CA GLU B 280 21.71 26.17 -26.05
C GLU B 280 20.20 25.86 -26.11
N TRP B 281 19.80 24.93 -27.00
CA TRP B 281 18.40 24.55 -27.18
C TRP B 281 17.72 24.06 -25.89
N PHE B 282 18.48 23.34 -25.06
CA PHE B 282 18.00 22.84 -23.77
C PHE B 282 17.89 23.94 -22.72
N LYS B 283 18.55 25.08 -22.97
CA LYS B 283 18.56 26.18 -22.02
C LYS B 283 17.35 27.11 -22.14
N GLN B 284 16.85 27.28 -23.37
CA GLN B 284 15.77 28.25 -23.64
C GLN B 284 14.34 27.69 -23.55
N ALA B 285 14.17 26.43 -23.92
CA ALA B 285 12.85 25.79 -23.96
C ALA B 285 12.29 25.52 -22.57
N LEU C 14 8.38 30.30 10.99
CA LEU C 14 9.12 29.00 11.00
C LEU C 14 10.12 28.91 9.85
N TYR C 15 11.40 28.86 10.21
CA TYR C 15 12.48 28.70 9.24
C TYR C 15 12.93 27.24 9.14
N PHE C 16 13.29 26.83 7.94
CA PHE C 16 13.81 25.49 7.68
C PHE C 16 15.31 25.57 7.43
N GLN C 17 16.07 24.66 8.05
CA GLN C 17 17.51 24.63 7.87
C GLN C 17 17.88 24.06 6.50
N GLY C 18 18.00 24.97 5.52
CA GLY C 18 18.38 24.62 4.14
C GLY C 18 17.64 25.42 3.08
N THR C 19 17.60 24.89 1.86
CA THR C 19 16.87 25.51 0.74
C THR C 19 15.89 24.50 0.15
N ILE C 20 15.06 24.95 -0.81
CA ILE C 20 14.09 24.07 -1.46
C ILE C 20 14.71 22.82 -2.06
N ASP C 21 15.93 22.97 -2.57
CA ASP C 21 16.69 21.85 -3.16
C ASP C 21 16.97 20.73 -2.16
N ASP C 22 17.08 21.09 -0.89
CA ASP C 22 17.28 20.10 0.18
C ASP C 22 15.96 19.46 0.59
N LEU C 23 14.86 20.13 0.26
CA LEU C 23 13.52 19.64 0.57
C LEU C 23 12.94 18.87 -0.60
N PHE C 24 13.17 19.37 -1.81
CA PHE C 24 12.61 18.77 -3.02
C PHE C 24 13.67 18.50 -4.08
N ILE C 25 13.50 17.39 -4.80
CA ILE C 25 14.23 17.16 -6.04
C ILE C 25 13.36 17.71 -7.17
N PHE C 26 13.84 18.76 -7.83
CA PHE C 26 13.14 19.30 -8.98
C PHE C 26 13.41 18.42 -10.20
N LYS C 27 12.39 17.66 -10.59
CA LYS C 27 12.56 16.64 -11.63
C LYS C 27 12.43 17.17 -13.06
N ARG C 28 11.41 17.99 -13.32
CA ARG C 28 11.23 18.59 -14.64
C ARG C 28 10.29 19.80 -14.65
N LYS C 29 10.55 20.71 -15.59
CA LYS C 29 9.72 21.89 -15.81
C LYS C 29 8.49 21.50 -16.63
N LEU C 30 7.32 21.75 -16.07
CA LEU C 30 6.05 21.50 -16.75
C LEU C 30 5.65 22.73 -17.57
N GLY C 31 5.98 23.92 -17.07
CA GLY C 31 5.71 25.18 -17.76
C GLY C 31 6.34 26.41 -17.09
N SER C 32 6.04 27.58 -17.64
CA SER C 32 6.52 28.86 -17.11
C SER C 32 5.61 30.01 -17.52
N GLY C 33 5.64 31.09 -16.74
CA GLY C 33 4.80 32.26 -17.00
C GLY C 33 5.61 33.51 -17.31
N PHE C 35 4.08 35.22 -12.45
CA PHE C 35 5.21 34.82 -13.28
C PHE C 35 6.18 33.89 -12.55
N GLY C 36 6.49 32.76 -13.19
CA GLY C 36 7.40 31.76 -12.62
C GLY C 36 7.10 30.34 -13.08
N ASP C 37 8.11 29.46 -12.98
CA ASP C 37 8.02 28.10 -13.51
C ASP C 37 7.09 27.18 -12.71
N VAL C 38 6.67 26.10 -13.35
CA VAL C 38 5.94 25.01 -12.72
C VAL C 38 6.77 23.73 -12.86
N HIS C 39 6.99 23.02 -11.75
CA HIS C 39 7.84 21.84 -11.74
C HIS C 39 7.19 20.60 -11.15
N LEU C 40 7.37 19.45 -11.83
CA LEU C 40 7.14 18.16 -11.20
C LEU C 40 8.27 17.92 -10.21
N VAL C 41 7.90 17.48 -9.00
CA VAL C 41 8.81 17.46 -7.87
C VAL C 41 8.70 16.17 -7.04
N GLU C 42 9.81 15.76 -6.45
CA GLU C 42 9.80 14.69 -5.46
C GLU C 42 10.28 15.24 -4.12
N GLU C 43 9.49 14.99 -3.08
CA GLU C 43 9.86 15.38 -1.72
C GLU C 43 10.92 14.41 -1.19
N ARG C 44 12.04 14.95 -0.71
CA ARG C 44 13.17 14.11 -0.29
C ARG C 44 12.89 13.21 0.91
N SER C 45 12.07 13.67 1.84
CA SER C 45 11.80 12.93 3.08
C SER C 45 10.87 11.73 2.88
N SER C 46 9.78 11.94 2.14
CA SER C 46 8.77 10.91 1.94
C SER C 46 8.89 10.22 0.59
N GLY C 47 9.55 10.88 -0.36
CA GLY C 47 9.66 10.37 -1.73
C GLY C 47 8.37 10.55 -2.50
N LEU C 48 7.46 11.37 -1.95
CA LEU C 48 6.17 11.62 -2.56
C LEU C 48 6.29 12.68 -3.65
N GLU C 49 5.68 12.39 -4.78
CA GLU C 49 5.60 13.31 -5.91
C GLU C 49 4.70 14.49 -5.58
N ARG C 50 5.15 15.68 -5.95
CA ARG C 50 4.33 16.90 -5.83
C ARG C 50 4.53 17.80 -7.05
N VAL C 51 3.72 18.84 -7.15
CA VAL C 51 3.95 19.90 -8.14
C VAL C 51 4.21 21.23 -7.44
N ILE C 52 5.26 21.94 -7.86
CA ILE C 52 5.59 23.24 -7.30
C ILE C 52 5.45 24.36 -8.33
N LYS C 53 4.63 25.34 -8.00
CA LYS C 53 4.53 26.59 -8.75
C LYS C 53 5.42 27.63 -8.08
N THR C 54 6.47 28.05 -8.79
CA THR C 54 7.39 29.08 -8.31
C THR C 54 6.90 30.47 -8.69
N ILE C 55 6.69 31.32 -7.68
CA ILE C 55 6.27 32.70 -7.88
C ILE C 55 7.46 33.63 -7.66
N ASN C 56 8.00 34.18 -8.75
CA ASN C 56 9.07 35.18 -8.66
C ASN C 56 8.53 36.47 -8.06
N LYS C 57 8.96 36.78 -6.83
CA LYS C 57 8.50 37.97 -6.12
C LYS C 57 8.97 39.27 -6.78
N ASP C 58 9.86 39.15 -7.78
CA ASP C 58 10.31 40.27 -8.61
C ASP C 58 9.15 41.06 -9.19
N ARG C 59 8.22 40.34 -9.82
CA ARG C 59 7.14 40.95 -10.60
C ARG C 59 5.97 41.47 -9.75
N SER C 60 6.12 41.42 -8.42
CA SER C 60 5.08 41.85 -7.50
C SER C 60 4.83 43.36 -7.58
N GLN C 61 3.89 43.77 -8.42
CA GLN C 61 3.52 45.17 -8.57
C GLN C 61 2.48 45.62 -7.52
N VAL C 62 2.17 44.71 -6.61
CA VAL C 62 1.37 45.00 -5.42
C VAL C 62 2.13 44.44 -4.22
N PRO C 63 2.05 45.12 -3.05
CA PRO C 63 2.78 44.68 -1.85
C PRO C 63 2.54 43.22 -1.49
N MET C 64 3.60 42.53 -1.04
CA MET C 64 3.56 41.09 -0.79
C MET C 64 2.56 40.68 0.31
N GLU C 65 2.15 41.63 1.13
CA GLU C 65 1.18 41.40 2.20
C GLU C 65 -0.18 40.94 1.68
N GLN C 66 -0.63 41.57 0.58
CA GLN C 66 -1.90 41.22 -0.05
C GLN C 66 -1.80 39.94 -0.90
N ILE C 67 -0.57 39.57 -1.27
CA ILE C 67 -0.30 38.34 -2.02
C ILE C 67 -0.13 37.15 -1.07
N GLU C 68 0.58 37.36 0.03
CA GLU C 68 0.76 36.34 1.06
C GLU C 68 -0.59 35.91 1.63
N ALA C 69 -1.49 36.89 1.78
CA ALA C 69 -2.85 36.64 2.26
C ALA C 69 -3.70 35.92 1.22
N GLU C 70 -3.64 36.37 -0.03
CA GLU C 70 -4.45 35.79 -1.11
C GLU C 70 -4.10 34.32 -1.38
N ILE C 71 -2.80 33.99 -1.29
CA ILE C 71 -2.34 32.60 -1.40
C ILE C 71 -2.72 31.80 -0.15
N GLU C 72 -2.63 32.45 1.01
CA GLU C 72 -3.04 31.84 2.29
C GLU C 72 -4.47 31.29 2.20
N VAL C 73 -5.37 32.05 1.59
CA VAL C 73 -6.76 31.63 1.45
C VAL C 73 -6.97 30.55 0.37
N LEU C 74 -6.16 30.57 -0.69
CA LEU C 74 -6.21 29.53 -1.72
C LEU C 74 -5.78 28.17 -1.16
N LYS C 75 -4.87 28.21 -0.20
CA LYS C 75 -4.39 27.03 0.51
C LYS C 75 -5.50 26.42 1.37
N SER C 76 -6.34 27.28 1.94
CA SER C 76 -7.44 26.85 2.81
C SER C 76 -8.57 26.16 2.05
N LEU C 77 -8.58 26.35 0.73
CA LEU C 77 -9.55 25.72 -0.16
C LEU C 77 -9.45 24.19 -0.10
N ASP C 78 -10.35 23.62 0.68
CA ASP C 78 -10.47 22.18 0.83
C ASP C 78 -11.74 21.71 0.12
N HIS C 79 -11.57 21.16 -1.08
CA HIS C 79 -12.70 20.68 -1.89
C HIS C 79 -12.21 19.58 -2.84
N PRO C 80 -13.04 18.54 -3.06
CA PRO C 80 -12.62 17.43 -3.93
C PRO C 80 -12.37 17.81 -5.39
N ASN C 81 -12.77 19.02 -5.78
CA ASN C 81 -12.57 19.48 -7.16
C ASN C 81 -11.74 20.76 -7.26
N ILE C 82 -11.06 21.09 -6.16
CA ILE C 82 -10.07 22.16 -6.19
C ILE C 82 -8.73 21.50 -5.88
N ILE C 83 -7.69 21.97 -6.56
CA ILE C 83 -6.33 21.48 -6.34
C ILE C 83 -5.94 21.68 -4.88
N LYS C 84 -5.29 20.66 -4.31
CA LYS C 84 -4.82 20.73 -2.93
C LYS C 84 -3.42 21.32 -2.89
N ILE C 85 -3.30 22.43 -2.16
CA ILE C 85 -2.01 23.01 -1.82
C ILE C 85 -1.65 22.52 -0.43
N PHE C 86 -0.47 21.93 -0.29
CA PHE C 86 -0.02 21.40 1.00
C PHE C 86 0.72 22.46 1.80
N GLU C 87 1.77 23.01 1.21
CA GLU C 87 2.68 23.92 1.89
C GLU C 87 3.05 25.05 0.96
N VAL C 88 3.30 26.23 1.52
CA VAL C 88 3.86 27.36 0.77
C VAL C 88 5.19 27.79 1.41
N PHE C 89 6.27 27.71 0.64
CA PHE C 89 7.60 28.07 1.11
C PHE C 89 8.11 29.35 0.46
N GLU C 90 8.99 30.07 1.17
CA GLU C 90 9.48 31.35 0.71
C GLU C 90 10.96 31.55 1.03
N ASP C 91 11.71 32.05 0.06
CA ASP C 91 13.05 32.58 0.30
C ASP C 91 13.08 34.06 -0.08
N TYR C 92 14.28 34.64 -0.16
CA TYR C 92 14.45 36.06 -0.45
C TYR C 92 13.88 36.46 -1.82
N HIS C 93 14.08 35.60 -2.82
CA HIS C 93 13.71 35.92 -4.20
C HIS C 93 12.29 35.50 -4.60
N ASN C 94 11.88 34.28 -4.24
CA ASN C 94 10.60 33.74 -4.73
C ASN C 94 9.85 32.81 -3.77
N MET C 95 8.55 32.61 -4.06
CA MET C 95 7.67 31.74 -3.28
C MET C 95 7.44 30.40 -3.98
N TYR C 96 7.18 29.36 -3.18
CA TYR C 96 6.98 28.01 -3.71
C TYR C 96 5.68 27.38 -3.22
N ILE C 97 4.68 27.35 -4.10
CA ILE C 97 3.39 26.72 -3.81
C ILE C 97 3.49 25.22 -4.09
N VAL C 98 3.49 24.42 -3.02
CA VAL C 98 3.60 22.97 -3.14
C VAL C 98 2.20 22.36 -3.20
N MET C 99 1.92 21.67 -4.32
CA MET C 99 0.59 21.10 -4.54
C MET C 99 0.61 19.62 -4.92
N GLU C 100 -0.56 18.97 -4.80
CA GLU C 100 -0.74 17.59 -5.23
C GLU C 100 -0.58 17.47 -6.75
N THR C 101 -0.21 16.28 -7.20
CA THR C 101 -0.01 16.02 -8.62
C THR C 101 -1.30 15.48 -9.25
N CYS C 102 -1.62 15.97 -10.45
CA CYS C 102 -2.70 15.40 -11.25
C CYS C 102 -2.10 14.62 -12.40
N GLU C 103 -2.70 13.47 -12.70
CA GLU C 103 -2.09 12.54 -13.64
C GLU C 103 -2.91 12.35 -14.91
N GLY C 104 -4.08 12.99 -14.98
CA GLY C 104 -5.00 12.76 -16.08
C GLY C 104 -5.05 13.81 -17.16
N GLY C 105 -4.18 14.81 -17.07
CA GLY C 105 -4.08 15.88 -18.07
C GLY C 105 -5.16 16.93 -17.98
N GLU C 106 -5.16 17.85 -18.94
CA GLU C 106 -6.08 18.99 -18.97
C GLU C 106 -7.41 18.59 -19.57
N LEU C 107 -8.48 19.28 -19.15
CA LEU C 107 -9.81 19.08 -19.71
C LEU C 107 -9.83 19.34 -21.23
N LEU C 108 -8.93 20.21 -21.68
CA LEU C 108 -8.77 20.52 -23.10
C LEU C 108 -8.52 19.28 -23.94
N GLU C 109 -7.66 18.37 -23.45
CA GLU C 109 -7.36 17.13 -24.17
C GLU C 109 -8.59 16.27 -24.46
N ARG C 110 -9.54 16.23 -23.52
CA ARG C 110 -10.79 15.48 -23.72
C ARG C 110 -11.70 16.14 -24.76
N ILE C 111 -11.68 17.47 -24.82
CA ILE C 111 -12.43 18.22 -25.83
C ILE C 111 -11.80 18.07 -27.21
N VAL C 112 -10.48 18.21 -27.26
CA VAL C 112 -9.73 18.07 -28.51
C VAL C 112 -9.85 16.64 -29.08
N SER C 113 -9.75 15.64 -28.21
CA SER C 113 -9.89 14.24 -28.63
C SER C 113 -11.30 13.92 -29.13
N ALA C 114 -12.28 14.69 -28.68
CA ALA C 114 -13.66 14.50 -29.09
C ALA C 114 -13.90 14.95 -30.54
N GLN C 115 -13.43 16.14 -30.89
CA GLN C 115 -13.54 16.66 -32.25
C GLN C 115 -12.67 15.89 -33.24
N ALA C 116 -11.49 15.47 -32.79
CA ALA C 116 -10.57 14.66 -33.61
C ALA C 116 -11.12 13.28 -33.91
N ARG C 117 -11.78 12.66 -32.92
CA ARG C 117 -12.40 11.33 -33.11
C ARG C 117 -13.71 11.43 -33.90
N GLY C 118 -14.14 12.65 -34.18
CA GLY C 118 -15.34 12.92 -34.98
C GLY C 118 -16.62 12.58 -34.23
N LYS C 119 -16.61 12.84 -32.93
CA LYS C 119 -17.74 12.53 -32.07
C LYS C 119 -18.05 13.69 -31.13
N ALA C 120 -18.97 13.46 -30.20
CA ALA C 120 -19.38 14.47 -29.24
C ALA C 120 -19.23 13.96 -27.81
N LEU C 121 -19.21 14.88 -26.86
CA LEU C 121 -19.32 14.54 -25.45
C LEU C 121 -20.79 14.50 -25.07
N SER C 122 -21.18 13.46 -24.32
CA SER C 122 -22.54 13.27 -23.87
C SER C 122 -22.97 14.41 -22.95
N GLU C 123 -24.27 14.74 -22.98
CA GLU C 123 -24.83 15.69 -22.04
C GLU C 123 -24.75 15.18 -20.62
N GLY C 124 -24.86 13.86 -20.46
CA GLY C 124 -24.79 13.21 -19.16
C GLY C 124 -23.42 13.34 -18.52
N TYR C 125 -22.39 13.03 -19.31
CA TYR C 125 -21.01 13.13 -18.88
C TYR C 125 -20.62 14.58 -18.59
N VAL C 126 -21.06 15.48 -19.46
CA VAL C 126 -20.76 16.90 -19.31
C VAL C 126 -21.50 17.50 -18.11
N ALA C 127 -22.76 17.09 -17.92
CA ALA C 127 -23.53 17.52 -16.76
C ALA C 127 -22.79 17.17 -15.48
N GLU C 128 -22.29 15.94 -15.41
CA GLU C 128 -21.58 15.44 -14.25
C GLU C 128 -20.29 16.23 -14.01
N LEU C 129 -19.62 16.57 -15.09
CA LEU C 129 -18.40 17.38 -15.04
C LEU C 129 -18.72 18.81 -14.59
N MET C 130 -19.83 19.36 -15.09
CA MET C 130 -20.25 20.70 -14.70
C MET C 130 -20.73 20.72 -13.26
N LYS C 131 -21.25 19.59 -12.80
CA LYS C 131 -21.70 19.43 -11.41
C LYS C 131 -20.53 19.61 -10.45
N GLN C 132 -19.42 18.95 -10.75
CA GLN C 132 -18.19 19.07 -9.95
C GLN C 132 -17.65 20.49 -10.01
N MET C 133 -17.63 21.05 -11.21
CA MET C 133 -17.09 22.38 -11.46
C MET C 133 -17.84 23.47 -10.69
N MET C 134 -19.17 23.46 -10.81
CA MET C 134 -19.99 24.49 -10.16
C MET C 134 -20.01 24.34 -8.64
N ASN C 135 -19.91 23.10 -8.15
CA ASN C 135 -19.75 22.84 -6.73
C ASN C 135 -18.47 23.47 -6.20
N ALA C 136 -17.39 23.34 -6.97
CA ALA C 136 -16.12 23.96 -6.61
C ALA C 136 -16.27 25.49 -6.57
N LEU C 137 -16.90 26.04 -7.61
CA LEU C 137 -17.14 27.48 -7.71
C LEU C 137 -18.00 28.00 -6.57
N ALA C 138 -19.04 27.23 -6.20
CA ALA C 138 -19.89 27.57 -5.07
C ALA C 138 -19.06 27.65 -3.79
N TYR C 139 -18.12 26.72 -3.64
CA TYR C 139 -17.29 26.63 -2.45
C TYR C 139 -16.30 27.79 -2.31
N PHE C 140 -15.48 28.01 -3.34
CA PHE C 140 -14.48 29.08 -3.23
C PHE C 140 -15.07 30.50 -3.30
N HIS C 141 -16.27 30.61 -3.87
CA HIS C 141 -17.01 31.88 -3.86
C HIS C 141 -17.50 32.20 -2.44
N SER C 142 -17.83 31.16 -1.68
CA SER C 142 -18.14 31.28 -0.25
C SER C 142 -16.93 31.79 0.51
N GLN C 143 -15.74 31.32 0.10
CA GLN C 143 -14.49 31.74 0.70
C GLN C 143 -14.00 33.06 0.10
N HIS C 144 -14.88 33.70 -0.67
CA HIS C 144 -14.66 35.03 -1.26
C HIS C 144 -13.48 35.07 -2.24
N VAL C 145 -13.30 33.99 -2.99
CA VAL C 145 -12.28 33.88 -4.02
C VAL C 145 -12.93 34.05 -5.39
N VAL C 146 -12.26 34.80 -6.26
CA VAL C 146 -12.61 34.83 -7.67
C VAL C 146 -11.45 34.22 -8.45
N HIS C 147 -11.75 33.19 -9.24
CA HIS C 147 -10.71 32.50 -10.00
C HIS C 147 -10.13 33.36 -11.12
N LYS C 148 -10.99 34.03 -11.88
CA LYS C 148 -10.56 35.02 -12.87
C LYS C 148 -9.98 34.47 -14.18
N ASP C 149 -9.67 33.18 -14.21
CA ASP C 149 -9.06 32.55 -15.39
C ASP C 149 -9.48 31.08 -15.58
N LEU C 150 -10.79 30.83 -15.54
CA LEU C 150 -11.33 29.49 -15.75
C LEU C 150 -11.35 29.15 -17.23
N LYS C 151 -10.91 27.93 -17.55
CA LYS C 151 -10.79 27.44 -18.92
C LYS C 151 -10.33 25.97 -18.90
N PRO C 152 -10.54 25.23 -20.01
CA PRO C 152 -10.21 23.80 -20.08
C PRO C 152 -8.76 23.46 -19.71
N GLU C 153 -7.81 24.31 -20.06
CA GLU C 153 -6.41 24.05 -19.71
C GLU C 153 -6.09 24.30 -18.23
N ASN C 154 -7.01 24.95 -17.51
CA ASN C 154 -6.87 25.17 -16.08
C ASN C 154 -7.76 24.23 -15.25
N ILE C 155 -8.31 23.22 -15.93
CA ILE C 155 -9.08 22.19 -15.27
C ILE C 155 -8.42 20.85 -15.58
N LEU C 156 -7.94 20.16 -14.54
CA LEU C 156 -7.24 18.88 -14.71
C LEU C 156 -8.01 17.67 -14.19
N PHE C 157 -7.79 16.53 -14.83
CA PHE C 157 -8.21 15.23 -14.32
C PHE C 157 -7.18 14.68 -13.35
N GLN C 158 -7.64 14.15 -12.22
CA GLN C 158 -6.76 13.55 -11.22
C GLN C 158 -6.06 12.31 -11.77
N ASP C 159 -6.80 11.46 -12.51
CA ASP C 159 -6.23 10.29 -13.16
C ASP C 159 -6.73 10.12 -14.60
N THR C 160 -6.35 9.00 -15.22
CA THR C 160 -6.61 8.77 -16.64
C THR C 160 -7.85 7.95 -16.96
N SER C 161 -8.59 7.57 -15.91
CA SER C 161 -9.84 6.82 -16.08
C SER C 161 -10.92 7.70 -16.70
N PRO C 162 -11.86 7.12 -17.48
CA PRO C 162 -12.93 7.91 -18.11
C PRO C 162 -13.70 8.76 -17.09
N HIS C 163 -13.95 8.18 -15.92
CA HIS C 163 -14.74 8.82 -14.87
C HIS C 163 -13.89 9.62 -13.88
N SER C 164 -12.70 10.06 -14.30
CA SER C 164 -11.82 10.80 -13.41
C SER C 164 -12.50 12.06 -12.89
N PRO C 165 -12.38 12.33 -11.57
CA PRO C 165 -12.89 13.59 -11.07
C PRO C 165 -12.06 14.77 -11.58
N ILE C 166 -12.64 15.96 -11.49
CA ILE C 166 -12.07 17.18 -12.01
C ILE C 166 -11.35 17.95 -10.90
N LYS C 167 -10.31 18.70 -11.27
CA LYS C 167 -9.63 19.58 -10.33
C LYS C 167 -9.19 20.91 -10.94
N ILE C 168 -9.69 22.00 -10.35
CA ILE C 168 -9.42 23.34 -10.84
C ILE C 168 -8.06 23.83 -10.35
N ILE C 169 -7.22 24.26 -11.28
CA ILE C 169 -5.88 24.76 -10.95
C ILE C 169 -5.69 26.21 -11.40
N ASP C 170 -4.47 26.71 -11.23
CA ASP C 170 -4.04 27.99 -11.78
C ASP C 170 -5.03 29.14 -11.51
N PHE C 171 -5.39 29.31 -10.25
CA PHE C 171 -6.18 30.45 -9.81
C PHE C 171 -5.46 31.75 -10.18
N GLY C 172 -6.22 32.71 -10.69
CA GLY C 172 -5.66 33.91 -11.29
C GLY C 172 -5.09 34.89 -10.28
N LEU C 173 -3.82 35.24 -10.48
CA LEU C 173 -3.13 36.24 -9.66
C LEU C 173 -2.47 37.29 -10.56
N ALA C 174 -2.73 37.18 -11.87
CA ALA C 174 -2.04 37.97 -12.91
C ALA C 174 -2.13 39.49 -12.73
N GLU C 175 -3.31 39.97 -12.34
CA GLU C 175 -3.55 41.41 -12.13
C GLU C 175 -2.54 42.03 -11.15
N LEU C 176 -1.91 41.17 -10.35
CA LEU C 176 -0.95 41.61 -9.34
C LEU C 176 0.51 41.46 -9.80
N PHE C 177 0.70 41.22 -11.10
CA PHE C 177 2.05 41.03 -11.68
C PHE C 177 2.32 41.79 -12.98
N LYS C 178 1.36 42.61 -13.41
CA LYS C 178 1.42 43.27 -14.73
C LYS C 178 2.62 44.20 -14.86
N ALA C 186 -2.86 37.42 -26.66
CA ALA C 186 -3.89 38.46 -26.73
C ALA C 186 -5.25 37.91 -27.18
N ALA C 187 -5.34 37.51 -28.45
CA ALA C 187 -6.59 37.01 -29.05
C ALA C 187 -7.11 35.77 -28.32
N GLY C 188 -6.20 34.84 -28.01
CA GLY C 188 -6.54 33.60 -27.32
C GLY C 188 -6.89 33.79 -25.86
N THR C 189 -6.36 34.85 -25.25
CA THR C 189 -6.56 35.12 -23.82
C THR C 189 -8.01 35.51 -23.46
N ALA C 190 -8.66 36.25 -24.35
CA ALA C 190 -9.98 36.80 -24.08
C ALA C 190 -11.16 35.83 -24.32
N LEU C 191 -10.86 34.64 -24.82
CA LEU C 191 -11.88 33.66 -25.22
C LEU C 191 -12.86 33.23 -24.13
N TYR C 192 -12.45 33.39 -22.86
CA TYR C 192 -13.25 32.93 -21.73
C TYR C 192 -13.62 34.10 -20.82
N MET C 193 -13.32 35.30 -21.28
CA MET C 193 -13.46 36.51 -20.50
C MET C 193 -14.86 37.09 -20.62
N ALA C 194 -15.48 37.35 -19.46
CA ALA C 194 -16.77 38.02 -19.40
C ALA C 194 -16.68 39.46 -19.92
N PRO C 195 -17.74 39.95 -20.57
CA PRO C 195 -17.71 41.29 -21.18
C PRO C 195 -17.35 42.40 -20.18
N GLU C 196 -17.85 42.29 -18.95
CA GLU C 196 -17.60 43.29 -17.91
C GLU C 196 -16.12 43.34 -17.47
N VAL C 197 -15.40 42.23 -17.65
CA VAL C 197 -13.98 42.14 -17.28
C VAL C 197 -13.13 43.08 -18.12
N PHE C 198 -13.51 43.26 -19.39
CA PHE C 198 -12.81 44.18 -20.30
C PHE C 198 -12.84 45.62 -19.77
N LYS C 199 -13.86 45.94 -18.98
CA LYS C 199 -13.98 47.24 -18.32
C LYS C 199 -13.39 47.22 -16.91
N ARG C 200 -12.61 46.18 -16.62
CA ARG C 200 -11.91 46.00 -15.33
C ARG C 200 -12.84 45.75 -14.13
N ASP C 201 -14.07 45.32 -14.41
CA ASP C 201 -15.01 44.97 -13.36
C ASP C 201 -14.89 43.48 -13.04
N VAL C 202 -13.99 43.15 -12.11
CA VAL C 202 -13.74 41.76 -11.74
C VAL C 202 -14.58 41.33 -10.52
N THR C 203 -15.57 40.49 -10.79
CA THR C 203 -16.46 39.94 -9.78
C THR C 203 -16.57 38.42 -9.94
N PHE C 204 -17.04 37.74 -8.91
CA PHE C 204 -17.20 36.27 -8.95
C PHE C 204 -18.10 35.82 -10.10
N LYS C 205 -18.90 36.73 -10.62
CA LYS C 205 -19.83 36.44 -11.71
C LYS C 205 -19.13 36.19 -13.04
N CYS C 206 -17.87 36.63 -13.15
CA CYS C 206 -17.07 36.34 -14.33
C CYS C 206 -16.69 34.86 -14.38
N ASP C 207 -16.54 34.24 -13.21
CA ASP C 207 -16.32 32.79 -13.08
C ASP C 207 -17.48 31.99 -13.67
N ILE C 208 -18.70 32.47 -13.42
CA ILE C 208 -19.92 31.85 -13.95
C ILE C 208 -19.94 31.91 -15.48
N TRP C 209 -19.59 33.08 -16.03
CA TRP C 209 -19.45 33.27 -17.47
C TRP C 209 -18.46 32.27 -18.05
N SER C 210 -17.24 32.28 -17.52
CA SER C 210 -16.17 31.39 -17.97
C SER C 210 -16.57 29.91 -17.87
N ALA C 211 -17.27 29.56 -16.80
CA ALA C 211 -17.81 28.21 -16.64
C ALA C 211 -18.77 27.86 -17.77
N GLY C 212 -19.63 28.83 -18.10
CA GLY C 212 -20.60 28.69 -19.18
C GLY C 212 -19.98 28.55 -20.55
N VAL C 213 -18.85 29.22 -20.77
CA VAL C 213 -18.11 29.09 -22.03
C VAL C 213 -17.51 27.68 -22.11
N VAL C 214 -16.94 27.21 -21.00
CA VAL C 214 -16.45 25.82 -20.90
C VAL C 214 -17.58 24.86 -21.27
N MET C 215 -18.75 25.07 -20.67
CA MET C 215 -19.92 24.22 -20.89
C MET C 215 -20.31 24.17 -22.38
N TYR C 216 -20.39 25.35 -22.99
CA TYR C 216 -20.71 25.48 -24.42
C TYR C 216 -19.69 24.71 -25.26
N PHE C 217 -18.43 24.88 -24.89
CA PHE C 217 -17.30 24.23 -25.58
C PHE C 217 -17.36 22.70 -25.45
N LEU C 218 -17.71 22.22 -24.27
CA LEU C 218 -17.85 20.78 -24.02
C LEU C 218 -18.97 20.16 -24.85
N LEU C 219 -20.06 20.90 -24.97
CA LEU C 219 -21.30 20.39 -25.57
C LEU C 219 -21.38 20.51 -27.09
N THR C 220 -20.70 21.51 -27.64
CA THR C 220 -20.76 21.77 -29.09
C THR C 220 -19.47 21.42 -29.82
N GLY C 221 -18.34 21.47 -29.11
CA GLY C 221 -17.03 21.34 -29.74
C GLY C 221 -16.53 22.65 -30.30
N CYS C 222 -17.31 23.72 -30.12
CA CYS C 222 -16.97 25.06 -30.60
C CYS C 222 -16.95 26.05 -29.45
N LEU C 223 -16.23 27.16 -29.65
CA LEU C 223 -16.27 28.28 -28.71
C LEU C 223 -17.32 29.29 -29.14
N PRO C 224 -18.08 29.85 -28.18
CA PRO C 224 -19.22 30.71 -28.50
C PRO C 224 -18.85 32.03 -29.19
N PHE C 225 -17.64 32.52 -28.95
CA PHE C 225 -17.20 33.79 -29.52
C PHE C 225 -15.77 33.65 -30.05
N THR C 226 -15.64 33.36 -31.34
CA THR C 226 -14.32 33.16 -31.96
C THR C 226 -13.92 34.37 -32.78
N GLY C 227 -12.61 34.54 -32.97
CA GLY C 227 -12.09 35.64 -33.77
C GLY C 227 -10.61 35.60 -34.14
N THR C 228 -10.24 36.43 -35.11
CA THR C 228 -8.86 36.57 -35.57
C THR C 228 -8.06 37.54 -34.70
N SER C 229 -8.78 38.36 -33.93
CA SER C 229 -8.17 39.38 -33.09
C SER C 229 -8.81 39.43 -31.71
N LEU C 230 -8.15 40.11 -30.76
CA LEU C 230 -8.70 40.35 -29.42
C LEU C 230 -9.98 41.18 -29.48
N GLU C 231 -9.98 42.23 -30.31
CA GLU C 231 -11.11 43.13 -30.44
C GLU C 231 -12.35 42.41 -30.99
N GLU C 232 -12.15 41.57 -32.01
CA GLU C 232 -13.24 40.81 -32.60
C GLU C 232 -13.93 39.97 -31.53
N VAL C 233 -13.13 39.24 -30.76
CA VAL C 233 -13.64 38.40 -29.68
C VAL C 233 -14.46 39.22 -28.69
N GLN C 234 -13.90 40.33 -28.19
CA GLN C 234 -14.58 41.10 -27.14
C GLN C 234 -15.83 41.83 -27.60
N GLN C 235 -15.82 42.34 -28.84
CA GLN C 235 -17.00 42.98 -29.39
C GLN C 235 -18.09 41.96 -29.67
N LYS C 236 -17.67 40.78 -30.14
CA LYS C 236 -18.58 39.67 -30.39
C LYS C 236 -19.21 39.19 -29.08
N ALA C 237 -18.39 39.00 -28.04
CA ALA C 237 -18.87 38.54 -26.74
C ALA C 237 -19.74 39.57 -26.03
N THR C 238 -19.52 40.84 -26.35
CA THR C 238 -20.27 41.93 -25.74
C THR C 238 -21.68 42.06 -26.34
N TYR C 239 -21.80 41.88 -27.66
CA TYR C 239 -23.05 42.23 -28.35
C TYR C 239 -23.79 41.09 -29.06
N LYS C 240 -23.07 40.06 -29.47
CA LYS C 240 -23.67 38.96 -30.23
C LYS C 240 -24.08 37.78 -29.35
N GLU C 241 -25.23 37.21 -29.64
CA GLU C 241 -25.65 35.95 -29.05
C GLU C 241 -24.92 34.82 -29.77
N PRO C 242 -24.45 33.81 -29.03
CA PRO C 242 -23.73 32.70 -29.68
C PRO C 242 -24.64 31.83 -30.53
N ASN C 243 -24.08 31.22 -31.58
CA ASN C 243 -24.78 30.25 -32.39
C ASN C 243 -25.15 29.02 -31.54
N TYR C 244 -26.40 28.58 -31.63
CA TYR C 244 -26.82 27.37 -30.92
C TYR C 244 -27.11 26.21 -31.87
N ALA C 245 -27.38 26.55 -33.13
CA ALA C 245 -27.75 25.57 -34.16
C ALA C 245 -26.64 24.57 -34.49
N VAL C 246 -25.58 25.04 -35.14
CA VAL C 246 -24.51 24.17 -35.67
C VAL C 246 -23.90 23.24 -34.63
N PRO C 250 -26.58 20.87 -31.54
CA PRO C 250 -27.57 19.80 -31.42
C PRO C 250 -27.98 19.54 -29.97
N LEU C 251 -28.16 20.61 -29.20
CA LEU C 251 -28.40 20.51 -27.76
C LEU C 251 -29.87 20.51 -27.34
N THR C 252 -30.12 19.95 -26.15
CA THR C 252 -31.46 19.91 -25.55
C THR C 252 -31.89 21.31 -25.09
N PRO C 253 -33.22 21.52 -24.93
CA PRO C 253 -33.71 22.85 -24.55
C PRO C 253 -33.22 23.31 -23.17
N GLN C 254 -33.26 22.41 -22.18
CA GLN C 254 -32.81 22.74 -20.82
C GLN C 254 -31.32 23.09 -20.77
N ALA C 255 -30.54 22.49 -21.67
CA ALA C 255 -29.11 22.78 -21.80
C ALA C 255 -28.88 24.19 -22.33
N VAL C 256 -29.65 24.57 -23.35
CA VAL C 256 -29.59 25.88 -23.96
C VAL C 256 -30.03 26.96 -22.97
N ASP C 257 -31.10 26.67 -22.22
CA ASP C 257 -31.63 27.60 -21.21
C ASP C 257 -30.57 27.99 -20.19
N LEU C 258 -29.87 26.99 -19.66
CA LEU C 258 -28.81 27.21 -18.67
C LEU C 258 -27.64 27.97 -19.29
N LEU C 259 -27.29 27.63 -20.53
CA LEU C 259 -26.24 28.34 -21.25
C LEU C 259 -26.59 29.82 -21.42
N LYS C 260 -27.80 30.09 -21.90
CA LYS C 260 -28.30 31.46 -22.07
C LYS C 260 -28.30 32.24 -20.75
N GLN C 261 -28.48 31.51 -19.64
CA GLN C 261 -28.42 32.12 -18.31
C GLN C 261 -26.99 32.45 -17.90
N MET C 262 -26.08 31.49 -18.06
CA MET C 262 -24.69 31.64 -17.66
C MET C 262 -23.94 32.63 -18.55
N LEU C 263 -24.44 32.84 -19.76
CA LEU C 263 -23.80 33.72 -20.74
C LEU C 263 -24.54 35.03 -20.91
N THR C 264 -25.31 35.42 -19.90
CA THR C 264 -25.98 36.71 -19.90
C THR C 264 -24.90 37.80 -19.82
N LYS C 265 -24.94 38.72 -20.78
CA LYS C 265 -23.92 39.75 -20.93
C LYS C 265 -23.82 40.63 -19.69
N ASP C 266 -24.96 40.83 -19.03
CA ASP C 266 -25.05 41.68 -17.84
C ASP C 266 -24.78 40.85 -16.58
N PRO C 267 -23.67 41.15 -15.87
CA PRO C 267 -23.26 40.40 -14.67
C PRO C 267 -24.31 40.42 -13.55
N GLU C 268 -25.05 41.52 -13.43
CA GLU C 268 -26.06 41.69 -12.38
C GLU C 268 -27.14 40.60 -12.47
N ARG C 269 -27.51 40.23 -13.69
CA ARG C 269 -28.59 39.27 -13.93
C ARG C 269 -28.11 37.83 -14.13
N ARG C 270 -26.80 37.68 -14.34
CA ARG C 270 -26.17 36.36 -14.40
C ARG C 270 -26.33 35.67 -13.04
N PRO C 271 -26.62 34.34 -13.04
CA PRO C 271 -26.83 33.67 -11.76
C PRO C 271 -25.53 33.35 -11.01
N SER C 272 -25.65 33.09 -9.70
CA SER C 272 -24.53 32.66 -8.88
C SER C 272 -24.29 31.17 -9.10
N ALA C 273 -23.25 30.64 -8.47
CA ALA C 273 -22.91 29.22 -8.60
C ALA C 273 -23.99 28.32 -7.98
N ALA C 274 -24.57 28.76 -6.86
CA ALA C 274 -25.60 27.98 -6.17
C ALA C 274 -26.88 27.85 -6.99
N GLN C 275 -27.22 28.90 -7.73
CA GLN C 275 -28.44 28.92 -8.54
C GLN C 275 -28.31 28.12 -9.83
N VAL C 276 -27.08 28.05 -10.35
CA VAL C 276 -26.76 27.23 -11.52
C VAL C 276 -26.99 25.76 -11.17
N LEU C 277 -26.51 25.35 -9.99
CA LEU C 277 -26.70 23.99 -9.46
C LEU C 277 -28.17 23.57 -9.34
N HIS C 278 -29.06 24.55 -9.15
CA HIS C 278 -30.49 24.29 -8.99
C HIS C 278 -31.27 24.27 -10.31
N HIS C 279 -30.54 24.35 -11.42
CA HIS C 279 -31.15 24.32 -12.75
C HIS C 279 -31.67 22.92 -13.09
N GLU C 280 -32.70 22.86 -13.94
CA GLU C 280 -33.33 21.62 -14.39
C GLU C 280 -32.36 20.68 -15.12
N TRP C 281 -31.36 21.25 -15.80
CA TRP C 281 -30.42 20.49 -16.62
C TRP C 281 -29.63 19.43 -15.85
N PHE C 282 -29.46 19.62 -14.55
CA PHE C 282 -28.79 18.63 -13.70
C PHE C 282 -29.78 17.59 -13.18
N LYS C 283 -30.74 17.22 -14.03
CA LYS C 283 -31.79 16.25 -13.68
C LYS C 283 -32.19 15.37 -14.86
N ASN D 13 18.79 29.71 4.26
CA ASN D 13 17.55 29.58 5.09
C ASN D 13 16.26 29.79 4.29
N LEU D 14 15.24 29.01 4.64
CA LEU D 14 13.97 29.00 3.92
C LEU D 14 12.81 29.23 4.90
N TYR D 15 11.92 30.16 4.56
CA TYR D 15 10.76 30.45 5.40
C TYR D 15 9.54 29.63 4.97
N PHE D 16 8.79 29.16 5.96
CA PHE D 16 7.53 28.46 5.73
C PHE D 16 6.38 29.39 6.16
N GLN D 17 5.30 29.40 5.38
CA GLN D 17 4.13 30.20 5.73
C GLN D 17 3.27 29.46 6.75
N GLY D 18 3.55 29.72 8.03
CA GLY D 18 2.86 29.05 9.14
C GLY D 18 3.80 28.61 10.24
N THR D 19 3.28 27.85 11.20
CA THR D 19 4.06 27.43 12.37
C THR D 19 4.31 25.92 12.41
N ILE D 20 5.00 25.45 13.45
CA ILE D 20 5.30 24.03 13.63
C ILE D 20 4.03 23.20 13.76
N ASP D 21 2.97 23.83 14.28
CA ASP D 21 1.68 23.18 14.44
C ASP D 21 0.88 23.17 13.14
N ASP D 22 1.32 23.98 12.17
CA ASP D 22 0.73 23.96 10.83
C ASP D 22 1.32 22.87 9.96
N LEU D 23 2.49 22.36 10.35
CA LEU D 23 3.14 21.26 9.63
C LEU D 23 2.94 19.92 10.33
N PHE D 24 2.81 19.95 11.65
CA PHE D 24 2.75 18.73 12.44
C PHE D 24 1.63 18.71 13.47
N ILE D 25 0.97 17.56 13.58
CA ILE D 25 0.08 17.27 14.69
C ILE D 25 0.90 16.57 15.78
N PHE D 26 1.01 17.21 16.94
CA PHE D 26 1.73 16.66 18.07
C PHE D 26 0.80 15.71 18.83
N LYS D 27 1.11 14.42 18.77
CA LYS D 27 0.24 13.39 19.33
C LYS D 27 0.48 13.16 20.82
N ARG D 28 1.66 12.63 21.17
CA ARG D 28 1.96 12.35 22.57
C ARG D 28 3.41 12.63 22.96
N LYS D 29 3.60 13.10 24.19
CA LYS D 29 4.91 13.37 24.74
C LYS D 29 5.57 12.07 25.18
N LEU D 30 6.67 11.73 24.52
CA LEU D 30 7.41 10.52 24.84
C LEU D 30 8.37 10.76 26.01
N GLY D 31 8.82 12.00 26.16
CA GLY D 31 9.71 12.36 27.25
C GLY D 31 10.12 13.82 27.27
N SER D 32 10.78 14.21 28.36
CA SER D 32 11.29 15.56 28.54
C SER D 32 12.74 15.49 29.02
N GLY D 33 13.65 16.01 28.21
CA GLY D 33 15.07 16.09 28.57
C GLY D 33 15.41 17.35 29.32
N ALA D 34 16.70 17.59 29.50
CA ALA D 34 17.19 18.81 30.16
C ALA D 34 17.01 20.04 29.26
N PHE D 35 17.00 19.83 27.95
CA PHE D 35 16.87 20.93 27.00
C PHE D 35 15.82 20.73 25.90
N GLY D 36 14.69 20.12 26.27
CA GLY D 36 13.55 20.00 25.35
C GLY D 36 12.74 18.71 25.46
N ASP D 37 11.64 18.65 24.71
CA ASP D 37 10.73 17.51 24.73
C ASP D 37 10.96 16.58 23.54
N VAL D 38 10.42 15.36 23.65
CA VAL D 38 10.40 14.40 22.56
C VAL D 38 8.93 14.00 22.33
N HIS D 39 8.43 14.23 21.10
CA HIS D 39 7.03 13.96 20.82
C HIS D 39 6.79 12.99 19.68
N LEU D 40 5.76 12.17 19.82
CA LEU D 40 5.21 11.44 18.68
C LEU D 40 4.36 12.41 17.86
N VAL D 41 4.65 12.50 16.57
CA VAL D 41 3.95 13.46 15.73
C VAL D 41 3.40 12.84 14.45
N GLU D 42 2.45 13.55 13.86
CA GLU D 42 1.92 13.23 12.54
C GLU D 42 2.14 14.43 11.64
N GLU D 43 2.78 14.19 10.49
CA GLU D 43 2.94 15.18 9.45
C GLU D 43 1.58 15.34 8.76
N ARG D 44 1.06 16.57 8.74
CA ARG D 44 -0.30 16.83 8.21
C ARG D 44 -0.41 16.62 6.70
N SER D 45 0.66 16.90 5.97
CA SER D 45 0.70 16.77 4.51
C SER D 45 0.52 15.32 4.05
N SER D 46 1.26 14.42 4.68
CA SER D 46 1.31 13.02 4.24
C SER D 46 0.54 12.06 5.14
N GLY D 47 0.28 12.49 6.38
CA GLY D 47 -0.28 11.59 7.39
C GLY D 47 0.76 10.65 7.96
N LEU D 48 2.03 10.91 7.63
CA LEU D 48 3.13 10.06 8.07
C LEU D 48 3.55 10.37 9.52
N GLU D 49 3.92 9.30 10.23
CA GLU D 49 4.30 9.38 11.61
C GLU D 49 5.80 9.68 11.73
N ARG D 50 6.11 10.71 12.52
CA ARG D 50 7.49 11.07 12.81
C ARG D 50 7.62 11.29 14.32
N VAL D 51 8.83 11.54 14.78
CA VAL D 51 9.06 11.99 16.14
C VAL D 51 9.93 13.24 16.15
N ILE D 52 9.53 14.22 16.96
CA ILE D 52 10.24 15.49 17.02
C ILE D 52 10.92 15.70 18.36
N LYS D 53 12.22 15.95 18.31
CA LYS D 53 12.97 16.40 19.46
C LYS D 53 12.99 17.93 19.42
N THR D 54 12.23 18.54 20.31
CA THR D 54 12.19 19.99 20.46
C THR D 54 13.39 20.41 21.30
N ILE D 55 14.17 21.35 20.79
CA ILE D 55 15.28 21.91 21.54
C ILE D 55 14.97 23.34 21.93
N ASN D 56 14.97 23.60 23.24
CA ASN D 56 14.79 24.95 23.78
C ASN D 56 16.06 25.78 23.62
N LYS D 57 15.97 26.84 22.83
CA LYS D 57 17.12 27.72 22.56
C LYS D 57 17.61 28.46 23.80
N ASP D 58 16.72 28.65 24.78
CA ASP D 58 17.07 29.25 26.06
C ASP D 58 18.23 28.52 26.74
N ARG D 59 18.19 27.19 26.69
CA ARG D 59 19.15 26.34 27.39
C ARG D 59 20.51 26.25 26.69
N SER D 60 20.66 26.92 25.55
CA SER D 60 21.92 26.94 24.81
C SER D 60 23.01 27.73 25.54
N GLN D 61 24.15 27.07 25.78
CA GLN D 61 25.29 27.71 26.47
C GLN D 61 26.37 28.13 25.47
N VAL D 62 26.15 27.80 24.19
CA VAL D 62 27.08 28.12 23.11
C VAL D 62 26.30 28.81 21.99
N PRO D 63 26.90 29.85 21.34
CA PRO D 63 26.31 30.48 20.17
C PRO D 63 25.67 29.49 19.18
N MET D 64 24.48 29.84 18.70
CA MET D 64 23.66 28.97 17.83
C MET D 64 24.38 28.33 16.65
N GLU D 65 25.36 29.05 16.10
CA GLU D 65 26.13 28.58 14.94
C GLU D 65 26.77 27.19 15.17
N GLN D 66 27.34 27.00 16.35
CA GLN D 66 28.02 25.75 16.69
C GLN D 66 27.04 24.59 16.86
N ILE D 67 25.89 24.87 17.48
CA ILE D 67 24.84 23.88 17.70
C ILE D 67 24.11 23.55 16.39
N GLU D 68 23.99 24.54 15.51
CA GLU D 68 23.38 24.35 14.20
C GLU D 68 24.24 23.48 13.28
N ALA D 69 25.55 23.74 13.28
CA ALA D 69 26.50 22.98 12.47
C ALA D 69 26.64 21.53 12.93
N GLU D 70 26.53 21.33 14.24
CA GLU D 70 26.60 20.01 14.86
C GLU D 70 25.41 19.13 14.42
N ILE D 71 24.25 19.76 14.29
CA ILE D 71 23.01 19.07 13.91
C ILE D 71 22.98 18.73 12.42
N GLU D 72 23.37 19.68 11.58
CA GLU D 72 23.37 19.50 10.12
C GLU D 72 24.19 18.30 9.69
N VAL D 73 25.30 18.07 10.40
CA VAL D 73 26.17 16.92 10.16
C VAL D 73 25.50 15.62 10.60
N LEU D 74 24.84 15.65 11.75
CA LEU D 74 24.03 14.50 12.22
C LEU D 74 22.92 14.18 11.22
N LYS D 75 22.25 15.21 10.69
CA LYS D 75 21.23 15.03 9.65
C LYS D 75 21.79 14.23 8.47
N SER D 76 23.08 14.40 8.21
CA SER D 76 23.77 13.73 7.10
C SER D 76 24.08 12.25 7.37
N LEU D 77 23.88 11.79 8.61
CA LEU D 77 24.15 10.40 8.94
C LEU D 77 23.13 9.48 8.28
N ASP D 78 23.58 8.79 7.23
CA ASP D 78 22.75 7.88 6.45
C ASP D 78 23.31 6.46 6.58
N HIS D 79 22.75 5.71 7.52
CA HIS D 79 23.22 4.38 7.86
C HIS D 79 22.03 3.61 8.44
N PRO D 80 21.89 2.32 8.10
CA PRO D 80 20.74 1.52 8.56
C PRO D 80 20.62 1.32 10.08
N ASN D 81 21.65 1.70 10.82
CA ASN D 81 21.67 1.51 12.27
C ASN D 81 21.83 2.83 13.03
N ILE D 82 21.70 3.93 12.29
CA ILE D 82 21.62 5.25 12.88
C ILE D 82 20.23 5.81 12.58
N ILE D 83 19.67 6.53 13.55
CA ILE D 83 18.37 7.18 13.37
C ILE D 83 18.39 8.11 12.15
N LYS D 84 17.33 8.08 11.35
CA LYS D 84 17.25 8.98 10.21
C LYS D 84 16.65 10.32 10.64
N ILE D 85 17.44 11.38 10.51
CA ILE D 85 16.93 12.73 10.70
C ILE D 85 16.46 13.22 9.34
N PHE D 86 15.15 13.48 9.23
CA PHE D 86 14.56 13.89 7.97
C PHE D 86 14.79 15.36 7.66
N GLU D 87 14.48 16.22 8.64
CA GLU D 87 14.53 17.67 8.46
C GLU D 87 14.72 18.35 9.82
N VAL D 88 15.15 19.61 9.80
CA VAL D 88 15.25 20.43 11.01
C VAL D 88 14.63 21.83 10.81
N PHE D 89 13.68 22.18 11.68
CA PHE D 89 12.98 23.47 11.63
C PHE D 89 13.27 24.34 12.86
N GLU D 90 13.07 25.65 12.71
CA GLU D 90 13.36 26.63 13.77
C GLU D 90 12.32 27.73 13.90
N ASP D 91 11.99 28.10 15.13
CA ASP D 91 11.32 29.37 15.43
C ASP D 91 12.14 30.19 16.43
N TYR D 92 11.54 31.21 17.03
CA TYR D 92 12.24 32.10 17.96
C TYR D 92 12.71 31.40 19.24
N HIS D 93 11.95 30.37 19.65
CA HIS D 93 12.19 29.69 20.92
C HIS D 93 12.86 28.33 20.78
N ASN D 94 12.50 27.60 19.73
CA ASN D 94 12.88 26.20 19.60
C ASN D 94 13.52 25.81 18.28
N MET D 95 14.27 24.71 18.31
CA MET D 95 14.62 23.96 17.10
C MET D 95 13.78 22.68 17.12
N TYR D 96 13.53 22.12 15.93
CA TYR D 96 12.71 20.92 15.82
C TYR D 96 13.37 19.89 14.93
N ILE D 97 13.84 18.81 15.54
CA ILE D 97 14.47 17.72 14.79
C ILE D 97 13.43 16.64 14.46
N VAL D 98 13.16 16.49 13.17
CA VAL D 98 12.15 15.56 12.70
C VAL D 98 12.84 14.25 12.28
N MET D 99 12.56 13.19 13.03
CA MET D 99 13.21 11.90 12.78
C MET D 99 12.20 10.75 12.60
N GLU D 100 12.69 9.63 12.08
CA GLU D 100 11.88 8.43 11.89
C GLU D 100 11.44 7.83 13.23
N THR D 101 10.35 7.07 13.19
CA THR D 101 9.83 6.44 14.39
C THR D 101 10.36 5.03 14.53
N CYS D 102 10.87 4.72 15.72
CA CYS D 102 11.18 3.34 16.08
C CYS D 102 10.08 2.78 16.96
N GLU D 103 9.70 1.53 16.71
CA GLU D 103 8.61 0.88 17.40
C GLU D 103 9.04 -0.24 18.36
N GLY D 104 10.32 -0.20 18.75
CA GLY D 104 11.03 -1.32 19.39
C GLY D 104 10.88 -1.68 20.86
N GLY D 105 11.07 -0.75 21.79
CA GLY D 105 11.85 0.46 21.60
C GLY D 105 13.25 0.25 22.14
N GLU D 106 13.46 0.57 23.42
CA GLU D 106 14.82 0.61 24.00
C GLU D 106 15.47 -0.76 24.17
N LEU D 107 16.77 -0.83 23.86
CA LEU D 107 17.57 -2.05 24.06
C LEU D 107 17.62 -2.47 25.52
N LEU D 108 17.60 -1.49 26.43
CA LEU D 108 17.53 -1.74 27.87
C LEU D 108 16.43 -2.75 28.21
N GLU D 109 15.24 -2.56 27.63
CA GLU D 109 14.09 -3.42 27.86
C GLU D 109 14.33 -4.89 27.50
N ARG D 110 15.35 -5.14 26.68
CA ARG D 110 15.73 -6.51 26.32
C ARG D 110 16.57 -7.13 27.42
N ILE D 111 17.48 -6.34 28.01
CA ILE D 111 18.31 -6.78 29.14
C ILE D 111 17.45 -7.03 30.36
N VAL D 112 16.71 -6.02 30.79
CA VAL D 112 15.78 -6.10 31.92
C VAL D 112 14.84 -7.30 31.78
N SER D 113 14.51 -7.66 30.54
CA SER D 113 13.63 -8.79 30.26
C SER D 113 14.28 -10.13 30.61
N ALA D 114 15.48 -10.36 30.08
CA ALA D 114 16.24 -11.58 30.36
C ALA D 114 16.69 -11.63 31.82
N GLN D 115 16.98 -10.45 32.38
CA GLN D 115 17.32 -10.28 33.79
C GLN D 115 16.27 -10.89 34.72
N ALA D 116 14.99 -10.63 34.43
CA ALA D 116 13.88 -11.16 35.23
C ALA D 116 13.51 -12.59 34.84
N ARG D 117 13.69 -12.93 33.57
CA ARG D 117 13.32 -14.25 33.05
C ARG D 117 14.35 -15.34 33.34
N GLY D 118 15.41 -14.99 34.07
CA GLY D 118 16.41 -15.95 34.51
C GLY D 118 17.62 -16.08 33.61
N LYS D 119 17.40 -16.64 32.42
CA LYS D 119 18.48 -16.90 31.45
C LYS D 119 19.07 -15.61 30.87
N ALA D 120 20.27 -15.72 30.34
CA ALA D 120 20.98 -14.57 29.74
C ALA D 120 20.93 -14.61 28.21
N LEU D 121 21.36 -13.51 27.59
CA LEU D 121 21.32 -13.37 26.13
C LEU D 121 22.40 -14.18 25.42
N SER D 122 22.02 -14.81 24.32
CA SER D 122 22.93 -15.61 23.49
C SER D 122 24.12 -14.80 23.00
N GLU D 123 25.28 -15.43 22.97
CA GLU D 123 26.49 -14.80 22.48
C GLU D 123 26.37 -14.50 20.99
N GLY D 124 25.69 -15.40 20.27
CA GLY D 124 25.40 -15.22 18.85
C GLY D 124 24.42 -14.08 18.57
N TYR D 125 23.44 -13.90 19.47
CA TYR D 125 22.48 -12.81 19.34
C TYR D 125 23.13 -11.46 19.60
N VAL D 126 23.96 -11.39 20.65
CA VAL D 126 24.64 -10.15 21.03
C VAL D 126 25.70 -9.77 20.00
N ALA D 127 26.35 -10.79 19.41
CA ALA D 127 27.35 -10.57 18.36
C ALA D 127 26.75 -9.83 17.18
N GLU D 128 25.53 -10.21 16.79
CA GLU D 128 24.84 -9.55 15.69
C GLU D 128 24.48 -8.10 16.02
N LEU D 129 24.11 -7.84 17.29
CA LEU D 129 23.75 -6.49 17.72
C LEU D 129 24.96 -5.58 17.84
N MET D 130 26.06 -6.15 18.34
CA MET D 130 27.33 -5.44 18.39
C MET D 130 27.87 -5.14 16.99
N LYS D 131 27.71 -6.09 16.08
CA LYS D 131 28.12 -5.91 14.68
C LYS D 131 27.44 -4.68 14.07
N GLN D 132 26.13 -4.57 14.27
CA GLN D 132 25.35 -3.42 13.78
C GLN D 132 25.78 -2.11 14.45
N MET D 133 25.97 -2.17 15.76
CA MET D 133 26.42 -1.02 16.54
C MET D 133 27.80 -0.51 16.08
N MET D 134 28.75 -1.43 15.90
CA MET D 134 30.10 -1.06 15.48
C MET D 134 30.15 -0.55 14.05
N ASN D 135 29.40 -1.19 13.15
CA ASN D 135 29.26 -0.71 11.77
C ASN D 135 28.75 0.72 11.75
N ALA D 136 27.78 1.01 12.61
CA ALA D 136 27.25 2.35 12.79
C ALA D 136 28.31 3.30 13.35
N LEU D 137 29.04 2.84 14.38
CA LEU D 137 30.11 3.63 14.99
C LEU D 137 31.22 3.99 14.02
N ALA D 138 31.71 2.99 13.29
CA ALA D 138 32.76 3.20 12.27
C ALA D 138 32.30 4.21 11.22
N TYR D 139 31.03 4.18 10.87
CA TYR D 139 30.47 5.11 9.89
C TYR D 139 30.45 6.56 10.38
N PHE D 140 29.84 6.82 11.54
CA PHE D 140 29.77 8.21 12.01
C PHE D 140 31.11 8.77 12.50
N HIS D 141 32.05 7.90 12.84
CA HIS D 141 33.40 8.33 13.18
C HIS D 141 34.10 8.87 11.94
N SER D 142 33.92 8.20 10.81
CA SER D 142 34.51 8.63 9.54
C SER D 142 33.90 9.94 9.04
N GLN D 143 32.70 10.25 9.54
CA GLN D 143 32.06 11.54 9.27
C GLN D 143 32.41 12.57 10.34
N HIS D 144 33.36 12.22 11.20
CA HIS D 144 33.94 13.11 12.22
C HIS D 144 32.95 13.49 13.32
N VAL D 145 32.21 12.49 13.80
CA VAL D 145 31.23 12.68 14.87
C VAL D 145 31.52 11.74 16.04
N VAL D 146 31.46 12.29 17.26
CA VAL D 146 31.51 11.49 18.48
C VAL D 146 30.13 11.53 19.12
N HIS D 147 29.63 10.36 19.53
CA HIS D 147 28.30 10.26 20.13
CA HIS D 147 28.29 10.26 20.13
C HIS D 147 28.27 10.79 21.56
N LYS D 148 29.28 10.41 22.34
CA LYS D 148 29.46 10.86 23.76
C LYS D 148 28.59 10.17 24.81
N ASP D 149 27.46 9.59 24.39
CA ASP D 149 26.44 9.15 25.34
C ASP D 149 25.75 7.83 24.96
N LEU D 150 26.55 6.85 24.54
CA LEU D 150 26.03 5.53 24.21
C LEU D 150 25.67 4.74 25.46
N LYS D 151 24.45 4.20 25.45
CA LYS D 151 23.92 3.37 26.54
C LYS D 151 22.67 2.64 26.01
N PRO D 152 22.28 1.52 26.65
CA PRO D 152 21.16 0.72 26.11
C PRO D 152 19.86 1.49 25.90
N GLU D 153 19.67 2.58 26.66
CA GLU D 153 18.47 3.40 26.52
C GLU D 153 18.56 4.38 25.34
N ASN D 154 19.75 4.53 24.78
CA ASN D 154 19.97 5.34 23.59
C ASN D 154 20.17 4.51 22.32
N ILE D 155 19.75 3.25 22.40
CA ILE D 155 19.73 2.34 21.26
C ILE D 155 18.33 1.74 21.17
N LEU D 156 17.65 1.99 20.05
CA LEU D 156 16.29 1.54 19.86
C LEU D 156 16.18 0.42 18.84
N PHE D 157 15.21 -0.46 19.04
CA PHE D 157 14.84 -1.43 18.01
C PHE D 157 13.88 -0.75 17.03
N GLN D 158 14.10 -0.99 15.74
CA GLN D 158 13.29 -0.38 14.71
C GLN D 158 11.85 -0.91 14.76
N ASP D 159 11.70 -2.19 15.08
CA ASP D 159 10.36 -2.77 15.26
C ASP D 159 10.30 -3.78 16.40
N THR D 160 9.14 -4.43 16.53
CA THR D 160 8.82 -5.31 17.65
C THR D 160 9.24 -6.76 17.36
N SER D 161 9.81 -6.95 16.18
CA SER D 161 10.26 -8.25 15.71
C SER D 161 11.45 -8.74 16.54
N PRO D 162 11.53 -10.05 16.80
CA PRO D 162 12.65 -10.57 17.61
C PRO D 162 14.00 -10.34 16.94
N HIS D 163 13.99 -10.27 15.61
CA HIS D 163 15.21 -10.10 14.84
C HIS D 163 15.36 -8.67 14.31
N SER D 164 14.78 -7.71 15.03
CA SER D 164 14.75 -6.31 14.61
C SER D 164 16.15 -5.70 14.60
N PRO D 165 16.43 -4.84 13.60
CA PRO D 165 17.67 -4.08 13.64
C PRO D 165 17.62 -3.07 14.79
N ILE D 166 18.80 -2.57 15.15
CA ILE D 166 18.91 -1.52 16.16
C ILE D 166 19.20 -0.18 15.48
N LYS D 167 18.78 0.89 16.13
CA LYS D 167 19.04 2.23 15.64
C LYS D 167 19.51 3.11 16.78
N ILE D 168 20.68 3.71 16.61
CA ILE D 168 21.29 4.54 17.64
C ILE D 168 20.64 5.92 17.62
N ILE D 169 20.18 6.36 18.79
CA ILE D 169 19.51 7.66 18.93
C ILE D 169 20.25 8.57 19.92
N ASP D 170 19.67 9.75 20.15
CA ASP D 170 20.17 10.70 21.16
C ASP D 170 21.68 10.92 21.11
N PHE D 171 22.17 11.36 19.95
CA PHE D 171 23.56 11.80 19.81
C PHE D 171 23.75 13.03 20.69
N GLY D 172 24.67 12.94 21.65
CA GLY D 172 24.98 14.04 22.55
C GLY D 172 25.78 15.15 21.89
N ALA D 190 26.98 8.44 33.91
CA ALA D 190 28.36 8.31 34.39
C ALA D 190 28.84 6.87 34.37
N LEU D 191 27.91 5.93 34.28
CA LEU D 191 28.21 4.50 34.29
C LEU D 191 28.84 4.01 32.97
N TYR D 192 28.68 4.79 31.91
CA TYR D 192 29.17 4.42 30.57
C TYR D 192 30.32 5.31 30.11
N MET D 193 30.71 6.23 30.99
CA MET D 193 31.75 7.21 30.70
C MET D 193 33.15 6.61 30.78
N ALA D 194 33.96 6.91 29.78
CA ALA D 194 35.37 6.53 29.74
C ALA D 194 36.17 7.37 30.73
N PRO D 195 37.35 6.87 31.18
CA PRO D 195 38.16 7.59 32.17
C PRO D 195 38.69 8.93 31.64
N GLU D 196 38.92 8.98 30.32
CA GLU D 196 39.45 10.16 29.64
C GLU D 196 38.48 11.34 29.73
N VAL D 197 37.18 11.03 29.64
CA VAL D 197 36.11 12.05 29.59
C VAL D 197 36.00 12.85 30.88
N PHE D 198 36.36 12.24 32.01
CA PHE D 198 36.39 12.93 33.29
C PHE D 198 37.47 14.02 33.30
N LYS D 199 38.53 13.82 32.51
CA LYS D 199 39.60 14.79 32.35
C LYS D 199 39.37 15.68 31.12
N ARG D 200 38.10 15.72 30.66
CA ARG D 200 37.66 16.54 29.52
C ARG D 200 38.18 16.09 28.15
N ASP D 201 38.88 14.95 28.12
CA ASP D 201 39.44 14.41 26.88
C ASP D 201 38.40 13.60 26.11
N VAL D 202 37.53 14.30 25.39
CA VAL D 202 36.48 13.67 24.59
C VAL D 202 36.95 13.43 23.15
N THR D 203 36.99 12.16 22.76
CA THR D 203 37.52 11.77 21.45
C THR D 203 36.71 10.61 20.86
N PHE D 204 36.96 10.28 19.59
CA PHE D 204 36.25 9.18 18.93
C PHE D 204 36.39 7.84 19.66
N LYS D 205 37.43 7.70 20.48
CA LYS D 205 37.67 6.49 21.27
C LYS D 205 36.66 6.35 22.42
N CYS D 206 36.08 7.47 22.84
CA CYS D 206 35.11 7.50 23.93
C CYS D 206 33.92 6.58 23.72
N ASP D 207 33.43 6.53 22.48
CA ASP D 207 32.29 5.69 22.11
C ASP D 207 32.61 4.19 22.22
N ILE D 208 33.85 3.84 21.89
CA ILE D 208 34.30 2.44 21.92
C ILE D 208 34.19 1.89 23.33
N TRP D 209 34.67 2.67 24.31
CA TRP D 209 34.54 2.33 25.72
C TRP D 209 33.07 2.11 26.07
N SER D 210 32.23 3.09 25.73
CA SER D 210 30.80 3.03 26.04
C SER D 210 30.14 1.78 25.44
N ALA D 211 30.49 1.48 24.20
CA ALA D 211 30.01 0.29 23.50
C ALA D 211 30.53 -0.99 24.16
N GLY D 212 31.76 -0.94 24.67
CA GLY D 212 32.35 -2.05 25.43
C GLY D 212 31.61 -2.31 26.72
N VAL D 213 31.15 -1.22 27.36
CA VAL D 213 30.34 -1.30 28.56
C VAL D 213 28.94 -1.88 28.24
N VAL D 214 28.37 -1.48 27.11
CA VAL D 214 27.10 -2.01 26.61
C VAL D 214 27.23 -3.51 26.36
N MET D 215 28.31 -3.91 25.70
CA MET D 215 28.59 -5.32 25.41
C MET D 215 28.73 -6.15 26.68
N TYR D 216 29.32 -5.57 27.71
CA TYR D 216 29.48 -6.23 29.00
C TYR D 216 28.10 -6.46 29.65
N PHE D 217 27.29 -5.40 29.65
CA PHE D 217 25.95 -5.44 30.21
C PHE D 217 25.08 -6.49 29.50
N LEU D 218 25.17 -6.52 28.17
CA LEU D 218 24.37 -7.46 27.36
C LEU D 218 24.73 -8.93 27.61
N LEU D 219 26.00 -9.22 27.84
CA LEU D 219 26.46 -10.60 28.02
C LEU D 219 26.38 -11.13 29.45
N THR D 220 26.70 -10.28 30.42
CA THR D 220 26.79 -10.72 31.83
C THR D 220 25.50 -10.52 32.61
N GLY D 221 24.75 -9.48 32.28
CA GLY D 221 23.51 -9.16 32.97
C GLY D 221 23.64 -8.03 33.96
N CYS D 222 24.87 -7.52 34.14
CA CYS D 222 25.13 -6.39 35.02
C CYS D 222 26.26 -5.49 34.50
N LEU D 223 26.33 -4.26 35.01
CA LEU D 223 27.33 -3.28 34.61
C LEU D 223 28.73 -3.62 35.13
N PRO D 224 29.79 -3.20 34.41
CA PRO D 224 31.16 -3.57 34.79
C PRO D 224 31.73 -2.78 35.96
N PHE D 225 31.40 -1.48 36.03
CA PHE D 225 31.92 -0.61 37.08
C PHE D 225 30.77 0.01 37.88
N THR D 226 30.42 -0.66 38.98
CA THR D 226 29.27 -0.29 39.79
C THR D 226 29.66 0.28 41.16
N GLY D 227 28.87 1.24 41.64
CA GLY D 227 29.11 1.89 42.93
C GLY D 227 28.31 3.18 43.09
N GLU D 241 40.20 -4.69 36.18
CA GLU D 241 39.36 -4.04 37.19
C GLU D 241 37.92 -4.62 37.30
N PRO D 242 37.29 -4.95 36.15
CA PRO D 242 35.96 -5.57 36.27
C PRO D 242 36.02 -7.09 36.43
N ASN D 243 35.08 -7.63 37.20
CA ASN D 243 35.01 -9.07 37.47
C ASN D 243 34.33 -9.83 36.33
N TYR D 244 34.99 -10.88 35.85
CA TYR D 244 34.44 -11.68 34.76
C TYR D 244 33.97 -13.06 35.23
N PRO D 250 30.09 -18.27 32.39
CA PRO D 250 30.87 -17.10 31.99
C PRO D 250 30.92 -16.94 30.46
N LEU D 251 31.73 -15.99 30.00
CA LEU D 251 31.89 -15.72 28.58
C LEU D 251 32.97 -16.62 27.95
N THR D 252 32.95 -16.73 26.63
CA THR D 252 33.97 -17.48 25.88
C THR D 252 35.29 -16.71 25.91
N PRO D 253 36.43 -17.42 25.77
CA PRO D 253 37.74 -16.75 25.72
C PRO D 253 37.83 -15.65 24.67
N GLN D 254 37.30 -15.91 23.47
CA GLN D 254 37.37 -14.96 22.37
C GLN D 254 36.53 -13.69 22.62
N ALA D 255 35.57 -13.78 23.54
CA ALA D 255 34.70 -12.67 23.89
C ALA D 255 35.30 -11.79 24.98
N VAL D 256 35.89 -12.42 25.99
CA VAL D 256 36.51 -11.71 27.11
C VAL D 256 37.74 -10.92 26.65
N ASP D 257 38.37 -11.40 25.58
CA ASP D 257 39.48 -10.73 24.93
C ASP D 257 39.05 -9.37 24.33
N LEU D 258 37.86 -9.33 23.74
CA LEU D 258 37.35 -8.10 23.12
C LEU D 258 36.97 -7.05 24.17
N LEU D 259 36.35 -7.49 25.25
CA LEU D 259 35.94 -6.59 26.34
C LEU D 259 37.15 -5.92 27.01
N LYS D 260 38.25 -6.64 27.11
CA LYS D 260 39.50 -6.09 27.62
C LYS D 260 40.10 -5.07 26.65
N GLN D 261 39.98 -5.37 25.36
CA GLN D 261 40.45 -4.47 24.30
C GLN D 261 39.62 -3.18 24.24
N MET D 262 38.30 -3.33 24.20
CA MET D 262 37.37 -2.20 24.12
C MET D 262 37.38 -1.35 25.38
N LEU D 263 37.47 -2.01 26.54
CA LEU D 263 37.53 -1.32 27.83
C LEU D 263 38.96 -1.17 28.36
N THR D 264 39.93 -1.05 27.44
CA THR D 264 41.32 -0.76 27.81
C THR D 264 41.40 0.70 28.28
N LYS D 265 41.95 0.88 29.47
CA LYS D 265 41.86 2.15 30.21
C LYS D 265 42.55 3.35 29.54
N ASP D 266 43.57 3.06 28.71
CA ASP D 266 44.25 4.10 27.95
C ASP D 266 43.59 4.32 26.59
N PRO D 267 43.10 5.55 26.34
CA PRO D 267 42.43 5.93 25.09
C PRO D 267 43.29 5.74 23.84
N GLU D 268 44.59 5.98 23.96
CA GLU D 268 45.53 5.86 22.83
C GLU D 268 45.70 4.42 22.36
N ARG D 269 45.69 3.49 23.31
CA ARG D 269 45.87 2.06 23.00
C ARG D 269 44.55 1.38 22.63
N ARG D 270 43.44 2.04 22.93
CA ARG D 270 42.10 1.54 22.61
C ARG D 270 41.91 1.44 21.10
N PRO D 271 41.35 0.31 20.61
CA PRO D 271 41.18 0.14 19.16
C PRO D 271 40.03 0.97 18.60
N SER D 272 40.12 1.34 17.33
CA SER D 272 39.05 2.03 16.63
C SER D 272 37.96 1.02 16.28
N ALA D 273 36.76 1.53 16.00
CA ALA D 273 35.61 0.70 15.64
C ALA D 273 35.89 -0.19 14.42
N ALA D 274 36.60 0.36 13.44
CA ALA D 274 36.98 -0.37 12.23
C ALA D 274 37.80 -1.64 12.53
N GLN D 275 38.73 -1.53 13.49
CA GLN D 275 39.56 -2.67 13.89
C GLN D 275 38.83 -3.63 14.81
N VAL D 276 37.91 -3.09 15.62
CA VAL D 276 37.06 -3.90 16.50
C VAL D 276 36.24 -4.89 15.68
N LEU D 277 35.72 -4.44 14.55
CA LEU D 277 34.92 -5.29 13.65
C LEU D 277 35.73 -6.38 12.95
N HIS D 278 37.05 -6.33 13.08
CA HIS D 278 37.93 -7.36 12.52
C HIS D 278 38.22 -8.50 13.49
N HIS D 279 37.73 -8.36 14.72
CA HIS D 279 37.94 -9.35 15.79
C HIS D 279 37.36 -10.72 15.43
N GLU D 280 38.00 -11.78 15.93
CA GLU D 280 37.60 -13.16 15.65
C GLU D 280 36.29 -13.60 16.32
N TRP D 281 35.85 -12.85 17.34
CA TRP D 281 34.62 -13.14 18.07
C TRP D 281 33.37 -13.00 17.19
N PHE D 282 33.47 -12.21 16.12
CA PHE D 282 32.40 -12.09 15.13
C PHE D 282 32.40 -13.26 14.14
N LYS D 283 33.47 -14.06 14.16
CA LYS D 283 33.62 -15.21 13.28
C LYS D 283 33.83 -16.49 14.08
N GLY E 10 -37.27 -7.92 2.33
CA GLY E 10 -37.28 -8.94 3.42
C GLY E 10 -37.62 -10.32 2.91
N ARG E 11 -36.59 -11.07 2.51
CA ARG E 11 -36.75 -12.46 2.05
C ARG E 11 -35.78 -13.39 2.78
N GLU E 12 -35.71 -13.20 4.09
CA GLU E 12 -34.76 -13.89 4.99
C GLU E 12 -33.29 -13.53 4.74
N ASN E 13 -33.08 -12.32 4.23
CA ASN E 13 -31.75 -11.79 4.00
C ASN E 13 -31.14 -11.20 5.27
N LEU E 14 -29.87 -10.79 5.20
CA LEU E 14 -29.17 -10.21 6.33
C LEU E 14 -29.51 -8.73 6.51
N TYR E 15 -30.02 -8.39 7.69
CA TYR E 15 -30.43 -7.03 8.00
C TYR E 15 -29.21 -6.13 8.27
N PHE E 16 -29.22 -4.94 7.70
CA PHE E 16 -28.20 -3.93 7.97
C PHE E 16 -28.83 -2.78 8.75
N GLN E 17 -28.12 -2.30 9.78
CA GLN E 17 -28.61 -1.19 10.57
C GLN E 17 -28.27 0.10 9.84
N GLY E 18 -29.24 0.68 9.14
CA GLY E 18 -29.02 1.88 8.33
C GLY E 18 -29.46 1.75 6.87
N THR E 19 -29.01 2.67 6.03
CA THR E 19 -29.40 2.69 4.61
C THR E 19 -28.21 2.48 3.66
N ILE E 20 -28.48 2.46 2.35
CA ILE E 20 -27.40 2.37 1.35
C ILE E 20 -26.44 3.58 1.43
N ASP E 21 -26.97 4.72 1.86
CA ASP E 21 -26.15 5.94 2.06
C ASP E 21 -25.20 5.83 3.27
N ASP E 22 -25.50 4.94 4.21
CA ASP E 22 -24.63 4.72 5.37
C ASP E 22 -23.45 3.85 4.98
N LEU E 23 -23.67 3.01 3.98
CA LEU E 23 -22.65 2.13 3.45
C LEU E 23 -21.80 2.80 2.39
N PHE E 24 -22.44 3.59 1.52
CA PHE E 24 -21.77 4.12 0.34
C PHE E 24 -21.96 5.61 0.12
N ILE E 25 -20.87 6.27 -0.26
CA ILE E 25 -20.94 7.62 -0.78
C ILE E 25 -21.12 7.53 -2.29
N PHE E 26 -22.26 8.01 -2.79
CA PHE E 26 -22.52 8.06 -4.22
C PHE E 26 -21.84 9.28 -4.82
N LYS E 27 -20.76 9.04 -5.57
CA LYS E 27 -19.88 10.10 -6.04
C LYS E 27 -20.25 10.63 -7.41
N ARG E 28 -20.45 9.74 -8.37
CA ARG E 28 -20.64 10.12 -9.76
C ARG E 28 -21.60 9.17 -10.47
N LYS E 29 -22.52 9.74 -11.25
CA LYS E 29 -23.41 8.97 -12.10
C LYS E 29 -22.71 8.67 -13.43
N LEU E 30 -22.50 7.38 -13.72
CA LEU E 30 -21.78 6.97 -14.93
C LEU E 30 -22.72 6.76 -16.10
N GLY E 31 -23.98 6.42 -15.81
CA GLY E 31 -24.99 6.20 -16.84
C GLY E 31 -26.37 5.89 -16.30
N SER E 32 -27.37 6.00 -17.17
CA SER E 32 -28.75 5.68 -16.85
C SER E 32 -29.21 4.53 -17.74
N GLY E 33 -29.42 3.37 -17.12
CA GLY E 33 -29.84 2.16 -17.85
C GLY E 33 -31.33 2.09 -18.09
N ALA E 34 -31.77 0.99 -18.69
CA ALA E 34 -33.18 0.80 -19.03
C ALA E 34 -34.05 0.54 -17.80
N PHE E 35 -33.40 0.20 -16.68
CA PHE E 35 -34.10 -0.08 -15.43
C PHE E 35 -33.24 0.16 -14.18
N GLY E 36 -32.38 1.19 -14.26
CA GLY E 36 -31.58 1.60 -13.12
C GLY E 36 -30.40 2.48 -13.50
N ASP E 37 -29.68 2.99 -12.49
CA ASP E 37 -28.52 3.83 -12.72
C ASP E 37 -27.21 3.06 -12.48
N VAL E 38 -26.09 3.66 -12.90
CA VAL E 38 -24.77 3.15 -12.60
C VAL E 38 -23.95 4.26 -11.96
N HIS E 39 -23.40 4.00 -10.78
CA HIS E 39 -22.66 5.02 -10.03
C HIS E 39 -21.23 4.64 -9.71
N LEU E 40 -20.35 5.63 -9.76
CA LEU E 40 -19.05 5.53 -9.11
C LEU E 40 -19.27 5.81 -7.64
N VAL E 41 -18.73 4.92 -6.82
CA VAL E 41 -19.11 4.86 -5.42
C VAL E 41 -17.88 4.72 -4.53
N GLU E 42 -17.97 5.28 -3.32
CA GLU E 42 -16.95 5.06 -2.30
C GLU E 42 -17.57 4.35 -1.11
N GLU E 43 -16.99 3.22 -0.75
CA GLU E 43 -17.37 2.49 0.45
C GLU E 43 -16.82 3.23 1.67
N ARG E 44 -17.72 3.72 2.53
CA ARG E 44 -17.33 4.50 3.71
C ARG E 44 -16.30 3.84 4.64
N SER E 45 -16.45 2.54 4.88
CA SER E 45 -15.63 1.83 5.86
C SER E 45 -14.17 1.68 5.44
N SER E 46 -13.95 1.31 4.18
CA SER E 46 -12.62 1.08 3.65
C SER E 46 -12.06 2.32 2.93
N GLY E 47 -12.96 3.12 2.38
CA GLY E 47 -12.57 4.23 1.50
C GLY E 47 -12.23 3.69 0.12
N LEU E 48 -12.56 2.42 -0.11
CA LEU E 48 -12.30 1.79 -1.40
C LEU E 48 -13.36 2.20 -2.42
N GLU E 49 -12.94 2.25 -3.68
CA GLU E 49 -13.79 2.65 -4.77
C GLU E 49 -14.48 1.44 -5.36
N ARG E 50 -15.76 1.58 -5.66
CA ARG E 50 -16.56 0.53 -6.29
C ARG E 50 -17.50 1.14 -7.31
N VAL E 51 -18.12 0.28 -8.11
CA VAL E 51 -19.19 0.71 -9.02
C VAL E 51 -20.47 0.00 -8.62
N ILE E 52 -21.55 0.77 -8.45
CA ILE E 52 -22.85 0.20 -8.14
C ILE E 52 -23.84 0.34 -9.30
N LYS E 53 -24.43 -0.80 -9.67
CA LYS E 53 -25.56 -0.86 -10.58
C LYS E 53 -26.83 -0.91 -9.72
N THR E 54 -27.62 0.15 -9.75
CA THR E 54 -28.93 0.17 -9.10
C THR E 54 -29.96 -0.46 -10.04
N ILE E 55 -30.78 -1.36 -9.51
CA ILE E 55 -31.85 -1.96 -10.27
C ILE E 55 -33.17 -1.60 -9.61
N ASN E 56 -34.05 -0.99 -10.39
CA ASN E 56 -35.36 -0.59 -9.89
C ASN E 56 -36.32 -1.78 -9.97
N LYS E 57 -36.78 -2.23 -8.81
CA LYS E 57 -37.59 -3.43 -8.71
C LYS E 57 -38.99 -3.27 -9.30
N ASP E 58 -39.51 -2.04 -9.31
CA ASP E 58 -40.83 -1.75 -9.90
C ASP E 58 -40.85 -1.90 -11.42
N ARG E 59 -39.67 -2.12 -12.00
CA ARG E 59 -39.52 -2.29 -13.44
C ARG E 59 -39.53 -3.76 -13.88
N SER E 60 -39.45 -4.68 -12.92
CA SER E 60 -39.43 -6.11 -13.20
C SER E 60 -40.76 -6.63 -13.75
N GLN E 61 -40.67 -7.62 -14.64
CA GLN E 61 -41.83 -8.26 -15.25
C GLN E 61 -41.85 -9.75 -14.90
N VAL E 62 -41.27 -10.07 -13.73
CA VAL E 62 -41.05 -11.44 -13.25
C VAL E 62 -40.94 -11.38 -11.73
N PRO E 63 -41.27 -12.49 -11.02
CA PRO E 63 -41.10 -12.51 -9.57
C PRO E 63 -39.65 -12.25 -9.13
N MET E 64 -39.50 -11.46 -8.06
CA MET E 64 -38.19 -10.98 -7.60
C MET E 64 -37.19 -12.08 -7.25
N GLU E 65 -37.70 -13.28 -6.98
CA GLU E 65 -36.89 -14.45 -6.68
C GLU E 65 -35.97 -14.81 -7.85
N GLN E 66 -36.54 -14.87 -9.06
CA GLN E 66 -35.78 -15.22 -10.27
C GLN E 66 -34.68 -14.20 -10.53
N ILE E 67 -34.98 -12.93 -10.30
CA ILE E 67 -34.00 -11.86 -10.42
C ILE E 67 -32.84 -12.06 -9.43
N GLU E 68 -33.18 -12.29 -8.15
CA GLU E 68 -32.15 -12.51 -7.13
C GLU E 68 -31.31 -13.76 -7.43
N ALA E 69 -31.97 -14.83 -7.86
CA ALA E 69 -31.31 -16.09 -8.19
C ALA E 69 -30.37 -15.98 -9.40
N GLU E 70 -30.76 -15.16 -10.37
CA GLU E 70 -29.96 -14.94 -11.57
C GLU E 70 -28.73 -14.08 -11.27
N ILE E 71 -28.91 -13.06 -10.43
CA ILE E 71 -27.82 -12.20 -9.97
C ILE E 71 -26.85 -12.98 -9.07
N GLU E 72 -27.40 -13.91 -8.29
CA GLU E 72 -26.63 -14.82 -7.44
C GLU E 72 -25.57 -15.58 -8.22
N VAL E 73 -25.94 -16.19 -9.35
CA VAL E 73 -24.95 -16.91 -10.14
C VAL E 73 -23.99 -15.97 -10.88
N LEU E 74 -24.48 -14.80 -11.27
CA LEU E 74 -23.62 -13.77 -11.85
C LEU E 74 -22.54 -13.36 -10.84
N LYS E 75 -22.96 -13.20 -9.58
CA LYS E 75 -22.04 -12.91 -8.48
C LYS E 75 -21.04 -14.05 -8.26
N SER E 76 -21.42 -15.28 -8.63
CA SER E 76 -20.53 -16.42 -8.43
C SER E 76 -19.47 -16.52 -9.53
N LEU E 77 -19.60 -15.68 -10.56
CA LEU E 77 -18.64 -15.68 -11.67
C LEU E 77 -17.29 -15.08 -11.24
N ASP E 78 -16.34 -15.97 -11.02
CA ASP E 78 -15.00 -15.61 -10.57
C ASP E 78 -14.00 -15.99 -11.66
N HIS E 79 -13.62 -15.00 -12.46
CA HIS E 79 -12.74 -15.21 -13.62
C HIS E 79 -11.98 -13.91 -13.92
N PRO E 80 -10.73 -14.00 -14.42
CA PRO E 80 -9.90 -12.80 -14.64
C PRO E 80 -10.46 -11.83 -15.69
N ASN E 81 -11.38 -12.31 -16.51
CA ASN E 81 -11.95 -11.49 -17.59
C ASN E 81 -13.46 -11.30 -17.50
N ILE E 82 -14.00 -11.52 -16.29
CA ILE E 82 -15.38 -11.16 -15.97
C ILE E 82 -15.34 -10.14 -14.83
N ILE E 83 -16.24 -9.17 -14.87
CA ILE E 83 -16.36 -8.17 -13.80
C ILE E 83 -16.67 -8.85 -12.47
N LYS E 84 -15.91 -8.50 -11.43
CA LYS E 84 -16.14 -9.07 -10.12
C LYS E 84 -17.25 -8.33 -9.38
N ILE E 85 -18.23 -9.09 -8.93
CA ILE E 85 -19.30 -8.60 -8.07
C ILE E 85 -18.99 -9.02 -6.63
N PHE E 86 -18.92 -8.05 -5.74
CA PHE E 86 -18.57 -8.32 -4.35
C PHE E 86 -19.79 -8.75 -3.54
N GLU E 87 -20.83 -7.93 -3.60
CA GLU E 87 -22.03 -8.07 -2.76
C GLU E 87 -23.24 -7.57 -3.53
N VAL E 88 -24.44 -7.95 -3.08
CA VAL E 88 -25.67 -7.35 -3.55
C VAL E 88 -26.52 -6.95 -2.36
N PHE E 89 -26.95 -5.69 -2.34
CA PHE E 89 -27.80 -5.17 -1.29
C PHE E 89 -29.18 -4.89 -1.88
N GLU E 90 -30.17 -4.71 -1.01
CA GLU E 90 -31.55 -4.53 -1.45
C GLU E 90 -32.38 -3.78 -0.40
N ASP E 91 -33.06 -2.71 -0.85
CA ASP E 91 -34.12 -2.10 -0.04
C ASP E 91 -35.50 -2.34 -0.64
N TYR E 92 -36.47 -1.48 -0.31
CA TYR E 92 -37.85 -1.65 -0.75
C TYR E 92 -38.03 -1.37 -2.24
N HIS E 93 -37.30 -0.39 -2.74
CA HIS E 93 -37.41 0.02 -4.14
C HIS E 93 -36.36 -0.59 -5.06
N ASN E 94 -35.17 -0.88 -4.51
CA ASN E 94 -33.99 -1.19 -5.32
C ASN E 94 -33.18 -2.42 -4.90
N MET E 95 -32.43 -2.95 -5.86
CA MET E 95 -31.26 -3.81 -5.59
C MET E 95 -30.00 -3.03 -5.95
N TYR E 96 -28.91 -3.28 -5.23
CA TYR E 96 -27.65 -2.60 -5.51
C TYR E 96 -26.55 -3.62 -5.75
N ILE E 97 -26.15 -3.75 -7.01
CA ILE E 97 -25.05 -4.66 -7.38
C ILE E 97 -23.72 -3.94 -7.23
N VAL E 98 -22.93 -4.38 -6.25
CA VAL E 98 -21.66 -3.77 -5.92
C VAL E 98 -20.52 -4.53 -6.61
N MET E 99 -19.85 -3.84 -7.53
CA MET E 99 -18.81 -4.46 -8.33
C MET E 99 -17.49 -3.69 -8.32
N GLU E 100 -16.43 -4.32 -8.80
CA GLU E 100 -15.12 -3.68 -8.89
C GLU E 100 -15.14 -2.56 -9.93
N THR E 101 -14.20 -1.62 -9.77
CA THR E 101 -14.06 -0.52 -10.71
C THR E 101 -13.07 -0.88 -11.83
N CYS E 102 -13.49 -0.71 -13.07
CA CYS E 102 -12.57 -0.70 -14.20
C CYS E 102 -12.16 0.72 -14.53
N GLU E 103 -10.95 0.89 -15.05
CA GLU E 103 -10.39 2.23 -15.24
C GLU E 103 -9.90 2.53 -16.65
N GLY E 104 -10.00 1.54 -17.54
CA GLY E 104 -9.43 1.67 -18.88
C GLY E 104 -10.38 2.06 -19.98
N GLY E 105 -11.66 2.21 -19.63
CA GLY E 105 -12.69 2.56 -20.61
C GLY E 105 -13.23 1.35 -21.34
N GLU E 106 -14.08 1.60 -22.32
CA GLU E 106 -14.72 0.54 -23.10
C GLU E 106 -13.84 0.11 -24.24
N LEU E 107 -14.00 -1.15 -24.67
CA LEU E 107 -13.29 -1.68 -25.83
C LEU E 107 -13.61 -0.87 -27.09
N LEU E 108 -14.83 -0.34 -27.15
CA LEU E 108 -15.27 0.53 -28.26
C LEU E 108 -14.31 1.70 -28.47
N GLU E 109 -13.72 2.20 -27.39
CA GLU E 109 -12.81 3.33 -27.45
C GLU E 109 -11.61 3.04 -28.35
N ARG E 110 -10.99 1.88 -28.16
CA ARG E 110 -9.79 1.50 -28.93
C ARG E 110 -10.09 1.29 -30.41
N ILE E 111 -11.32 0.91 -30.73
CA ILE E 111 -11.74 0.74 -32.13
C ILE E 111 -12.00 2.10 -32.79
N VAL E 112 -12.78 2.95 -32.12
CA VAL E 112 -13.07 4.31 -32.58
C VAL E 112 -11.78 5.12 -32.72
N SER E 113 -10.85 4.92 -31.78
CA SER E 113 -9.58 5.63 -31.76
C SER E 113 -8.64 5.21 -32.90
N ALA E 114 -8.73 3.94 -33.31
CA ALA E 114 -7.90 3.39 -34.37
C ALA E 114 -8.34 3.87 -35.76
N GLN E 115 -9.64 3.80 -36.03
CA GLN E 115 -10.19 4.24 -37.33
C GLN E 115 -10.06 5.76 -37.54
N ALA E 116 -9.99 6.51 -36.45
CA ALA E 116 -9.78 7.95 -36.49
C ALA E 116 -8.32 8.30 -36.82
N ARG E 117 -7.39 7.52 -36.25
CA ARG E 117 -5.97 7.70 -36.52
C ARG E 117 -5.58 7.22 -37.92
N GLY E 118 -6.34 6.25 -38.44
CA GLY E 118 -6.14 5.74 -39.80
C GLY E 118 -5.58 4.33 -39.89
N LYS E 119 -4.98 3.86 -38.80
CA LYS E 119 -4.37 2.53 -38.76
C LYS E 119 -5.35 1.46 -38.27
N ALA E 120 -4.99 0.20 -38.48
CA ALA E 120 -5.77 -0.93 -37.98
C ALA E 120 -5.00 -1.73 -36.95
N LEU E 121 -5.72 -2.30 -35.98
CA LEU E 121 -5.13 -3.07 -34.88
C LEU E 121 -4.50 -4.38 -35.35
N SER E 122 -3.43 -4.78 -34.67
CA SER E 122 -2.70 -6.01 -35.00
C SER E 122 -3.58 -7.25 -34.93
N GLU E 123 -3.22 -8.26 -35.73
CA GLU E 123 -3.80 -9.59 -35.62
C GLU E 123 -3.44 -10.12 -34.23
N GLY E 124 -2.14 -10.03 -33.90
CA GLY E 124 -1.61 -10.46 -32.61
C GLY E 124 -2.34 -9.86 -31.42
N TYR E 125 -2.63 -8.57 -31.49
CA TYR E 125 -3.35 -7.87 -30.43
C TYR E 125 -4.80 -8.33 -30.30
N VAL E 126 -5.49 -8.45 -31.43
CA VAL E 126 -6.90 -8.84 -31.44
C VAL E 126 -7.06 -10.31 -31.01
N ALA E 127 -6.10 -11.14 -31.38
CA ALA E 127 -6.10 -12.56 -30.99
C ALA E 127 -6.03 -12.73 -29.48
N GLU E 128 -5.09 -12.03 -28.86
CA GLU E 128 -4.87 -12.10 -27.41
C GLU E 128 -6.08 -11.57 -26.65
N LEU E 129 -6.71 -10.53 -27.20
CA LEU E 129 -7.93 -9.96 -26.65
C LEU E 129 -9.09 -10.95 -26.81
N MET E 130 -9.15 -11.62 -27.96
CA MET E 130 -10.19 -12.59 -28.26
C MET E 130 -10.01 -13.86 -27.43
N LYS E 131 -8.77 -14.17 -27.07
CA LYS E 131 -8.44 -15.30 -26.20
C LYS E 131 -8.98 -15.07 -24.79
N GLN E 132 -8.78 -13.88 -24.26
CA GLN E 132 -9.31 -13.50 -22.94
C GLN E 132 -10.83 -13.58 -22.94
N MET E 133 -11.44 -13.09 -24.01
CA MET E 133 -12.88 -13.04 -24.14
C MET E 133 -13.47 -14.43 -24.22
N MET E 134 -12.90 -15.26 -25.09
CA MET E 134 -13.41 -16.61 -25.32
C MET E 134 -13.17 -17.52 -24.12
N ASN E 135 -12.13 -17.22 -23.34
CA ASN E 135 -11.89 -17.90 -22.08
C ASN E 135 -12.96 -17.57 -21.05
N ALA E 136 -13.41 -16.32 -21.05
CA ALA E 136 -14.46 -15.87 -20.13
C ALA E 136 -15.80 -16.51 -20.47
N LEU E 137 -16.12 -16.58 -21.76
CA LEU E 137 -17.35 -17.21 -22.23
C LEU E 137 -17.39 -18.70 -21.88
N ALA E 138 -16.31 -19.41 -22.22
CA ALA E 138 -16.19 -20.84 -21.92
C ALA E 138 -16.44 -21.09 -20.44
N TYR E 139 -16.00 -20.15 -19.60
CA TYR E 139 -16.18 -20.25 -18.17
C TYR E 139 -17.64 -20.06 -17.80
N PHE E 140 -18.23 -18.93 -18.19
CA PHE E 140 -19.61 -18.67 -17.80
C PHE E 140 -20.67 -19.50 -18.52
N HIS E 141 -20.26 -20.17 -19.60
CA HIS E 141 -21.13 -21.15 -20.24
C HIS E 141 -21.18 -22.46 -19.45
N SER E 142 -20.04 -22.85 -18.87
CA SER E 142 -19.98 -24.03 -18.01
C SER E 142 -20.74 -23.78 -16.70
N GLN E 143 -21.09 -22.51 -16.46
CA GLN E 143 -21.87 -22.12 -15.30
C GLN E 143 -23.32 -21.81 -15.70
N HIS E 144 -23.66 -22.17 -16.93
CA HIS E 144 -25.03 -22.06 -17.47
C HIS E 144 -25.54 -20.61 -17.52
N VAL E 145 -24.63 -19.71 -17.87
CA VAL E 145 -24.96 -18.30 -18.04
C VAL E 145 -24.83 -17.92 -19.51
N VAL E 146 -25.87 -17.29 -20.03
CA VAL E 146 -25.83 -16.68 -21.35
C VAL E 146 -25.77 -15.18 -21.14
N HIS E 147 -24.77 -14.53 -21.76
CA HIS E 147 -24.61 -13.08 -21.61
C HIS E 147 -25.72 -12.30 -22.34
N LYS E 148 -26.01 -12.68 -23.58
CA LYS E 148 -27.12 -12.12 -24.37
C LYS E 148 -26.87 -10.73 -24.97
N ASP E 149 -25.83 -10.03 -24.51
CA ASP E 149 -25.59 -8.66 -24.94
C ASP E 149 -24.10 -8.32 -25.09
N LEU E 150 -23.33 -9.27 -25.60
CA LEU E 150 -21.91 -9.07 -25.86
C LEU E 150 -21.70 -7.99 -26.93
N LYS E 151 -20.87 -7.01 -26.60
CA LYS E 151 -20.49 -5.91 -27.50
C LYS E 151 -19.32 -5.08 -26.94
N PRO E 152 -18.64 -4.30 -27.80
CA PRO E 152 -17.48 -3.48 -27.41
C PRO E 152 -17.70 -2.53 -26.24
N GLU E 153 -18.91 -1.99 -26.08
CA GLU E 153 -19.23 -1.12 -24.93
C GLU E 153 -19.49 -1.91 -23.64
N ASN E 154 -19.68 -3.22 -23.76
CA ASN E 154 -19.87 -4.08 -22.60
C ASN E 154 -18.63 -4.91 -22.25
N ILE E 155 -17.48 -4.43 -22.73
CA ILE E 155 -16.17 -5.01 -22.43
C ILE E 155 -15.25 -3.86 -22.04
N LEU E 156 -14.76 -3.88 -20.82
CA LEU E 156 -13.90 -2.80 -20.33
C LEU E 156 -12.45 -3.23 -20.18
N PHE E 157 -11.54 -2.26 -20.23
CA PHE E 157 -10.16 -2.52 -19.82
C PHE E 157 -10.01 -2.24 -18.34
N GLN E 158 -9.33 -3.14 -17.63
CA GLN E 158 -9.12 -2.98 -16.21
C GLN E 158 -8.37 -1.69 -15.91
N ASP E 159 -7.27 -1.49 -16.62
CA ASP E 159 -6.49 -0.26 -16.49
C ASP E 159 -6.20 0.36 -17.85
N THR E 160 -5.41 1.42 -17.86
CA THR E 160 -5.23 2.26 -19.03
C THR E 160 -3.94 1.93 -19.81
N SER E 161 -3.24 0.90 -19.32
CA SER E 161 -2.05 0.37 -19.98
C SER E 161 -2.40 -0.22 -21.35
N PRO E 162 -1.49 -0.10 -22.33
CA PRO E 162 -1.75 -0.66 -23.67
C PRO E 162 -1.98 -2.18 -23.67
N HIS E 163 -1.47 -2.87 -22.66
CA HIS E 163 -1.56 -4.33 -22.56
C HIS E 163 -2.59 -4.78 -21.51
N SER E 164 -3.51 -3.88 -21.15
CA SER E 164 -4.49 -4.14 -20.10
C SER E 164 -5.38 -5.35 -20.40
N PRO E 165 -5.68 -6.14 -19.35
CA PRO E 165 -6.66 -7.20 -19.56
C PRO E 165 -8.06 -6.60 -19.69
N ILE E 166 -9.00 -7.38 -20.23
CA ILE E 166 -10.38 -6.94 -20.36
C ILE E 166 -11.27 -7.60 -19.30
N LYS E 167 -12.37 -6.93 -18.96
CA LYS E 167 -13.39 -7.49 -18.10
C LYS E 167 -14.73 -7.37 -18.83
N ILE E 168 -15.43 -8.49 -18.97
CA ILE E 168 -16.79 -8.45 -19.49
C ILE E 168 -17.74 -7.91 -18.42
N ILE E 169 -18.53 -6.91 -18.80
CA ILE E 169 -19.54 -6.33 -17.91
C ILE E 169 -20.94 -6.50 -18.49
N ASP E 170 -21.92 -6.02 -17.73
CA ASP E 170 -23.29 -5.84 -18.24
C ASP E 170 -23.95 -7.08 -18.83
N PHE E 171 -23.91 -8.18 -18.10
CA PHE E 171 -24.63 -9.39 -18.48
C PHE E 171 -26.10 -9.08 -18.63
N GLY E 172 -26.69 -9.58 -19.71
CA GLY E 172 -28.08 -9.28 -20.08
C GLY E 172 -29.12 -9.69 -19.06
N LEU E 173 -30.08 -8.81 -18.86
CA LEU E 173 -31.15 -8.97 -17.87
C LEU E 173 -32.43 -8.29 -18.38
N ALA E 174 -32.35 -7.71 -19.58
CA ALA E 174 -33.45 -6.90 -20.17
C ALA E 174 -34.80 -7.62 -20.18
N GLU E 175 -34.79 -8.91 -20.47
CA GLU E 175 -36.00 -9.71 -20.55
C GLU E 175 -36.78 -9.78 -19.24
N LEU E 176 -36.08 -9.68 -18.12
CA LEU E 176 -36.71 -9.75 -16.80
C LEU E 176 -37.44 -8.44 -16.45
N PHE E 177 -37.26 -7.42 -17.29
CA PHE E 177 -37.81 -6.09 -17.02
C PHE E 177 -38.62 -5.54 -18.20
N LYS E 178 -38.91 -4.23 -18.14
CA LYS E 178 -39.77 -3.54 -19.11
C LYS E 178 -41.21 -4.03 -19.06
N ALA E 190 -29.07 -4.59 -32.13
CA ALA E 190 -29.36 -5.44 -33.28
C ALA E 190 -28.10 -5.81 -34.08
N LEU E 191 -27.09 -4.94 -34.00
CA LEU E 191 -25.83 -5.14 -34.72
C LEU E 191 -25.07 -6.40 -34.30
N TYR E 192 -25.26 -6.81 -33.05
CA TYR E 192 -24.54 -7.95 -32.47
C TYR E 192 -25.48 -9.13 -32.21
N MET E 193 -26.73 -8.99 -32.65
CA MET E 193 -27.73 -10.03 -32.48
C MET E 193 -27.60 -11.20 -33.45
N ALA E 194 -27.56 -12.41 -32.89
CA ALA E 194 -27.60 -13.64 -33.67
C ALA E 194 -28.95 -13.77 -34.38
N PRO E 195 -28.97 -14.44 -35.55
CA PRO E 195 -30.19 -14.58 -36.36
C PRO E 195 -31.37 -15.21 -35.61
N GLU E 196 -31.07 -16.22 -34.79
CA GLU E 196 -32.10 -16.93 -34.02
C GLU E 196 -32.68 -16.11 -32.86
N VAL E 197 -31.97 -15.05 -32.46
CA VAL E 197 -32.42 -14.17 -31.39
C VAL E 197 -33.64 -13.35 -31.82
N PHE E 198 -33.69 -12.99 -33.10
CA PHE E 198 -34.85 -12.31 -33.68
C PHE E 198 -36.11 -13.17 -33.67
N LYS E 199 -35.93 -14.49 -33.58
CA LYS E 199 -37.03 -15.44 -33.51
C LYS E 199 -37.12 -16.12 -32.14
N ARG E 200 -36.83 -15.35 -31.09
CA ARG E 200 -37.00 -15.76 -29.68
C ARG E 200 -36.15 -16.96 -29.20
N ASP E 201 -35.26 -17.45 -30.06
CA ASP E 201 -34.37 -18.56 -29.70
C ASP E 201 -33.12 -18.03 -29.02
N VAL E 202 -33.14 -18.05 -27.68
CA VAL E 202 -32.02 -17.54 -26.87
C VAL E 202 -31.20 -18.68 -26.28
N THR E 203 -29.96 -18.79 -26.75
CA THR E 203 -29.07 -19.88 -26.35
C THR E 203 -27.64 -19.36 -26.19
N PHE E 204 -26.79 -20.15 -25.55
CA PHE E 204 -25.37 -19.79 -25.33
C PHE E 204 -24.60 -19.56 -26.62
N LYS E 205 -25.05 -20.19 -27.71
CA LYS E 205 -24.44 -19.99 -29.04
C LYS E 205 -24.56 -18.54 -29.52
N CYS E 206 -25.55 -17.80 -29.02
CA CYS E 206 -25.74 -16.42 -29.43
C CYS E 206 -24.63 -15.50 -28.93
N ASP E 207 -23.98 -15.89 -27.82
CA ASP E 207 -22.81 -15.20 -27.32
C ASP E 207 -21.63 -15.42 -28.27
N ILE E 208 -21.57 -16.61 -28.88
CA ILE E 208 -20.53 -16.97 -29.85
C ILE E 208 -20.65 -16.09 -31.09
N TRP E 209 -21.88 -15.90 -31.57
CA TRP E 209 -22.15 -15.02 -32.70
C TRP E 209 -21.70 -13.60 -32.40
N SER E 210 -22.16 -13.07 -31.26
CA SER E 210 -21.83 -11.73 -30.81
C SER E 210 -20.31 -11.53 -30.72
N ALA E 211 -19.63 -12.49 -30.10
CA ALA E 211 -18.18 -12.47 -30.02
C ALA E 211 -17.53 -12.38 -31.41
N GLY E 212 -18.09 -13.12 -32.37
CA GLY E 212 -17.65 -13.07 -33.76
C GLY E 212 -17.85 -11.71 -34.42
N VAL E 213 -18.96 -11.04 -34.10
CA VAL E 213 -19.25 -9.70 -34.61
C VAL E 213 -18.24 -8.69 -34.07
N VAL E 214 -17.92 -8.80 -32.78
CA VAL E 214 -16.92 -7.96 -32.13
C VAL E 214 -15.53 -8.16 -32.74
N MET E 215 -15.19 -9.41 -33.05
CA MET E 215 -13.92 -9.77 -33.66
C MET E 215 -13.78 -9.17 -35.05
N TYR E 216 -14.83 -9.34 -35.87
CA TYR E 216 -14.89 -8.74 -37.21
C TYR E 216 -14.68 -7.24 -37.13
N PHE E 217 -15.35 -6.62 -36.16
CA PHE E 217 -15.25 -5.18 -35.90
C PHE E 217 -13.84 -4.79 -35.47
N LEU E 218 -13.23 -5.62 -34.61
CA LEU E 218 -11.85 -5.40 -34.15
C LEU E 218 -10.84 -5.49 -35.28
N LEU E 219 -11.07 -6.39 -36.23
CA LEU E 219 -10.11 -6.67 -37.29
C LEU E 219 -10.28 -5.79 -38.54
N THR E 220 -11.48 -5.25 -38.73
CA THR E 220 -11.78 -4.49 -39.95
C THR E 220 -12.09 -3.01 -39.71
N GLY E 221 -12.69 -2.71 -38.57
CA GLY E 221 -13.14 -1.35 -38.28
C GLY E 221 -14.55 -1.09 -38.80
N CYS E 222 -15.15 -2.12 -39.39
CA CYS E 222 -16.52 -2.07 -39.88
C CYS E 222 -17.35 -3.14 -39.18
N LEU E 223 -18.65 -2.89 -39.06
CA LEU E 223 -19.58 -3.90 -38.56
C LEU E 223 -20.07 -4.75 -39.74
N PRO E 224 -20.05 -6.09 -39.57
CA PRO E 224 -20.30 -7.02 -40.67
C PRO E 224 -21.68 -6.88 -41.32
N PHE E 225 -22.68 -6.58 -40.50
CA PHE E 225 -24.04 -6.38 -40.98
C PHE E 225 -24.52 -4.98 -40.58
N THR E 226 -24.20 -4.01 -41.43
CA THR E 226 -24.47 -2.60 -41.15
C THR E 226 -25.71 -2.10 -41.88
N GLY E 227 -26.63 -1.50 -41.11
CA GLY E 227 -27.85 -0.91 -41.64
C GLY E 227 -28.31 0.30 -40.84
N THR E 228 -29.49 0.81 -41.16
CA THR E 228 -30.06 1.98 -40.48
C THR E 228 -31.49 1.73 -39.99
N SER E 229 -31.80 0.45 -39.75
CA SER E 229 -33.12 0.03 -39.28
C SER E 229 -33.05 -1.41 -38.78
N LEU E 230 -33.95 -1.76 -37.86
CA LEU E 230 -33.98 -3.11 -37.29
C LEU E 230 -34.29 -4.18 -38.34
N GLU E 231 -35.33 -3.94 -39.14
CA GLU E 231 -35.71 -4.86 -40.22
C GLU E 231 -34.64 -4.94 -41.31
N GLU E 232 -33.89 -3.85 -41.47
CA GLU E 232 -32.79 -3.78 -42.44
C GLU E 232 -31.62 -4.67 -42.02
N VAL E 233 -31.28 -4.63 -40.73
CA VAL E 233 -30.15 -5.40 -40.19
C VAL E 233 -30.53 -6.86 -39.90
N GLN E 234 -31.76 -7.06 -39.44
CA GLN E 234 -32.26 -8.41 -39.11
C GLN E 234 -32.27 -9.35 -40.31
N GLN E 235 -32.68 -8.81 -41.47
CA GLN E 235 -32.71 -9.58 -42.72
C GLN E 235 -31.31 -9.86 -43.26
N LYS E 236 -30.44 -8.85 -43.17
CA LYS E 236 -29.06 -8.94 -43.64
C LYS E 236 -28.21 -9.86 -42.76
N ALA E 237 -28.50 -9.87 -41.46
CA ALA E 237 -27.82 -10.78 -40.53
C ALA E 237 -28.31 -12.22 -40.74
N THR E 238 -29.57 -12.37 -41.13
CA THR E 238 -30.16 -13.67 -41.40
C THR E 238 -29.61 -14.33 -42.67
N TYR E 239 -29.23 -13.50 -43.65
CA TYR E 239 -28.67 -14.00 -44.91
C TYR E 239 -27.80 -12.96 -45.64
N LYS E 240 -26.48 -13.03 -45.40
CA LYS E 240 -25.48 -12.21 -46.10
C LYS E 240 -24.06 -12.69 -45.79
N PRO E 250 -8.19 -7.11 -45.78
CA PRO E 250 -6.78 -7.34 -45.49
C PRO E 250 -6.53 -8.42 -44.43
N LEU E 251 -7.59 -9.10 -44.00
CA LEU E 251 -7.49 -10.14 -42.98
C LEU E 251 -6.94 -11.45 -43.55
N THR E 252 -6.17 -12.17 -42.73
CA THR E 252 -5.55 -13.43 -43.14
C THR E 252 -6.58 -14.55 -43.30
N PRO E 253 -6.28 -15.56 -44.16
CA PRO E 253 -7.18 -16.68 -44.41
C PRO E 253 -7.73 -17.39 -43.16
N GLN E 254 -6.85 -17.84 -42.28
CA GLN E 254 -7.27 -18.59 -41.08
C GLN E 254 -8.02 -17.72 -40.05
N ALA E 255 -7.90 -16.40 -40.20
CA ALA E 255 -8.71 -15.46 -39.42
C ALA E 255 -10.15 -15.46 -39.93
N VAL E 256 -10.30 -15.40 -41.26
CA VAL E 256 -11.62 -15.47 -41.90
C VAL E 256 -12.29 -16.82 -41.63
N ASP E 257 -11.49 -17.87 -41.58
CA ASP E 257 -11.96 -19.23 -41.27
C ASP E 257 -12.68 -19.30 -39.92
N LEU E 258 -12.11 -18.67 -38.91
CA LEU E 258 -12.72 -18.62 -37.57
C LEU E 258 -13.94 -17.72 -37.54
N LEU E 259 -13.84 -16.55 -38.18
CA LEU E 259 -14.96 -15.62 -38.32
C LEU E 259 -16.17 -16.28 -38.95
N LYS E 260 -15.94 -17.03 -40.03
CA LYS E 260 -17.00 -17.74 -40.75
C LYS E 260 -17.66 -18.81 -39.87
N GLN E 261 -16.85 -19.48 -39.05
CA GLN E 261 -17.37 -20.47 -38.10
C GLN E 261 -18.25 -19.83 -37.03
N MET E 262 -17.77 -18.74 -36.43
CA MET E 262 -18.48 -18.05 -35.35
C MET E 262 -19.75 -17.37 -35.85
N LEU E 263 -19.72 -16.92 -37.10
CA LEU E 263 -20.85 -16.23 -37.71
C LEU E 263 -21.72 -17.16 -38.56
N THR E 264 -21.72 -18.44 -38.20
CA THR E 264 -22.59 -19.43 -38.86
C THR E 264 -24.04 -19.15 -38.45
N LYS E 265 -24.90 -19.03 -39.46
CA LYS E 265 -26.29 -18.61 -39.28
C LYS E 265 -27.10 -19.53 -38.38
N ASP E 266 -26.88 -20.84 -38.53
CA ASP E 266 -27.56 -21.85 -37.71
C ASP E 266 -26.74 -22.15 -36.45
N PRO E 267 -27.31 -21.85 -35.27
CA PRO E 267 -26.66 -22.04 -33.97
C PRO E 267 -26.21 -23.48 -33.71
N GLU E 268 -26.89 -24.43 -34.34
CA GLU E 268 -26.55 -25.84 -34.22
C GLU E 268 -25.16 -26.16 -34.79
N ARG E 269 -24.83 -25.53 -35.92
CA ARG E 269 -23.53 -25.74 -36.58
C ARG E 269 -22.47 -24.71 -36.15
N ARG E 270 -22.85 -23.84 -35.22
CA ARG E 270 -21.95 -22.84 -34.65
C ARG E 270 -21.14 -23.49 -33.52
N PRO E 271 -19.81 -23.25 -33.49
CA PRO E 271 -18.95 -23.86 -32.46
C PRO E 271 -19.17 -23.27 -31.06
N SER E 272 -18.79 -24.03 -30.04
CA SER E 272 -18.80 -23.56 -28.65
C SER E 272 -17.58 -22.69 -28.39
N ALA E 273 -17.49 -22.13 -27.19
CA ALA E 273 -16.35 -21.29 -26.82
C ALA E 273 -15.07 -22.10 -26.70
N ALA E 274 -15.15 -23.25 -26.04
CA ALA E 274 -14.02 -24.18 -25.92
C ALA E 274 -13.52 -24.66 -27.29
N GLN E 275 -14.45 -24.76 -28.26
CA GLN E 275 -14.10 -25.13 -29.63
C GLN E 275 -13.38 -24.01 -30.35
N VAL E 276 -13.90 -22.79 -30.22
CA VAL E 276 -13.27 -21.60 -30.80
C VAL E 276 -11.83 -21.43 -30.30
N LEU E 277 -11.61 -21.66 -29.01
CA LEU E 277 -10.28 -21.66 -28.41
C LEU E 277 -9.28 -22.59 -29.10
N HIS E 278 -9.77 -23.72 -29.59
CA HIS E 278 -8.92 -24.74 -30.22
C HIS E 278 -8.57 -24.41 -31.67
N HIS E 279 -9.10 -23.30 -32.20
CA HIS E 279 -8.82 -22.87 -33.56
C HIS E 279 -7.36 -22.48 -33.73
N GLU E 280 -6.82 -22.72 -34.93
CA GLU E 280 -5.40 -22.55 -35.23
C GLU E 280 -4.93 -21.08 -35.15
N TRP E 281 -5.87 -20.15 -35.31
CA TRP E 281 -5.59 -18.71 -35.31
C TRP E 281 -5.00 -18.22 -33.99
N GLU F 12 -37.63 1.74 4.25
CA GLU F 12 -36.24 1.86 3.69
C GLU F 12 -35.22 1.08 4.52
N ASN F 13 -35.59 -0.13 4.93
CA ASN F 13 -34.64 -1.06 5.52
C ASN F 13 -33.76 -1.64 4.43
N LEU F 14 -32.46 -1.73 4.71
CA LEU F 14 -31.52 -2.32 3.77
C LEU F 14 -31.10 -3.73 4.19
N TYR F 15 -31.10 -4.64 3.22
CA TYR F 15 -30.69 -6.02 3.43
C TYR F 15 -29.54 -6.41 2.52
N PHE F 16 -28.59 -7.18 3.06
CA PHE F 16 -27.59 -7.85 2.25
C PHE F 16 -28.14 -9.18 1.79
N GLN F 17 -27.97 -9.49 0.51
CA GLN F 17 -28.44 -10.76 -0.03
C GLN F 17 -27.52 -11.92 0.35
N GLY F 18 -27.84 -12.55 1.47
CA GLY F 18 -27.09 -13.71 1.96
C GLY F 18 -27.09 -13.77 3.47
N THR F 19 -26.08 -14.44 4.03
CA THR F 19 -25.93 -14.54 5.49
C THR F 19 -24.62 -13.88 5.93
N ILE F 20 -24.39 -13.74 7.23
CA ILE F 20 -23.09 -13.24 7.73
C ILE F 20 -21.95 -14.09 7.21
N ASP F 21 -22.20 -15.39 7.07
CA ASP F 21 -21.21 -16.34 6.57
C ASP F 21 -20.86 -16.10 5.11
N ASP F 22 -21.82 -15.61 4.32
CA ASP F 22 -21.53 -15.18 2.95
C ASP F 22 -20.70 -13.91 2.96
N LEU F 23 -20.86 -13.11 4.01
CA LEU F 23 -20.17 -11.83 4.11
C LEU F 23 -18.79 -11.95 4.78
N PHE F 24 -18.69 -12.83 5.77
CA PHE F 24 -17.49 -12.93 6.61
C PHE F 24 -17.06 -14.36 6.83
N ILE F 25 -15.74 -14.60 6.73
CA ILE F 25 -15.15 -15.84 7.21
C ILE F 25 -14.82 -15.64 8.68
N PHE F 26 -15.29 -16.56 9.52
CA PHE F 26 -14.96 -16.53 10.95
C PHE F 26 -13.69 -17.32 11.19
N LYS F 27 -12.60 -16.60 11.50
CA LYS F 27 -11.27 -17.19 11.55
C LYS F 27 -10.92 -17.78 12.92
N ARG F 28 -11.22 -17.04 13.98
CA ARG F 28 -10.73 -17.36 15.31
C ARG F 28 -11.63 -16.72 16.36
N LYS F 29 -11.99 -17.50 17.38
CA LYS F 29 -12.71 -16.96 18.53
C LYS F 29 -11.74 -16.28 19.48
N LEU F 30 -11.91 -14.98 19.65
CA LEU F 30 -11.11 -14.20 20.59
C LEU F 30 -11.52 -14.43 22.03
N GLY F 31 -12.82 -14.61 22.25
CA GLY F 31 -13.36 -14.86 23.58
C GLY F 31 -14.87 -14.77 23.70
N SER F 32 -15.36 -14.90 24.93
CA SER F 32 -16.80 -14.91 25.24
C SER F 32 -17.12 -13.80 26.23
N GLY F 33 -17.53 -12.65 25.72
CA GLY F 33 -17.80 -11.46 26.54
C GLY F 33 -19.03 -11.55 27.43
N ALA F 34 -19.36 -10.43 28.08
CA ALA F 34 -20.53 -10.34 28.95
C ALA F 34 -21.86 -10.35 28.19
N PHE F 35 -21.82 -10.18 26.87
CA PHE F 35 -23.03 -10.12 26.05
C PHE F 35 -23.01 -11.10 24.87
N GLY F 36 -21.83 -11.60 24.53
CA GLY F 36 -21.69 -12.59 23.47
C GLY F 36 -20.26 -12.76 23.02
N ASP F 37 -20.05 -13.64 22.04
CA ASP F 37 -18.71 -13.97 21.55
C ASP F 37 -18.04 -12.85 20.77
N VAL F 38 -16.71 -12.95 20.63
CA VAL F 38 -15.93 -12.04 19.82
C VAL F 38 -15.04 -12.86 18.89
N HIS F 39 -15.01 -12.51 17.60
CA HIS F 39 -14.27 -13.29 16.62
C HIS F 39 -13.35 -12.44 15.76
N LEU F 40 -12.17 -12.97 15.46
CA LEU F 40 -11.35 -12.43 14.38
C LEU F 40 -11.98 -12.88 13.08
N VAL F 41 -12.07 -11.94 12.15
CA VAL F 41 -12.95 -12.07 11.01
C VAL F 41 -12.25 -11.54 9.76
N GLU F 42 -12.60 -12.13 8.63
CA GLU F 42 -12.15 -11.63 7.34
C GLU F 42 -13.36 -11.40 6.44
N GLU F 43 -13.45 -10.19 5.88
CA GLU F 43 -14.45 -9.90 4.86
C GLU F 43 -14.15 -10.67 3.59
N ARG F 44 -15.10 -11.49 3.12
CA ARG F 44 -14.91 -12.26 1.89
C ARG F 44 -14.58 -11.40 0.67
N SER F 45 -14.96 -10.13 0.72
CA SER F 45 -14.80 -9.22 -0.43
C SER F 45 -13.42 -8.55 -0.57
N SER F 46 -12.87 -8.10 0.56
CA SER F 46 -11.75 -7.14 0.55
C SER F 46 -10.30 -7.69 0.42
N GLY F 47 -9.91 -8.75 1.14
CA GLY F 47 -10.62 -9.31 2.28
C GLY F 47 -9.96 -8.79 3.54
N LEU F 48 -10.48 -7.68 4.06
CA LEU F 48 -9.87 -7.01 5.20
C LEU F 48 -10.24 -7.71 6.50
N GLU F 49 -9.28 -7.72 7.44
CA GLU F 49 -9.54 -8.22 8.78
C GLU F 49 -10.45 -7.28 9.55
N ARG F 50 -11.33 -7.88 10.34
CA ARG F 50 -12.20 -7.18 11.27
C ARG F 50 -12.39 -8.04 12.52
N VAL F 51 -12.92 -7.47 13.59
CA VAL F 51 -13.48 -8.30 14.65
C VAL F 51 -14.97 -8.06 14.76
N ILE F 52 -15.71 -9.14 14.98
CA ILE F 52 -17.15 -9.07 15.14
C ILE F 52 -17.55 -9.48 16.54
N LYS F 53 -18.43 -8.70 17.15
CA LYS F 53 -19.07 -9.12 18.39
C LYS F 53 -20.47 -9.64 18.08
N THR F 54 -20.73 -10.89 18.46
CA THR F 54 -22.03 -11.51 18.26
C THR F 54 -22.82 -11.42 19.56
N ILE F 55 -23.90 -10.67 19.54
CA ILE F 55 -24.84 -10.61 20.67
C ILE F 55 -26.15 -11.30 20.29
N ASN F 56 -26.58 -12.23 21.13
CA ASN F 56 -27.83 -12.94 20.91
C ASN F 56 -29.01 -12.05 21.30
N LYS F 57 -29.96 -11.91 20.38
CA LYS F 57 -31.15 -11.09 20.63
C LYS F 57 -32.10 -11.70 21.67
N ASP F 58 -31.95 -13.00 21.93
CA ASP F 58 -32.56 -13.70 23.08
C ASP F 58 -32.49 -12.88 24.37
N ARG F 59 -31.36 -12.20 24.55
CA ARG F 59 -31.03 -11.54 25.80
C ARG F 59 -31.60 -10.12 25.91
N SER F 60 -32.21 -9.63 24.83
CA SER F 60 -32.80 -8.29 24.77
C SER F 60 -33.74 -8.00 25.94
N GLN F 61 -33.59 -6.83 26.55
CA GLN F 61 -34.45 -6.41 27.67
C GLN F 61 -35.33 -5.22 27.30
N VAL F 62 -35.19 -4.79 26.05
CA VAL F 62 -35.77 -3.57 25.55
C VAL F 62 -36.11 -3.84 24.07
N PRO F 63 -37.00 -3.02 23.44
CA PRO F 63 -37.34 -3.29 22.05
C PRO F 63 -36.12 -3.16 21.14
N MET F 64 -36.06 -4.01 20.11
CA MET F 64 -34.92 -4.02 19.19
C MET F 64 -34.73 -2.70 18.45
N GLU F 65 -35.84 -1.99 18.21
CA GLU F 65 -35.78 -0.64 17.64
C GLU F 65 -34.92 0.29 18.51
N GLN F 66 -35.04 0.11 19.83
CA GLN F 66 -34.34 0.96 20.79
C GLN F 66 -32.86 0.59 20.89
N ILE F 67 -32.57 -0.70 20.71
CA ILE F 67 -31.19 -1.19 20.75
C ILE F 67 -30.41 -0.68 19.53
N GLU F 68 -31.03 -0.80 18.36
CA GLU F 68 -30.48 -0.22 17.14
C GLU F 68 -30.15 1.26 17.32
N ALA F 69 -31.08 2.02 17.90
CA ALA F 69 -30.84 3.44 18.15
C ALA F 69 -29.61 3.68 19.02
N GLU F 70 -29.50 2.93 20.11
CA GLU F 70 -28.37 3.07 21.04
C GLU F 70 -27.05 2.55 20.45
N ILE F 71 -27.12 1.51 19.61
CA ILE F 71 -25.92 1.04 18.91
C ILE F 71 -25.49 2.03 17.83
N GLU F 72 -26.45 2.64 17.13
CA GLU F 72 -26.16 3.69 16.15
C GLU F 72 -25.38 4.85 16.75
N VAL F 73 -25.71 5.24 17.98
CA VAL F 73 -24.99 6.30 18.68
C VAL F 73 -23.52 5.89 18.91
N LEU F 74 -23.30 4.61 19.25
CA LEU F 74 -21.94 4.09 19.49
C LEU F 74 -21.16 4.03 18.19
N LYS F 75 -21.83 3.66 17.10
CA LYS F 75 -21.23 3.66 15.77
C LYS F 75 -20.80 5.07 15.36
N SER F 76 -21.58 6.06 15.74
CA SER F 76 -21.28 7.46 15.38
C SER F 76 -20.08 8.03 16.13
N LEU F 77 -19.63 7.34 17.18
CA LEU F 77 -18.47 7.78 17.95
C LEU F 77 -17.18 7.70 17.12
N ASP F 78 -16.65 8.87 16.75
CA ASP F 78 -15.46 8.99 15.92
C ASP F 78 -14.35 9.71 16.68
N HIS F 79 -13.42 8.93 17.24
CA HIS F 79 -12.35 9.47 18.10
C HIS F 79 -11.12 8.55 18.04
N PRO F 80 -9.91 9.12 18.06
CA PRO F 80 -8.73 8.24 17.92
C PRO F 80 -8.51 7.24 19.06
N ASN F 81 -9.23 7.39 20.17
CA ASN F 81 -9.10 6.47 21.29
C ASN F 81 -10.40 5.75 21.62
N ILE F 82 -11.30 5.72 20.65
CA ILE F 82 -12.53 4.95 20.80
C ILE F 82 -12.59 3.95 19.65
N ILE F 83 -12.81 2.68 19.97
CA ILE F 83 -12.93 1.63 18.95
C ILE F 83 -13.89 2.08 17.84
N LYS F 84 -13.46 1.88 16.60
CA LYS F 84 -14.29 2.21 15.45
C LYS F 84 -15.18 1.04 15.05
N ILE F 85 -16.49 1.26 15.08
CA ILE F 85 -17.47 0.31 14.57
C ILE F 85 -17.80 0.68 13.12
N PHE F 86 -17.56 -0.24 12.19
CA PHE F 86 -17.82 0.04 10.78
C PHE F 86 -19.28 -0.12 10.38
N GLU F 87 -19.90 -1.24 10.79
CA GLU F 87 -21.22 -1.65 10.34
C GLU F 87 -21.86 -2.51 11.42
N VAL F 88 -23.19 -2.58 11.43
CA VAL F 88 -23.90 -3.55 12.27
C VAL F 88 -24.96 -4.29 11.47
N PHE F 89 -24.86 -5.62 11.49
CA PHE F 89 -25.81 -6.50 10.81
C PHE F 89 -26.61 -7.32 11.80
N GLU F 90 -27.76 -7.82 11.35
CA GLU F 90 -28.57 -8.75 12.13
C GLU F 90 -29.17 -9.85 11.30
N ASP F 91 -29.23 -11.05 11.87
CA ASP F 91 -30.13 -12.07 11.35
C ASP F 91 -31.19 -12.34 12.42
N TYR F 92 -32.00 -13.38 12.23
CA TYR F 92 -33.10 -13.68 13.13
C TYR F 92 -32.67 -13.72 14.61
N HIS F 93 -31.53 -14.32 14.90
CA HIS F 93 -31.12 -14.57 16.28
C HIS F 93 -30.04 -13.64 16.83
N ASN F 94 -29.18 -13.14 15.94
CA ASN F 94 -27.98 -12.42 16.36
C ASN F 94 -27.87 -11.01 15.82
N MET F 95 -27.21 -10.16 16.62
CA MET F 95 -26.73 -8.87 16.16
C MET F 95 -25.21 -8.95 16.06
N TYR F 96 -24.69 -8.46 14.94
CA TYR F 96 -23.25 -8.55 14.67
C TYR F 96 -22.66 -7.15 14.58
N ILE F 97 -21.80 -6.82 15.52
CA ILE F 97 -21.10 -5.54 15.52
C ILE F 97 -19.72 -5.70 14.88
N VAL F 98 -19.56 -5.10 13.71
CA VAL F 98 -18.33 -5.21 12.93
C VAL F 98 -17.43 -4.01 13.25
N MET F 99 -16.25 -4.28 13.80
CA MET F 99 -15.35 -3.22 14.24
C MET F 99 -13.91 -3.46 13.81
N GLU F 100 -13.06 -2.45 14.01
CA GLU F 100 -11.64 -2.55 13.64
C GLU F 100 -10.90 -3.49 14.58
N THR F 101 -9.81 -4.06 14.09
CA THR F 101 -8.96 -4.96 14.84
C THR F 101 -7.88 -4.16 15.59
N CYS F 102 -7.75 -4.38 16.90
CA CYS F 102 -6.59 -3.89 17.66
C CYS F 102 -5.54 -4.98 17.79
N GLU F 103 -4.26 -4.60 17.82
CA GLU F 103 -3.16 -5.57 17.88
C GLU F 103 -2.27 -5.47 19.11
N GLY F 104 -2.75 -4.81 20.16
CA GLY F 104 -1.94 -4.36 21.30
C GLY F 104 -1.59 -5.22 22.52
N GLY F 105 -2.50 -6.03 23.07
CA GLY F 105 -3.94 -5.84 23.04
C GLY F 105 -4.37 -5.13 24.32
N GLU F 106 -4.68 -5.90 25.37
CA GLU F 106 -5.29 -5.33 26.61
C GLU F 106 -4.37 -4.50 27.51
N LEU F 107 -4.89 -3.39 28.03
CA LEU F 107 -4.16 -2.53 28.95
C LEU F 107 -3.71 -3.31 30.19
N LEU F 108 -4.57 -4.21 30.66
CA LEU F 108 -4.28 -5.10 31.79
C LEU F 108 -2.94 -5.82 31.63
N GLU F 109 -2.68 -6.36 30.43
CA GLU F 109 -1.44 -7.10 30.14
CA GLU F 109 -1.44 -7.10 30.19
C GLU F 109 -0.19 -6.29 30.50
N ARG F 110 -0.24 -4.98 30.27
CA ARG F 110 0.88 -4.09 30.59
C ARG F 110 1.04 -3.85 32.10
N ILE F 111 -0.08 -3.78 32.81
CA ILE F 111 -0.08 -3.71 34.28
C ILE F 111 0.54 -4.97 34.90
N VAL F 112 0.05 -6.13 34.44
CA VAL F 112 0.51 -7.43 34.93
C VAL F 112 2.01 -7.63 34.67
N SER F 113 2.48 -7.24 33.48
CA SER F 113 3.90 -7.30 33.13
C SER F 113 4.76 -6.44 34.04
N ALA F 114 4.27 -5.27 34.43
CA ALA F 114 4.97 -4.41 35.36
C ALA F 114 5.01 -5.03 36.77
N GLN F 115 3.92 -5.69 37.17
CA GLN F 115 3.86 -6.42 38.45
C GLN F 115 4.86 -7.58 38.49
N ALA F 116 5.14 -8.17 37.33
CA ALA F 116 6.13 -9.23 37.22
C ALA F 116 7.56 -8.68 37.26
N ARG F 117 7.78 -7.53 36.64
CA ARG F 117 9.11 -6.92 36.59
C ARG F 117 9.50 -6.21 37.89
N GLY F 118 8.55 -6.13 38.82
CA GLY F 118 8.81 -5.55 40.15
C GLY F 118 7.57 -4.93 40.76
N ALA F 120 3.78 0.27 39.11
CA ALA F 120 5.17 0.26 38.65
C ALA F 120 5.38 1.03 37.33
N LEU F 121 4.31 1.14 36.52
CA LEU F 121 4.35 1.99 35.32
C LEU F 121 4.57 3.44 35.75
N SER F 122 5.48 4.13 35.06
CA SER F 122 5.90 5.47 35.49
C SER F 122 4.79 6.50 35.37
N GLU F 123 4.87 7.53 36.20
CA GLU F 123 3.85 8.58 36.25
C GLU F 123 3.74 9.32 34.92
N GLY F 124 4.88 9.57 34.28
CA GLY F 124 4.93 10.21 32.96
C GLY F 124 4.21 9.40 31.90
N TYR F 125 4.49 8.10 31.85
CA TYR F 125 3.81 7.23 30.89
C TYR F 125 2.30 7.12 31.15
N VAL F 126 1.91 6.99 32.42
CA VAL F 126 0.50 6.87 32.76
C VAL F 126 -0.25 8.19 32.56
N ALA F 127 0.45 9.31 32.72
CA ALA F 127 -0.10 10.63 32.41
C ALA F 127 -0.60 10.72 30.97
N GLU F 128 0.17 10.14 30.04
CA GLU F 128 -0.20 10.18 28.63
C GLU F 128 -1.39 9.27 28.29
N LEU F 129 -1.49 8.11 28.92
CA LEU F 129 -2.63 7.22 28.73
C LEU F 129 -3.91 7.88 29.25
N MET F 130 -3.84 8.44 30.45
CA MET F 130 -4.98 9.09 31.08
C MET F 130 -5.45 10.28 30.25
N LYS F 131 -4.51 10.98 29.62
CA LYS F 131 -4.83 12.07 28.72
C LYS F 131 -5.73 11.54 27.60
N GLN F 132 -5.28 10.48 26.93
CA GLN F 132 -6.03 9.86 25.85
C GLN F 132 -7.38 9.35 26.33
N MET F 133 -7.37 8.73 27.51
CA MET F 133 -8.57 8.18 28.11
C MET F 133 -9.63 9.26 28.38
N MET F 134 -9.25 10.31 29.11
CA MET F 134 -10.16 11.39 29.50
C MET F 134 -10.63 12.23 28.31
N ASN F 135 -9.76 12.39 27.31
CA ASN F 135 -10.17 13.01 26.04
C ASN F 135 -11.32 12.24 25.42
N ALA F 136 -11.13 10.93 25.30
CA ALA F 136 -12.14 10.03 24.77
C ALA F 136 -13.45 10.11 25.55
N LEU F 137 -13.34 10.13 26.88
CA LEU F 137 -14.50 10.26 27.76
C LEU F 137 -15.19 11.62 27.58
N ALA F 138 -14.41 12.69 27.52
CA ALA F 138 -14.99 14.02 27.30
C ALA F 138 -15.79 14.03 26.02
N TYR F 139 -15.23 13.40 24.98
CA TYR F 139 -15.91 13.30 23.69
C TYR F 139 -17.21 12.50 23.76
N PHE F 140 -17.16 11.25 24.22
CA PHE F 140 -18.39 10.44 24.25
C PHE F 140 -19.41 10.83 25.30
N HIS F 141 -18.98 11.54 26.33
CA HIS F 141 -19.93 12.14 27.27
C HIS F 141 -20.66 13.31 26.60
N SER F 142 -19.97 14.01 25.71
CA SER F 142 -20.58 15.12 24.96
C SER F 142 -21.55 14.60 23.91
N GLN F 143 -21.42 13.31 23.55
CA GLN F 143 -22.40 12.64 22.68
C GLN F 143 -23.47 11.91 23.49
N HIS F 144 -23.51 12.18 24.79
CA HIS F 144 -24.52 11.63 25.72
C HIS F 144 -24.40 10.12 25.94
N VAL F 145 -23.16 9.62 25.90
CA VAL F 145 -22.88 8.22 26.11
C VAL F 145 -22.20 8.01 27.45
N VAL F 146 -22.69 7.04 28.21
CA VAL F 146 -22.06 6.58 29.43
C VAL F 146 -21.53 5.18 29.16
N HIS F 147 -20.22 4.98 29.33
CA HIS F 147 -19.59 3.69 29.06
C HIS F 147 -20.03 2.62 30.05
N LYS F 148 -19.93 2.94 31.34
CA LYS F 148 -20.43 2.08 32.44
C LYS F 148 -19.56 0.85 32.78
N ASP F 149 -18.56 0.54 31.96
CA ASP F 149 -17.77 -0.66 32.18
C ASP F 149 -16.27 -0.48 31.89
N LEU F 150 -15.74 0.69 32.28
CA LEU F 150 -14.34 0.99 32.07
C LEU F 150 -13.46 0.17 33.01
N LYS F 151 -12.46 -0.49 32.41
CA LYS F 151 -11.49 -1.31 33.13
C LYS F 151 -10.34 -1.68 32.18
N PRO F 152 -9.18 -2.08 32.72
CA PRO F 152 -8.03 -2.34 31.86
C PRO F 152 -8.26 -3.44 30.82
N GLU F 153 -9.18 -4.37 31.08
CA GLU F 153 -9.48 -5.40 30.08
C GLU F 153 -10.36 -4.87 28.95
N ASN F 154 -11.02 -3.74 29.20
CA ASN F 154 -11.83 -3.03 28.21
C ASN F 154 -11.12 -1.82 27.57
N ILE F 155 -9.79 -1.83 27.63
CA ILE F 155 -8.98 -0.83 26.95
C ILE F 155 -7.87 -1.54 26.18
N LEU F 156 -7.82 -1.30 24.87
CA LEU F 156 -6.86 -2.00 24.03
C LEU F 156 -5.78 -1.07 23.49
N PHE F 157 -4.60 -1.64 23.24
CA PHE F 157 -3.57 -0.95 22.46
C PHE F 157 -3.73 -1.28 20.99
N GLN F 158 -3.53 -0.30 20.13
CA GLN F 158 -3.62 -0.46 18.68
C GLN F 158 -2.54 -1.39 18.15
N ASP F 159 -1.33 -1.25 18.70
CA ASP F 159 -0.21 -2.13 18.35
C ASP F 159 0.69 -2.34 19.56
N THR F 160 1.80 -3.03 19.35
CA THR F 160 2.70 -3.40 20.44
C THR F 160 3.87 -2.45 20.66
N SER F 161 3.83 -1.31 19.96
CA SER F 161 4.81 -0.23 20.16
C SER F 161 4.75 0.27 21.59
N PRO F 162 5.91 0.60 22.19
CA PRO F 162 5.87 1.17 23.55
C PRO F 162 4.87 2.31 23.65
N HIS F 163 4.77 3.10 22.58
CA HIS F 163 4.01 4.34 22.57
C HIS F 163 2.65 4.22 21.87
N SER F 164 2.12 3.00 21.79
CA SER F 164 0.87 2.77 21.09
C SER F 164 -0.26 3.54 21.74
N PRO F 165 -1.14 4.15 20.93
CA PRO F 165 -2.32 4.77 21.50
C PRO F 165 -3.30 3.70 21.97
N ILE F 166 -4.25 4.08 22.81
CA ILE F 166 -5.25 3.15 23.32
C ILE F 166 -6.56 3.28 22.56
N LYS F 167 -7.38 2.24 22.65
CA LYS F 167 -8.73 2.24 22.12
C LYS F 167 -9.66 1.66 23.16
N ILE F 168 -10.62 2.46 23.59
CA ILE F 168 -11.66 1.98 24.51
C ILE F 168 -12.65 1.11 23.74
N ILE F 169 -12.95 -0.07 24.29
CA ILE F 169 -13.89 -1.03 23.68
C ILE F 169 -14.97 -1.41 24.70
N ASP F 170 -15.85 -2.34 24.29
CA ASP F 170 -16.86 -2.93 25.17
C ASP F 170 -17.64 -1.90 25.98
N PHE F 171 -18.17 -0.89 25.30
CA PHE F 171 -19.14 0.01 25.93
C PHE F 171 -20.28 -0.82 26.52
N GLY F 172 -20.69 -0.49 27.74
CA GLY F 172 -21.70 -1.26 28.48
C GLY F 172 -23.10 -1.28 27.87
N LEU F 173 -23.71 -2.46 27.83
CA LEU F 173 -25.03 -2.65 27.24
C LEU F 173 -26.02 -3.29 28.23
N ALA F 174 -25.72 -3.18 29.52
CA ALA F 174 -26.48 -3.83 30.61
C ALA F 174 -27.97 -3.51 30.61
N GLU F 175 -28.32 -2.29 30.19
CA GLU F 175 -29.72 -1.88 30.14
C GLU F 175 -30.44 -2.37 28.88
N LEU F 176 -29.68 -2.95 27.96
CA LEU F 176 -30.23 -3.45 26.70
C LEU F 176 -30.30 -4.97 26.66
N PHE F 177 -29.32 -5.63 27.29
CA PHE F 177 -29.25 -7.09 27.30
C PHE F 177 -28.95 -7.59 28.72
N LYS F 178 -29.65 -8.65 29.14
CA LYS F 178 -29.48 -9.24 30.46
C LYS F 178 -28.11 -9.90 30.64
N ALA F 186 -17.56 -9.22 35.26
CA ALA F 186 -18.66 -9.08 36.22
C ALA F 186 -18.14 -8.85 37.65
N ALA F 187 -17.46 -9.86 38.20
CA ALA F 187 -16.74 -9.72 39.47
C ALA F 187 -15.59 -8.72 39.33
N GLY F 188 -15.02 -8.64 38.13
CA GLY F 188 -14.01 -7.65 37.79
C GLY F 188 -14.60 -6.25 37.65
N THR F 189 -15.76 -6.17 36.99
CA THR F 189 -16.48 -4.91 36.84
C THR F 189 -16.86 -4.31 38.21
N ALA F 190 -17.20 -5.18 39.16
CA ALA F 190 -17.49 -4.75 40.54
C ALA F 190 -16.39 -3.88 41.15
N LEU F 191 -15.13 -4.25 40.85
CA LEU F 191 -13.96 -3.55 41.35
C LEU F 191 -13.81 -2.11 40.82
N TYR F 192 -14.52 -1.81 39.73
CA TYR F 192 -14.38 -0.51 39.06
C TYR F 192 -15.65 0.32 39.18
N MET F 193 -16.64 -0.24 39.85
CA MET F 193 -18.00 0.31 39.90
C MET F 193 -18.14 1.39 40.96
N ALA F 194 -18.58 2.58 40.53
CA ALA F 194 -18.81 3.72 41.41
C ALA F 194 -19.85 3.43 42.50
N PRO F 195 -19.73 4.07 43.68
CA PRO F 195 -20.68 3.84 44.77
C PRO F 195 -22.13 4.01 44.33
N GLU F 196 -22.43 5.07 43.60
CA GLU F 196 -23.81 5.38 43.22
C GLU F 196 -24.47 4.38 42.25
N VAL F 197 -23.67 3.74 41.39
CA VAL F 197 -24.24 2.76 40.44
C VAL F 197 -24.70 1.46 41.11
N PHE F 198 -24.12 1.15 42.27
CA PHE F 198 -24.66 0.09 43.14
C PHE F 198 -26.08 0.43 43.57
N LYS F 199 -26.35 1.72 43.73
CA LYS F 199 -27.67 2.23 44.08
C LYS F 199 -28.45 2.66 42.83
N ARG F 200 -27.96 2.23 41.66
CA ARG F 200 -28.63 2.39 40.36
C ARG F 200 -28.68 3.83 39.82
N ASP F 201 -27.93 4.74 40.44
CA ASP F 201 -27.77 6.07 39.90
C ASP F 201 -26.58 6.06 38.95
N VAL F 202 -26.87 5.88 37.67
CA VAL F 202 -25.83 5.76 36.64
C VAL F 202 -25.81 7.00 35.73
N THR F 203 -24.82 7.84 35.96
CA THR F 203 -24.58 9.04 35.15
C THR F 203 -23.18 8.97 34.58
N PHE F 204 -22.78 10.01 33.86
CA PHE F 204 -21.46 10.08 33.25
C PHE F 204 -20.33 10.12 34.29
N LYS F 205 -20.67 10.49 35.52
CA LYS F 205 -19.70 10.59 36.61
C LYS F 205 -19.18 9.22 37.04
N CYS F 206 -19.96 8.17 36.78
CA CYS F 206 -19.52 6.81 37.07
C CYS F 206 -18.32 6.39 36.22
N ASP F 207 -18.21 6.96 35.02
CA ASP F 207 -17.04 6.71 34.16
C ASP F 207 -15.78 7.37 34.70
N ILE F 208 -15.95 8.51 35.37
CA ILE F 208 -14.85 9.23 36.00
C ILE F 208 -14.27 8.40 37.16
N TRP F 209 -15.14 7.78 37.94
CA TRP F 209 -14.73 6.92 39.04
C TRP F 209 -13.93 5.75 38.49
N SER F 210 -14.51 5.04 37.52
CA SER F 210 -13.88 3.88 36.89
C SER F 210 -12.50 4.21 36.31
N ALA F 211 -12.41 5.37 35.67
CA ALA F 211 -11.15 5.86 35.12
C ALA F 211 -10.16 6.15 36.26
N GLY F 212 -10.70 6.61 37.39
CA GLY F 212 -9.92 6.84 38.60
C GLY F 212 -9.36 5.55 39.16
N VAL F 213 -10.20 4.51 39.21
CA VAL F 213 -9.76 3.19 39.66
C VAL F 213 -8.68 2.62 38.73
N VAL F 214 -8.84 2.82 37.42
CA VAL F 214 -7.85 2.39 36.44
C VAL F 214 -6.52 3.12 36.66
N MET F 215 -6.60 4.44 36.88
CA MET F 215 -5.44 5.27 37.16
C MET F 215 -4.68 4.77 38.39
N TYR F 216 -5.41 4.56 39.48
CA TYR F 216 -4.84 4.01 40.71
C TYR F 216 -4.07 2.73 40.44
N PHE F 217 -4.69 1.84 39.66
CA PHE F 217 -4.14 0.53 39.33
C PHE F 217 -2.89 0.66 38.47
N LEU F 218 -2.90 1.62 37.54
CA LEU F 218 -1.76 1.83 36.64
C LEU F 218 -0.55 2.33 37.40
N LEU F 219 -0.78 3.15 38.42
CA LEU F 219 0.28 3.83 39.16
C LEU F 219 0.82 3.05 40.35
N THR F 220 -0.03 2.23 40.97
CA THR F 220 0.35 1.53 42.21
C THR F 220 0.57 0.04 42.00
N GLY F 221 0.02 -0.51 40.92
CA GLY F 221 0.00 -1.96 40.72
C GLY F 221 -1.02 -2.65 41.62
N CYS F 222 -1.86 -1.85 42.29
CA CYS F 222 -2.88 -2.34 43.21
C CYS F 222 -4.25 -1.76 42.89
N LEU F 223 -5.30 -2.54 43.14
CA LEU F 223 -6.65 -2.00 43.11
C LEU F 223 -6.91 -1.29 44.43
N PRO F 224 -7.63 -0.14 44.37
CA PRO F 224 -7.94 0.60 45.58
C PRO F 224 -8.86 -0.14 46.54
N PHE F 225 -9.80 -0.91 46.00
CA PHE F 225 -10.81 -1.61 46.80
C PHE F 225 -10.86 -3.08 46.44
N THR F 226 -10.55 -3.94 47.40
CA THR F 226 -10.56 -5.38 47.19
C THR F 226 -11.34 -6.08 48.31
N GLY F 227 -11.88 -7.26 48.00
CA GLY F 227 -12.62 -8.04 48.98
C GLY F 227 -12.85 -9.49 48.60
N THR F 228 -13.26 -10.30 49.56
CA THR F 228 -13.54 -11.71 49.32
C THR F 228 -14.98 -11.92 48.85
N SER F 229 -15.81 -10.88 48.98
CA SER F 229 -17.20 -10.94 48.54
C SER F 229 -17.63 -9.65 47.84
N LEU F 230 -18.72 -9.74 47.09
CA LEU F 230 -19.32 -8.61 46.40
C LEU F 230 -19.68 -7.47 47.37
N GLU F 231 -20.30 -7.85 48.50
CA GLU F 231 -20.68 -6.89 49.52
C GLU F 231 -19.47 -6.18 50.14
N GLU F 232 -18.41 -6.95 50.43
CA GLU F 232 -17.18 -6.38 50.99
C GLU F 232 -16.61 -5.31 50.06
N VAL F 233 -16.59 -5.62 48.76
CA VAL F 233 -16.14 -4.67 47.73
C VAL F 233 -17.07 -3.45 47.67
N GLN F 234 -18.38 -3.68 47.64
CA GLN F 234 -19.35 -2.59 47.55
C GLN F 234 -19.17 -1.58 48.68
N GLN F 235 -19.09 -2.06 49.91
CA GLN F 235 -19.02 -1.19 51.09
C GLN F 235 -17.69 -0.43 51.19
N LYS F 236 -16.61 -1.07 50.77
CA LYS F 236 -15.30 -0.41 50.70
C LYS F 236 -15.31 0.73 49.68
N ALA F 237 -15.85 0.46 48.50
CA ALA F 237 -15.97 1.49 47.47
C ALA F 237 -16.82 2.66 47.99
N THR F 238 -17.87 2.32 48.74
CA THR F 238 -18.82 3.30 49.24
C THR F 238 -18.27 4.18 50.37
N TYR F 239 -17.47 3.59 51.27
CA TYR F 239 -17.06 4.31 52.49
C TYR F 239 -15.54 4.40 52.77
N LYS F 240 -14.77 3.40 52.35
CA LYS F 240 -13.35 3.31 52.70
C LYS F 240 -12.49 4.28 51.89
N GLU F 241 -11.54 4.93 52.56
CA GLU F 241 -10.53 5.68 51.83
C GLU F 241 -9.42 4.69 51.45
N PRO F 242 -8.99 4.71 50.17
CA PRO F 242 -7.92 3.85 49.69
C PRO F 242 -6.66 3.95 50.54
N ASN F 243 -5.89 2.86 50.60
CA ASN F 243 -4.63 2.84 51.35
C ASN F 243 -3.53 3.62 50.61
N TYR F 244 -3.71 4.94 50.50
CA TYR F 244 -2.75 5.82 49.84
C TYR F 244 -1.35 5.79 50.46
N ALA F 245 -1.28 5.87 51.79
CA ALA F 245 -0.01 5.91 52.52
C ALA F 245 0.90 4.71 52.21
N VAL F 246 0.31 3.53 52.10
CA VAL F 246 1.04 2.30 51.81
C VAL F 246 1.27 2.13 50.30
N GLU F 247 0.22 2.30 49.50
CA GLU F 247 0.24 1.93 48.09
C GLU F 247 0.74 3.02 47.15
N CYS F 248 0.68 4.26 47.59
CA CYS F 248 1.07 5.41 46.77
C CYS F 248 2.40 6.05 47.17
N ARG F 249 3.27 5.28 47.80
CA ARG F 249 4.59 5.76 48.20
C ARG F 249 5.43 6.38 47.08
N PRO F 250 5.47 5.74 45.89
CA PRO F 250 6.31 6.33 44.83
C PRO F 250 5.70 7.53 44.11
N LEU F 251 4.46 7.90 44.45
CA LEU F 251 3.71 8.88 43.67
C LEU F 251 3.85 10.31 44.15
N THR F 252 3.80 11.25 43.20
CA THR F 252 3.77 12.68 43.52
C THR F 252 2.46 13.03 44.22
N PRO F 253 2.48 14.06 45.08
CA PRO F 253 1.27 14.51 45.76
C PRO F 253 0.16 14.97 44.82
N GLN F 254 0.51 15.48 43.64
CA GLN F 254 -0.52 15.93 42.70
C GLN F 254 -1.24 14.76 42.03
N ALA F 255 -0.55 13.64 41.88
CA ALA F 255 -1.17 12.40 41.39
C ALA F 255 -2.22 11.91 42.38
N VAL F 256 -1.84 11.85 43.66
CA VAL F 256 -2.73 11.41 44.72
C VAL F 256 -3.94 12.34 44.86
N ASP F 257 -3.69 13.64 44.71
CA ASP F 257 -4.76 14.63 44.70
C ASP F 257 -5.82 14.33 43.62
N LEU F 258 -5.37 14.00 42.41
CA LEU F 258 -6.29 13.67 41.30
C LEU F 258 -7.03 12.37 41.53
N LEU F 259 -6.33 11.39 42.11
CA LEU F 259 -6.94 10.10 42.48
C LEU F 259 -8.05 10.32 43.48
N LYS F 260 -7.77 11.13 44.50
CA LYS F 260 -8.78 11.47 45.51
C LYS F 260 -9.98 12.19 44.90
N GLN F 261 -9.73 13.04 43.91
CA GLN F 261 -10.81 13.77 43.24
C GLN F 261 -11.69 12.85 42.37
N MET F 262 -11.06 11.93 41.64
CA MET F 262 -11.79 11.00 40.78
C MET F 262 -12.49 9.92 41.59
N LEU F 263 -11.93 9.59 42.74
CA LEU F 263 -12.50 8.59 43.63
C LEU F 263 -13.30 9.21 44.77
N THR F 264 -13.81 10.42 44.51
CA THR F 264 -14.75 11.09 45.41
C THR F 264 -16.08 10.32 45.49
N LYS F 265 -16.51 10.03 46.71
CA LYS F 265 -17.67 9.16 46.97
C LYS F 265 -18.98 9.69 46.38
N ASP F 266 -19.29 10.95 46.64
CA ASP F 266 -20.48 11.60 46.09
C ASP F 266 -20.20 12.08 44.67
N PRO F 267 -20.99 11.58 43.69
CA PRO F 267 -20.83 11.88 42.26
C PRO F 267 -21.04 13.36 41.91
N GLU F 268 -21.85 14.05 42.71
CA GLU F 268 -22.10 15.48 42.48
C GLU F 268 -20.85 16.33 42.66
N ARG F 269 -19.96 15.91 43.57
CA ARG F 269 -18.72 16.64 43.84
C ARG F 269 -17.55 16.11 43.03
N ARG F 270 -17.75 14.97 42.36
CA ARG F 270 -16.77 14.37 41.46
C ARG F 270 -16.62 15.21 40.18
N PRO F 271 -15.38 15.37 39.69
CA PRO F 271 -15.20 16.22 38.51
C PRO F 271 -15.61 15.54 37.20
N SER F 272 -15.88 16.34 36.18
CA SER F 272 -16.16 15.83 34.85
C SER F 272 -14.84 15.50 34.14
N ALA F 273 -14.93 14.76 33.03
CA ALA F 273 -13.77 14.46 32.19
C ALA F 273 -13.05 15.73 31.73
N ALA F 274 -13.81 16.77 31.40
CA ALA F 274 -13.24 18.07 31.01
C ALA F 274 -12.43 18.71 32.14
N GLN F 275 -12.95 18.67 33.37
CA GLN F 275 -12.31 19.27 34.54
C GLN F 275 -11.05 18.52 34.96
N VAL F 276 -11.12 17.18 34.94
CA VAL F 276 -9.97 16.32 35.24
C VAL F 276 -8.80 16.68 34.35
N LEU F 277 -9.10 16.99 33.09
CA LEU F 277 -8.12 17.29 32.07
C LEU F 277 -7.37 18.60 32.38
N HIS F 278 -7.93 19.39 33.29
CA HIS F 278 -7.34 20.67 33.71
C HIS F 278 -6.49 20.54 34.98
N HIS F 279 -6.42 19.33 35.53
CA HIS F 279 -5.67 19.08 36.77
C HIS F 279 -4.17 19.34 36.60
N GLU F 280 -3.54 19.82 37.67
CA GLU F 280 -2.12 20.16 37.69
C GLU F 280 -1.21 18.98 37.34
N TRP F 281 -1.67 17.77 37.66
CA TRP F 281 -0.93 16.54 37.40
C TRP F 281 -0.55 16.35 35.93
N PHE F 282 -1.46 16.72 35.04
CA PHE F 282 -1.22 16.65 33.60
C PHE F 282 -0.22 17.70 33.12
N LYS F 283 -0.11 18.81 33.85
CA LYS F 283 0.77 19.92 33.49
C LYS F 283 2.17 19.80 34.12
N GLN F 284 2.31 18.86 35.06
CA GLN F 284 3.57 18.62 35.76
C GLN F 284 4.55 17.81 34.91
N ALA F 285 4.14 16.59 34.59
CA ALA F 285 4.90 15.67 33.72
C ALA F 285 4.07 14.42 33.46
#